data_1T2J
# 
_entry.id   1T2J 
# 
_audit_conform.dict_name       mmcif_pdbx.dic 
_audit_conform.dict_version    5.399 
_audit_conform.dict_location   http://mmcif.pdb.org/dictionaries/ascii/mmcif_pdbx.dic 
# 
loop_
_database_2.database_id 
_database_2.database_code 
_database_2.pdbx_database_accession 
_database_2.pdbx_DOI 
PDB   1T2J         pdb_00001t2j 10.2210/pdb1t2j/pdb 
RCSB  RCSB022230   ?            ?                   
WWPDB D_1000022230 ?            ?                   
# 
loop_
_pdbx_audit_revision_history.ordinal 
_pdbx_audit_revision_history.data_content_type 
_pdbx_audit_revision_history.major_revision 
_pdbx_audit_revision_history.minor_revision 
_pdbx_audit_revision_history.revision_date 
1 'Structure model' 1 0 2005-05-03 
2 'Structure model' 1 1 2008-04-30 
3 'Structure model' 1 2 2011-07-13 
4 'Structure model' 1 3 2024-04-03 
5 'Structure model' 1 4 2024-11-20 
# 
_pdbx_audit_revision_details.ordinal             1 
_pdbx_audit_revision_details.revision_ordinal    1 
_pdbx_audit_revision_details.data_content_type   'Structure model' 
_pdbx_audit_revision_details.provider            repository 
_pdbx_audit_revision_details.type                'Initial release' 
_pdbx_audit_revision_details.description         ? 
_pdbx_audit_revision_details.details             ? 
# 
loop_
_pdbx_audit_revision_group.ordinal 
_pdbx_audit_revision_group.revision_ordinal 
_pdbx_audit_revision_group.data_content_type 
_pdbx_audit_revision_group.group 
1 2 'Structure model' 'Version format compliance' 
2 3 'Structure model' 'Version format compliance' 
3 4 'Structure model' 'Data collection'           
4 4 'Structure model' 'Database references'       
5 4 'Structure model' 'Derived calculations'      
6 4 'Structure model' 'Refinement description'    
7 5 'Structure model' 'Structure summary'         
# 
loop_
_pdbx_audit_revision_category.ordinal 
_pdbx_audit_revision_category.revision_ordinal 
_pdbx_audit_revision_category.data_content_type 
_pdbx_audit_revision_category.category 
1 4 'Structure model' chem_comp_atom                
2 4 'Structure model' chem_comp_bond                
3 4 'Structure model' database_2                    
4 4 'Structure model' diffrn_source                 
5 4 'Structure model' pdbx_initial_refinement_model 
6 4 'Structure model' struct_site                   
7 5 'Structure model' pdbx_entry_details            
8 5 'Structure model' pdbx_modification_feature     
# 
loop_
_pdbx_audit_revision_item.ordinal 
_pdbx_audit_revision_item.revision_ordinal 
_pdbx_audit_revision_item.data_content_type 
_pdbx_audit_revision_item.item 
1 4 'Structure model' '_database_2.pdbx_DOI'                 
2 4 'Structure model' '_database_2.pdbx_database_accession'  
3 4 'Structure model' '_diffrn_source.pdbx_synchrotron_site' 
4 4 'Structure model' '_struct_site.pdbx_auth_asym_id'       
5 4 'Structure model' '_struct_site.pdbx_auth_comp_id'       
6 4 'Structure model' '_struct_site.pdbx_auth_seq_id'        
# 
_pdbx_database_status.status_code                     REL 
_pdbx_database_status.entry_id                        1T2J 
_pdbx_database_status.recvd_initial_deposition_date   2004-04-21 
_pdbx_database_status.deposit_site                    RCSB 
_pdbx_database_status.process_site                    RCSB 
_pdbx_database_status.status_code_sf                  REL 
_pdbx_database_status.status_code_mr                  ? 
_pdbx_database_status.SG_entry                        ? 
_pdbx_database_status.pdb_format_compatible           Y 
_pdbx_database_status.status_code_cs                  ? 
_pdbx_database_status.status_code_nmr_data            ? 
_pdbx_database_status.methods_development_category    ? 
# 
loop_
_pdbx_database_related.db_name 
_pdbx_database_related.db_id 
_pdbx_database_related.details 
_pdbx_database_related.content_type 
PDB 1HOU 
;THEORETICAL MODEL OF THE UNMUTATED, MAJOR CANONICAL ANTIBODY 
SPECIFIC FOR HAEMOPHILUS INFLUENZAE TYPE B CAPSULAR 
POLYSACCHARIDE
;
unspecified 
PDB 1VHP 'Vh-P8, NMR' unspecified 
PDB 1OL0 'Crystal Structure Of A Camelised Human Vh' unspecified 
# 
loop_
_audit_author.name 
_audit_author.pdbx_ordinal 
'Gaur, R.K.'       1 
'Fischer, R.'      2 
'Hoffmann, K.M.V.' 3 
# 
_citation.id                        primary 
_citation.title                     
;Crystal structure of a human VH domain at  
1.5 angstrom
;
_citation.journal_abbrev            'To be Published' 
_citation.journal_volume            ? 
_citation.page_first                ? 
_citation.page_last                 ? 
_citation.year                      ? 
_citation.journal_id_ASTM           ? 
_citation.country                   ? 
_citation.journal_id_ISSN           ? 
_citation.journal_id_CSD            0353 
_citation.book_publisher            ? 
_citation.pdbx_database_id_PubMed   ? 
_citation.pdbx_database_id_DOI      ? 
# 
loop_
_citation_author.citation_id 
_citation_author.name 
_citation_author.ordinal 
_citation_author.identifier_ORCID 
primary 'Gaur, R.K.'       1 ? 
primary 'Fischer, R.'      2 ? 
primary 'Hoffmann, K.M.V.' 3 ? 
# 
loop_
_entity.id 
_entity.type 
_entity.src_method 
_entity.pdbx_description 
_entity.formula_weight 
_entity.pdbx_number_of_molecules 
_entity.pdbx_ec 
_entity.pdbx_mutation 
_entity.pdbx_fragment 
_entity.details 
1 polymer     man 'M12-Variable Heavy domain' 12369.602 1   ? ? ? ? 
2 non-polymer syn 'DI(HYDROXYETHYL)ETHER'     106.120   1   ? ? ? ? 
3 water       nat water                       18.015    139 ? ? ? ? 
# 
_entity_poly.entity_id                      1 
_entity_poly.type                           'polypeptide(L)' 
_entity_poly.nstd_linkage                   no 
_entity_poly.nstd_monomer                   no 
_entity_poly.pdbx_seq_one_letter_code       
;QVQLQESGGGLVQPGGSLRLSCAASGFTFSNSAMSWVRQAPGKGLEWVSSISGSGGNTYSADSVKGRFTISRDNAKNSLY
LQMNSLRAEDTAVYYCARDWYGMDVWGQGTTVTVSS
;
_entity_poly.pdbx_seq_one_letter_code_can   
;QVQLQESGGGLVQPGGSLRLSCAASGFTFSNSAMSWVRQAPGKGLEWVSSISGSGGNTYSADSVKGRFTISRDNAKNSLY
LQMNSLRAEDTAVYYCARDWYGMDVWGQGTTVTVSS
;
_entity_poly.pdbx_strand_id                 A 
_entity_poly.pdbx_target_identifier         ? 
# 
loop_
_pdbx_entity_nonpoly.entity_id 
_pdbx_entity_nonpoly.name 
_pdbx_entity_nonpoly.comp_id 
2 'DI(HYDROXYETHYL)ETHER' PEG 
3 water                   HOH 
# 
loop_
_entity_poly_seq.entity_id 
_entity_poly_seq.num 
_entity_poly_seq.mon_id 
_entity_poly_seq.hetero 
1 1   GLN n 
1 2   VAL n 
1 3   GLN n 
1 4   LEU n 
1 5   GLN n 
1 6   GLU n 
1 7   SER n 
1 8   GLY n 
1 9   GLY n 
1 10  GLY n 
1 11  LEU n 
1 12  VAL n 
1 13  GLN n 
1 14  PRO n 
1 15  GLY n 
1 16  GLY n 
1 17  SER n 
1 18  LEU n 
1 19  ARG n 
1 20  LEU n 
1 21  SER n 
1 22  CYS n 
1 23  ALA n 
1 24  ALA n 
1 25  SER n 
1 26  GLY n 
1 27  PHE n 
1 28  THR n 
1 29  PHE n 
1 30  SER n 
1 31  ASN n 
1 32  SER n 
1 33  ALA n 
1 34  MET n 
1 35  SER n 
1 36  TRP n 
1 37  VAL n 
1 38  ARG n 
1 39  GLN n 
1 40  ALA n 
1 41  PRO n 
1 42  GLY n 
1 43  LYS n 
1 44  GLY n 
1 45  LEU n 
1 46  GLU n 
1 47  TRP n 
1 48  VAL n 
1 49  SER n 
1 50  SER n 
1 51  ILE n 
1 52  SER n 
1 53  GLY n 
1 54  SER n 
1 55  GLY n 
1 56  GLY n 
1 57  ASN n 
1 58  THR n 
1 59  TYR n 
1 60  SER n 
1 61  ALA n 
1 62  ASP n 
1 63  SER n 
1 64  VAL n 
1 65  LYS n 
1 66  GLY n 
1 67  ARG n 
1 68  PHE n 
1 69  THR n 
1 70  ILE n 
1 71  SER n 
1 72  ARG n 
1 73  ASP n 
1 74  ASN n 
1 75  ALA n 
1 76  LYS n 
1 77  ASN n 
1 78  SER n 
1 79  LEU n 
1 80  TYR n 
1 81  LEU n 
1 82  GLN n 
1 83  MET n 
1 84  ASN n 
1 85  SER n 
1 86  LEU n 
1 87  ARG n 
1 88  ALA n 
1 89  GLU n 
1 90  ASP n 
1 91  THR n 
1 92  ALA n 
1 93  VAL n 
1 94  TYR n 
1 95  TYR n 
1 96  CYS n 
1 97  ALA n 
1 98  ARG n 
1 99  ASP n 
1 100 TRP n 
1 101 TYR n 
1 102 GLY n 
1 103 MET n 
1 104 ASP n 
1 105 VAL n 
1 106 TRP n 
1 107 GLY n 
1 108 GLN n 
1 109 GLY n 
1 110 THR n 
1 111 THR n 
1 112 VAL n 
1 113 THR n 
1 114 VAL n 
1 115 SER n 
1 116 SER n 
# 
_entity_src_gen.entity_id                          1 
_entity_src_gen.pdbx_src_id                        1 
_entity_src_gen.pdbx_alt_source_flag               sample 
_entity_src_gen.pdbx_seq_type                      ? 
_entity_src_gen.pdbx_beg_seq_num                   ? 
_entity_src_gen.pdbx_end_seq_num                   ? 
_entity_src_gen.gene_src_common_name               human 
_entity_src_gen.gene_src_genus                     Homo 
_entity_src_gen.pdbx_gene_src_gene                 ? 
_entity_src_gen.gene_src_species                   ? 
_entity_src_gen.gene_src_strain                    ? 
_entity_src_gen.gene_src_tissue                    ? 
_entity_src_gen.gene_src_tissue_fraction           ? 
_entity_src_gen.gene_src_details                   ? 
_entity_src_gen.pdbx_gene_src_fragment             ? 
_entity_src_gen.pdbx_gene_src_scientific_name      'Homo sapiens' 
_entity_src_gen.pdbx_gene_src_ncbi_taxonomy_id     9606 
_entity_src_gen.pdbx_gene_src_variant              ? 
_entity_src_gen.pdbx_gene_src_cell_line            ? 
_entity_src_gen.pdbx_gene_src_atcc                 ? 
_entity_src_gen.pdbx_gene_src_organ                ? 
_entity_src_gen.pdbx_gene_src_organelle            ? 
_entity_src_gen.pdbx_gene_src_cell                 ? 
_entity_src_gen.pdbx_gene_src_cellular_location    ? 
_entity_src_gen.host_org_common_name               ? 
_entity_src_gen.pdbx_host_org_scientific_name      'Escherichia coli' 
_entity_src_gen.pdbx_host_org_ncbi_taxonomy_id     562 
_entity_src_gen.host_org_genus                     Escherichia 
_entity_src_gen.pdbx_host_org_gene                 ? 
_entity_src_gen.pdbx_host_org_organ                ? 
_entity_src_gen.host_org_species                   ? 
_entity_src_gen.pdbx_host_org_tissue               ? 
_entity_src_gen.pdbx_host_org_tissue_fraction      ? 
_entity_src_gen.pdbx_host_org_strain               TG1 
_entity_src_gen.pdbx_host_org_variant              ? 
_entity_src_gen.pdbx_host_org_cell_line            ? 
_entity_src_gen.pdbx_host_org_atcc                 ? 
_entity_src_gen.pdbx_host_org_culture_collection   ? 
_entity_src_gen.pdbx_host_org_cell                 ? 
_entity_src_gen.pdbx_host_org_organelle            ? 
_entity_src_gen.pdbx_host_org_cellular_location    ? 
_entity_src_gen.pdbx_host_org_vector_type          Plasmid 
_entity_src_gen.pdbx_host_org_vector               ? 
_entity_src_gen.host_org_details                   ? 
_entity_src_gen.expression_system_id               ? 
_entity_src_gen.plasmid_name                       pSyn 
_entity_src_gen.plasmid_details                    ? 
_entity_src_gen.pdbx_description                   ? 
# 
loop_
_chem_comp.id 
_chem_comp.type 
_chem_comp.mon_nstd_flag 
_chem_comp.name 
_chem_comp.pdbx_synonyms 
_chem_comp.formula 
_chem_comp.formula_weight 
ALA 'L-peptide linking' y ALANINE                 ? 'C3 H7 N O2'     89.093  
ARG 'L-peptide linking' y ARGININE                ? 'C6 H15 N4 O2 1' 175.209 
ASN 'L-peptide linking' y ASPARAGINE              ? 'C4 H8 N2 O3'    132.118 
ASP 'L-peptide linking' y 'ASPARTIC ACID'         ? 'C4 H7 N O4'     133.103 
CYS 'L-peptide linking' y CYSTEINE                ? 'C3 H7 N O2 S'   121.158 
GLN 'L-peptide linking' y GLUTAMINE               ? 'C5 H10 N2 O3'   146.144 
GLU 'L-peptide linking' y 'GLUTAMIC ACID'         ? 'C5 H9 N O4'     147.129 
GLY 'peptide linking'   y GLYCINE                 ? 'C2 H5 N O2'     75.067  
HOH non-polymer         . WATER                   ? 'H2 O'           18.015  
ILE 'L-peptide linking' y ISOLEUCINE              ? 'C6 H13 N O2'    131.173 
LEU 'L-peptide linking' y LEUCINE                 ? 'C6 H13 N O2'    131.173 
LYS 'L-peptide linking' y LYSINE                  ? 'C6 H15 N2 O2 1' 147.195 
MET 'L-peptide linking' y METHIONINE              ? 'C5 H11 N O2 S'  149.211 
PEG non-polymer         . 'DI(HYDROXYETHYL)ETHER' ? 'C4 H10 O3'      106.120 
PHE 'L-peptide linking' y PHENYLALANINE           ? 'C9 H11 N O2'    165.189 
PRO 'L-peptide linking' y PROLINE                 ? 'C5 H9 N O2'     115.130 
SER 'L-peptide linking' y SERINE                  ? 'C3 H7 N O3'     105.093 
THR 'L-peptide linking' y THREONINE               ? 'C4 H9 N O3'     119.119 
TRP 'L-peptide linking' y TRYPTOPHAN              ? 'C11 H12 N2 O2'  204.225 
TYR 'L-peptide linking' y TYROSINE                ? 'C9 H11 N O3'    181.189 
VAL 'L-peptide linking' y VALINE                  ? 'C5 H11 N O2'    117.146 
# 
loop_
_pdbx_poly_seq_scheme.asym_id 
_pdbx_poly_seq_scheme.entity_id 
_pdbx_poly_seq_scheme.seq_id 
_pdbx_poly_seq_scheme.mon_id 
_pdbx_poly_seq_scheme.ndb_seq_num 
_pdbx_poly_seq_scheme.pdb_seq_num 
_pdbx_poly_seq_scheme.auth_seq_num 
_pdbx_poly_seq_scheme.pdb_mon_id 
_pdbx_poly_seq_scheme.auth_mon_id 
_pdbx_poly_seq_scheme.pdb_strand_id 
_pdbx_poly_seq_scheme.pdb_ins_code 
_pdbx_poly_seq_scheme.hetero 
A 1 1   GLN 1   1   1   GLN GLN A . n 
A 1 2   VAL 2   2   2   VAL VAL A . n 
A 1 3   GLN 3   3   3   GLN GLN A . n 
A 1 4   LEU 4   4   4   LEU LEU A . n 
A 1 5   GLN 5   5   5   GLN GLN A . n 
A 1 6   GLU 6   6   6   GLU GLU A . n 
A 1 7   SER 7   7   7   SER SER A . n 
A 1 8   GLY 8   8   8   GLY GLY A . n 
A 1 9   GLY 9   9   9   GLY GLY A . n 
A 1 10  GLY 10  10  10  GLY GLY A . n 
A 1 11  LEU 11  11  11  LEU LEU A . n 
A 1 12  VAL 12  12  12  VAL VAL A . n 
A 1 13  GLN 13  13  13  GLN GLN A . n 
A 1 14  PRO 14  14  14  PRO PRO A . n 
A 1 15  GLY 15  15  15  GLY GLY A . n 
A 1 16  GLY 16  16  16  GLY GLY A . n 
A 1 17  SER 17  17  17  SER SER A . n 
A 1 18  LEU 18  18  18  LEU LEU A . n 
A 1 19  ARG 19  19  19  ARG ARG A . n 
A 1 20  LEU 20  20  20  LEU LEU A . n 
A 1 21  SER 21  21  21  SER SER A . n 
A 1 22  CYS 22  22  22  CYS CYS A . n 
A 1 23  ALA 23  23  23  ALA ALA A . n 
A 1 24  ALA 24  24  24  ALA ALA A . n 
A 1 25  SER 25  25  25  SER SER A . n 
A 1 26  GLY 26  26  26  GLY GLY A . n 
A 1 27  PHE 27  27  27  PHE PHE A . n 
A 1 28  THR 28  28  28  THR THR A . n 
A 1 29  PHE 29  29  29  PHE PHE A . n 
A 1 30  SER 30  30  30  SER SER A . n 
A 1 31  ASN 31  31  31  ASN ASN A . n 
A 1 32  SER 32  32  32  SER SER A . n 
A 1 33  ALA 33  33  33  ALA ALA A . n 
A 1 34  MET 34  34  34  MET MET A . n 
A 1 35  SER 35  35  35  SER SER A . n 
A 1 36  TRP 36  36  36  TRP TRP A . n 
A 1 37  VAL 37  37  37  VAL VAL A . n 
A 1 38  ARG 38  38  38  ARG ARG A . n 
A 1 39  GLN 39  39  39  GLN GLN A . n 
A 1 40  ALA 40  40  40  ALA ALA A . n 
A 1 41  PRO 41  41  41  PRO GLY A . n 
A 1 42  GLY 42  42  42  GLY GLY A . n 
A 1 43  LYS 43  43  43  LYS LYS A . n 
A 1 44  GLY 44  44  44  GLY GLY A . n 
A 1 45  LEU 45  45  45  LEU LEU A . n 
A 1 46  GLU 46  46  46  GLU GLU A . n 
A 1 47  TRP 47  47  47  TRP TRP A . n 
A 1 48  VAL 48  48  48  VAL VAL A . n 
A 1 49  SER 49  49  49  SER SER A . n 
A 1 50  SER 50  50  50  SER SER A . n 
A 1 51  ILE 51  51  51  ILE ILE A . n 
A 1 52  SER 52  52  52  SER SER A . n 
A 1 53  GLY 53  52  52  GLY GLY A A n 
A 1 54  SER 54  53  53  SER SER A . n 
A 1 55  GLY 55  54  54  GLY GLY A . n 
A 1 56  GLY 56  55  55  GLY GLY A . n 
A 1 57  ASN 57  56  56  ASN ASN A . n 
A 1 58  THR 58  57  57  THR THR A . n 
A 1 59  TYR 59  58  58  TYR TYR A . n 
A 1 60  SER 60  59  59  SER SER A . n 
A 1 61  ALA 61  60  60  ALA ALA A . n 
A 1 62  ASP 62  61  61  ASP ASP A . n 
A 1 63  SER 63  62  62  SER SER A . n 
A 1 64  VAL 64  63  63  VAL VAL A . n 
A 1 65  LYS 65  64  64  LYS LYS A . n 
A 1 66  GLY 66  65  65  GLY GLY A . n 
A 1 67  ARG 67  66  66  ARG ARG A . n 
A 1 68  PHE 68  67  67  PHE PHE A . n 
A 1 69  THR 69  68  68  THR THR A . n 
A 1 70  ILE 70  69  69  ILE ILE A . n 
A 1 71  SER 71  70  70  SER SER A . n 
A 1 72  ARG 72  71  71  ARG ARG A . n 
A 1 73  ASP 73  72  72  ASP ASP A . n 
A 1 74  ASN 74  73  73  ASN ASN A . n 
A 1 75  ALA 75  74  74  ALA ALA A . n 
A 1 76  LYS 76  75  75  LYS LYS A . n 
A 1 77  ASN 77  76  76  ASN ASN A . n 
A 1 78  SER 78  77  77  SER SER A . n 
A 1 79  LEU 79  78  78  LEU LEU A . n 
A 1 80  TYR 80  79  79  TYR TYR A . n 
A 1 81  LEU 81  80  80  LEU LEU A . n 
A 1 82  GLN 82  81  81  GLN GLN A . n 
A 1 83  MET 83  82  82  MET MET A . n 
A 1 84  ASN 84  82  82  ASN ASN A A n 
A 1 85  SER 85  82  82  SER SER A B n 
A 1 86  LEU 86  82  82  LEU LEU A C n 
A 1 87  ARG 87  83  83  ARG ARG A . n 
A 1 88  ALA 88  84  84  ALA ALA A . n 
A 1 89  GLU 89  85  85  GLU GLU A . n 
A 1 90  ASP 90  86  86  ASP ASP A . n 
A 1 91  THR 91  87  87  THR THR A . n 
A 1 92  ALA 92  88  88  ALA ALA A . n 
A 1 93  VAL 93  89  89  VAL VAL A . n 
A 1 94  TYR 94  90  90  TYR TYR A . n 
A 1 95  TYR 95  91  91  TYR TYR A . n 
A 1 96  CYS 96  92  92  CYS CYS A . n 
A 1 97  ALA 97  93  93  ALA ALA A . n 
A 1 98  ARG 98  94  94  ARG ARG A . n 
A 1 99  ASP 99  95  95  ASP ASP A . n 
A 1 100 TRP 100 96  96  TRP TRP A . n 
A 1 101 TYR 101 97  97  TYR TYR A . n 
A 1 102 GLY 102 98  98  GLY GLY A . n 
A 1 103 MET 103 99  99  MET MET A . n 
A 1 104 ASP 104 101 101 ASP ASP A . n 
A 1 105 VAL 105 102 102 VAL VAL A . n 
A 1 106 TRP 106 103 103 TRP TRP A . n 
A 1 107 GLY 107 104 104 GLY GLY A . n 
A 1 108 GLN 108 105 105 GLN GLN A . n 
A 1 109 GLY 109 106 106 GLY GLY A . n 
A 1 110 THR 110 107 107 THR THR A . n 
A 1 111 THR 111 108 108 THR THR A . n 
A 1 112 VAL 112 109 109 VAL VAL A . n 
A 1 113 THR 113 110 110 THR THR A . n 
A 1 114 VAL 114 111 111 VAL VAL A . n 
A 1 115 SER 115 112 112 SER SER A . n 
A 1 116 SER 116 113 113 SER SER A . n 
# 
loop_
_pdbx_nonpoly_scheme.asym_id 
_pdbx_nonpoly_scheme.entity_id 
_pdbx_nonpoly_scheme.mon_id 
_pdbx_nonpoly_scheme.ndb_seq_num 
_pdbx_nonpoly_scheme.pdb_seq_num 
_pdbx_nonpoly_scheme.auth_seq_num 
_pdbx_nonpoly_scheme.pdb_mon_id 
_pdbx_nonpoly_scheme.auth_mon_id 
_pdbx_nonpoly_scheme.pdb_strand_id 
_pdbx_nonpoly_scheme.pdb_ins_code 
B 2 PEG 1   214 114 PEG PEG A . 
C 3 HOH 1   215 1   HOH HOH A . 
C 3 HOH 2   216 2   HOH HOH A . 
C 3 HOH 3   217 3   HOH HOH A . 
C 3 HOH 4   218 4   HOH HOH A . 
C 3 HOH 5   219 5   HOH HOH A . 
C 3 HOH 6   220 6   HOH HOH A . 
C 3 HOH 7   221 7   HOH HOH A . 
C 3 HOH 8   222 8   HOH HOH A . 
C 3 HOH 9   223 9   HOH HOH A . 
C 3 HOH 10  224 10  HOH HOH A . 
C 3 HOH 11  225 11  HOH HOH A . 
C 3 HOH 12  226 12  HOH HOH A . 
C 3 HOH 13  227 13  HOH HOH A . 
C 3 HOH 14  228 14  HOH HOH A . 
C 3 HOH 15  229 15  HOH HOH A . 
C 3 HOH 16  230 16  HOH HOH A . 
C 3 HOH 17  231 17  HOH HOH A . 
C 3 HOH 18  232 18  HOH HOH A . 
C 3 HOH 19  233 19  HOH HOH A . 
C 3 HOH 20  234 20  HOH HOH A . 
C 3 HOH 21  235 21  HOH HOH A . 
C 3 HOH 22  236 22  HOH HOH A . 
C 3 HOH 23  237 23  HOH HOH A . 
C 3 HOH 24  238 24  HOH HOH A . 
C 3 HOH 25  239 25  HOH HOH A . 
C 3 HOH 26  240 26  HOH HOH A . 
C 3 HOH 27  241 27  HOH HOH A . 
C 3 HOH 28  242 28  HOH HOH A . 
C 3 HOH 29  243 29  HOH HOH A . 
C 3 HOH 30  244 30  HOH HOH A . 
C 3 HOH 31  245 31  HOH HOH A . 
C 3 HOH 32  246 32  HOH HOH A . 
C 3 HOH 33  247 33  HOH HOH A . 
C 3 HOH 34  248 34  HOH HOH A . 
C 3 HOH 35  249 35  HOH HOH A . 
C 3 HOH 36  250 36  HOH HOH A . 
C 3 HOH 37  251 37  HOH HOH A . 
C 3 HOH 38  252 38  HOH HOH A . 
C 3 HOH 39  253 39  HOH HOH A . 
C 3 HOH 40  254 40  HOH HOH A . 
C 3 HOH 41  255 41  HOH HOH A . 
C 3 HOH 42  256 42  HOH HOH A . 
C 3 HOH 43  257 43  HOH HOH A . 
C 3 HOH 44  258 44  HOH HOH A . 
C 3 HOH 45  259 45  HOH HOH A . 
C 3 HOH 46  260 46  HOH HOH A . 
C 3 HOH 47  261 47  HOH HOH A . 
C 3 HOH 48  262 48  HOH HOH A . 
C 3 HOH 49  263 49  HOH HOH A . 
C 3 HOH 50  264 50  HOH HOH A . 
C 3 HOH 51  265 51  HOH HOH A . 
C 3 HOH 52  266 52  HOH HOH A . 
C 3 HOH 53  267 53  HOH HOH A . 
C 3 HOH 54  268 54  HOH HOH A . 
C 3 HOH 55  269 55  HOH HOH A . 
C 3 HOH 56  270 56  HOH HOH A . 
C 3 HOH 57  271 57  HOH HOH A . 
C 3 HOH 58  272 58  HOH HOH A . 
C 3 HOH 59  273 59  HOH HOH A . 
C 3 HOH 60  274 60  HOH HOH A . 
C 3 HOH 61  275 61  HOH HOH A . 
C 3 HOH 62  276 62  HOH HOH A . 
C 3 HOH 63  277 63  HOH HOH A . 
C 3 HOH 64  278 64  HOH HOH A . 
C 3 HOH 65  279 65  HOH HOH A . 
C 3 HOH 66  280 66  HOH HOH A . 
C 3 HOH 67  281 67  HOH HOH A . 
C 3 HOH 68  282 68  HOH HOH A . 
C 3 HOH 69  283 69  HOH HOH A . 
C 3 HOH 70  284 70  HOH HOH A . 
C 3 HOH 71  285 71  HOH HOH A . 
C 3 HOH 72  286 72  HOH HOH A . 
C 3 HOH 73  287 73  HOH HOH A . 
C 3 HOH 74  288 74  HOH HOH A . 
C 3 HOH 75  289 75  HOH HOH A . 
C 3 HOH 76  290 76  HOH HOH A . 
C 3 HOH 77  291 77  HOH HOH A . 
C 3 HOH 78  292 78  HOH HOH A . 
C 3 HOH 79  293 79  HOH HOH A . 
C 3 HOH 80  294 80  HOH HOH A . 
C 3 HOH 81  295 81  HOH HOH A . 
C 3 HOH 82  296 82  HOH HOH A . 
C 3 HOH 83  297 83  HOH HOH A . 
C 3 HOH 84  298 84  HOH HOH A . 
C 3 HOH 85  299 85  HOH HOH A . 
C 3 HOH 86  300 86  HOH HOH A . 
C 3 HOH 87  301 87  HOH HOH A . 
C 3 HOH 88  302 88  HOH HOH A . 
C 3 HOH 89  303 89  HOH HOH A . 
C 3 HOH 90  304 90  HOH HOH A . 
C 3 HOH 91  305 91  HOH HOH A . 
C 3 HOH 92  306 92  HOH HOH A . 
C 3 HOH 93  307 93  HOH HOH A . 
C 3 HOH 94  308 94  HOH HOH A . 
C 3 HOH 95  309 95  HOH HOH A . 
C 3 HOH 96  310 98  HOH HOH A . 
C 3 HOH 97  311 99  HOH HOH A . 
C 3 HOH 98  312 100 HOH HOH A . 
C 3 HOH 99  313 101 HOH HOH A . 
C 3 HOH 100 314 102 HOH HOH A . 
C 3 HOH 101 315 103 HOH HOH A . 
C 3 HOH 102 316 104 HOH HOH A . 
C 3 HOH 103 317 105 HOH HOH A . 
C 3 HOH 104 318 106 HOH HOH A . 
C 3 HOH 105 319 107 HOH HOH A . 
C 3 HOH 106 320 108 HOH HOH A . 
C 3 HOH 107 321 109 HOH HOH A . 
C 3 HOH 108 322 110 HOH HOH A . 
C 3 HOH 109 323 111 HOH HOH A . 
C 3 HOH 110 324 112 HOH HOH A . 
C 3 HOH 111 325 113 HOH HOH A . 
C 3 HOH 112 326 114 HOH HOH A . 
C 3 HOH 113 327 115 HOH HOH A . 
C 3 HOH 114 328 116 HOH HOH A . 
C 3 HOH 115 329 117 HOH HOH A . 
C 3 HOH 116 330 118 HOH HOH A . 
C 3 HOH 117 331 119 HOH HOH A . 
C 3 HOH 118 332 120 HOH HOH A . 
C 3 HOH 119 333 121 HOH HOH A . 
C 3 HOH 120 334 122 HOH HOH A . 
C 3 HOH 121 335 123 HOH HOH A . 
C 3 HOH 122 336 124 HOH HOH A . 
C 3 HOH 123 337 125 HOH HOH A . 
C 3 HOH 124 338 126 HOH HOH A . 
C 3 HOH 125 339 127 HOH HOH A . 
C 3 HOH 126 340 128 HOH HOH A . 
C 3 HOH 127 341 129 HOH HOH A . 
C 3 HOH 128 342 130 HOH HOH A . 
C 3 HOH 129 343 131 HOH HOH A . 
C 3 HOH 130 344 132 HOH HOH A . 
C 3 HOH 131 345 133 HOH HOH A . 
C 3 HOH 132 346 134 HOH HOH A . 
C 3 HOH 133 347 135 HOH HOH A . 
C 3 HOH 134 348 136 HOH HOH A . 
C 3 HOH 135 349 137 HOH HOH A . 
C 3 HOH 136 350 138 HOH HOH A . 
C 3 HOH 137 351 139 HOH HOH A . 
C 3 HOH 138 352 140 HOH HOH A . 
C 3 HOH 139 353 141 HOH HOH A . 
# 
loop_
_pdbx_unobs_or_zero_occ_atoms.id 
_pdbx_unobs_or_zero_occ_atoms.PDB_model_num 
_pdbx_unobs_or_zero_occ_atoms.polymer_flag 
_pdbx_unobs_or_zero_occ_atoms.occupancy_flag 
_pdbx_unobs_or_zero_occ_atoms.auth_asym_id 
_pdbx_unobs_or_zero_occ_atoms.auth_comp_id 
_pdbx_unobs_or_zero_occ_atoms.auth_seq_id 
_pdbx_unobs_or_zero_occ_atoms.PDB_ins_code 
_pdbx_unobs_or_zero_occ_atoms.auth_atom_id 
_pdbx_unobs_or_zero_occ_atoms.label_alt_id 
_pdbx_unobs_or_zero_occ_atoms.label_asym_id 
_pdbx_unobs_or_zero_occ_atoms.label_comp_id 
_pdbx_unobs_or_zero_occ_atoms.label_seq_id 
_pdbx_unobs_or_zero_occ_atoms.label_atom_id 
1 1 Y 0 A ARG 19 ? NH1 ? A ARG 19 NH1 
2 1 Y 0 A GLN 39 ? NE2 ? A GLN 39 NE2 
3 1 Y 1 A PRO 41 ? CB  ? A PRO 41 CB  
4 1 Y 1 A PRO 41 ? CG  ? A PRO 41 CG  
5 1 Y 1 A PRO 41 ? CD  ? A PRO 41 CD  
6 1 Y 0 A LYS 75 ? NZ  ? A LYS 76 NZ  
7 1 Y 0 A ARG 94 ? NH2 ? A ARG 98 NH2 
# 
loop_
_software.name 
_software.classification 
_software.version 
_software.citation_id 
_software.pdbx_ordinal 
REFMAC    refinement       5.1.24 ? 1 
DENZO     'data reduction' .      ? 2 
SCALEPACK 'data scaling'   .      ? 3 
AMoRE     phasing          .      ? 4 
# 
_cell.entry_id           1T2J 
_cell.length_a           71.336 
_cell.length_b           37.965 
_cell.length_c           37.187 
_cell.angle_alpha        90.00 
_cell.angle_beta         109.67 
_cell.angle_gamma        90.00 
_cell.Z_PDB              4 
_cell.pdbx_unique_axis   ? 
# 
_symmetry.entry_id                         1T2J 
_symmetry.space_group_name_H-M             'C 1 2 1' 
_symmetry.pdbx_full_space_group_name_H-M   ? 
_symmetry.cell_setting                     ? 
_symmetry.Int_Tables_number                5 
_symmetry.space_group_name_Hall            ? 
# 
_exptl.entry_id          1T2J 
_exptl.method            'X-RAY DIFFRACTION' 
_exptl.crystals_number   1 
# 
_exptl_crystal.id                    1 
_exptl_crystal.density_meas          ? 
_exptl_crystal.density_percent_sol   35.43 
_exptl_crystal.description           ? 
_exptl_crystal.density_Matthews      1.92 
_exptl_crystal.F_000                 ? 
_exptl_crystal.preparation           ? 
# 
_exptl_crystal_grow.crystal_id      1 
_exptl_crystal_grow.method          'VAPOR DIFFUSION, HANGING DROP' 
_exptl_crystal_grow.temp            277 
_exptl_crystal_grow.temp_details    ? 
_exptl_crystal_grow.pH              6.5 
_exptl_crystal_grow.pdbx_details    
;Crystals grew from 3 microlitre hangingdrop formed by mixing 1.5 microlitre of protein:subtilisin mixture (250:1 M ratio) at protein conc. 13.5 mg/ml with 1.5 microlitre of reservoir solution 100mM MES, pH6.5, 10mM ZnSO4, 25% v/v PEG550MME, 4mM DTT and 0.04% v/v NaN3, VAPOR DIFFUSION, HANGING DROP, temperature 277K
;
_exptl_crystal_grow.pdbx_pH_range   . 
# 
_diffrn.id                     1 
_diffrn.ambient_temp           100 
_diffrn.ambient_temp_details   ? 
_diffrn.crystal_id             1 
# 
_diffrn_detector.diffrn_id              1 
_diffrn_detector.detector               CCD 
_diffrn_detector.type                   MARRESEARCH 
_diffrn_detector.pdbx_collection_date   2003-07-05 
_diffrn_detector.details                'Rh coated mirror' 
# 
_diffrn_radiation.diffrn_id                        1 
_diffrn_radiation.wavelength_id                    1 
_diffrn_radiation.pdbx_monochromatic_or_laue_m_l   M 
_diffrn_radiation.monochromator                    'Triangular Si (111)' 
_diffrn_radiation.pdbx_diffrn_protocol             'SINGLE WAVELENGTH' 
_diffrn_radiation.pdbx_scattering_type             x-ray 
# 
_diffrn_radiation_wavelength.id           1 
_diffrn_radiation_wavelength.wavelength   0.802 
_diffrn_radiation_wavelength.wt           1.0 
# 
_diffrn_source.diffrn_id                   1 
_diffrn_source.source                      SYNCHROTRON 
_diffrn_source.type                        'EMBL/DESY, HAMBURG BEAMLINE X31' 
_diffrn_source.pdbx_synchrotron_site       'EMBL/DESY, HAMBURG' 
_diffrn_source.pdbx_synchrotron_beamline   X31 
_diffrn_source.pdbx_wavelength             ? 
_diffrn_source.pdbx_wavelength_list        0.802 
# 
_reflns.entry_id                     1T2J 
_reflns.observed_criterion_sigma_F   ? 
_reflns.observed_criterion_sigma_I   ? 
_reflns.d_resolution_high            1.500 
_reflns.d_resolution_low             34.922 
_reflns.number_all                   ? 
_reflns.number_obs                   15017 
_reflns.percent_possible_obs         90.7 
_reflns.pdbx_Rmerge_I_obs            0.047 
_reflns.pdbx_Rsym_value              ? 
_reflns.pdbx_netI_over_sigmaI        27.69 
_reflns.B_iso_Wilson_estimate        16.67 
_reflns.pdbx_redundancy              4.29 
_reflns.R_free_details               ? 
_reflns.limit_h_max                  ? 
_reflns.limit_h_min                  ? 
_reflns.limit_k_max                  ? 
_reflns.limit_k_min                  ? 
_reflns.limit_l_max                  ? 
_reflns.limit_l_min                  ? 
_reflns.observed_criterion_F_max     ? 
_reflns.observed_criterion_F_min     ? 
_reflns.pdbx_chi_squared             ? 
_reflns.pdbx_scaling_rejects         ? 
_reflns.pdbx_diffrn_id               1 
_reflns.pdbx_ordinal                 1 
# 
_reflns_shell.d_res_high             1.50 
_reflns_shell.d_res_low              1.53 
_reflns_shell.percent_possible_all   92.9 
_reflns_shell.Rmerge_I_obs           0.214 
_reflns_shell.pdbx_Rsym_value        ? 
_reflns_shell.meanI_over_sigI_obs    7.26 
_reflns_shell.pdbx_redundancy        4.10 
_reflns_shell.percent_possible_obs   ? 
_reflns_shell.number_unique_all      696 
_reflns_shell.number_measured_all    ? 
_reflns_shell.number_measured_obs    ? 
_reflns_shell.number_unique_obs      ? 
_reflns_shell.pdbx_chi_squared       ? 
_reflns_shell.pdbx_diffrn_id         ? 
_reflns_shell.pdbx_ordinal           1 
# 
_refine.entry_id                                 1T2J 
_refine.ls_number_reflns_obs                     14358 
_refine.ls_number_reflns_all                     15144 
_refine.pdbx_ls_sigma_I                          ? 
_refine.pdbx_ls_sigma_F                          ? 
_refine.pdbx_data_cutoff_high_absF               ? 
_refine.pdbx_data_cutoff_low_absF                ? 
_refine.pdbx_data_cutoff_high_rms_absF           ? 
_refine.ls_d_res_low                             20.00 
_refine.ls_d_res_high                            1.50 
_refine.ls_percent_reflns_obs                    99.89 
_refine.ls_R_factor_obs                          0.15979 
_refine.ls_R_factor_all                          0.1763 
_refine.ls_R_factor_R_work                       0.15787 
_refine.ls_R_factor_R_free                       0.19652 
_refine.ls_R_factor_R_free_error                 ? 
_refine.ls_R_factor_R_free_error_details         ? 
_refine.ls_percent_reflns_R_free                 5.0 
_refine.ls_number_reflns_R_free                  762 
_refine.ls_number_parameters                     ? 
_refine.ls_number_restraints                     ? 
_refine.occupancy_min                            ? 
_refine.occupancy_max                            ? 
_refine.correlation_coeff_Fo_to_Fc               0.973 
_refine.correlation_coeff_Fo_to_Fc_free          0.947 
_refine.B_iso_mean                               21.603 
_refine.aniso_B[1][1]                            -0.75 
_refine.aniso_B[2][2]                            1.87 
_refine.aniso_B[3][3]                            -1.48 
_refine.aniso_B[1][2]                            0.00 
_refine.aniso_B[1][3]                            -0.54 
_refine.aniso_B[2][3]                            0.00 
_refine.solvent_model_details                    'BABINET MODEL WITH MASK' 
_refine.solvent_model_param_ksol                 ? 
_refine.solvent_model_param_bsol                 ? 
_refine.pdbx_solvent_vdw_probe_radii             1.40 
_refine.pdbx_solvent_ion_probe_radii             0.80 
_refine.pdbx_solvent_shrinkage_radii             0.80 
_refine.pdbx_ls_cross_valid_method               THROUGHOUT 
_refine.details                                  'used weighted full matrix least square procedure' 
_refine.pdbx_starting_model                      'PDB ENTRY 1HOU' 
_refine.pdbx_method_to_determine_struct          'MOLECULAR REPLACEMENT' 
_refine.pdbx_isotropic_thermal_model             isotropic 
_refine.pdbx_stereochemistry_target_values       'MAXIMUM LIKELIHOOD' 
_refine.pdbx_stereochem_target_val_spec_case     ? 
_refine.pdbx_R_Free_selection_details            RANDOM 
_refine.pdbx_overall_ESU_R                       0.076 
_refine.pdbx_overall_ESU_R_Free                  0.080 
_refine.overall_SU_ML                            0.046 
_refine.overall_SU_B                             1.218 
_refine.ls_redundancy_reflns_obs                 ? 
_refine.B_iso_min                                ? 
_refine.B_iso_max                                ? 
_refine.overall_SU_R_Cruickshank_DPI             ? 
_refine.overall_SU_R_free                        ? 
_refine.ls_wR_factor_R_free                      ? 
_refine.ls_wR_factor_R_work                      ? 
_refine.overall_FOM_free_R_set                   ? 
_refine.overall_FOM_work_R_set                   ? 
_refine.pdbx_refine_id                           'X-RAY DIFFRACTION' 
_refine.pdbx_diffrn_id                           1 
_refine.pdbx_TLS_residual_ADP_flag               ? 
_refine.pdbx_overall_phase_error                 ? 
_refine.pdbx_overall_SU_R_free_Cruickshank_DPI   ? 
_refine.pdbx_overall_SU_R_Blow_DPI               ? 
_refine.pdbx_overall_SU_R_free_Blow_DPI          ? 
# 
_refine_analyze.entry_id                        1T2J 
_refine_analyze.Luzzati_coordinate_error_obs    0.153 
_refine_analyze.Luzzati_sigma_a_obs             ? 
_refine_analyze.Luzzati_d_res_low_obs           ? 
_refine_analyze.Luzzati_coordinate_error_free   ? 
_refine_analyze.Luzzati_sigma_a_free            ? 
_refine_analyze.Luzzati_d_res_low_free          ? 
_refine_analyze.number_disordered_residues      ? 
_refine_analyze.occupancy_sum_non_hydrogen      ? 
_refine_analyze.occupancy_sum_hydrogen          ? 
_refine_analyze.pdbx_Luzzati_d_res_high_obs     ? 
_refine_analyze.pdbx_refine_id                  'X-RAY DIFFRACTION' 
# 
_refine_hist.pdbx_refine_id                   'X-RAY DIFFRACTION' 
_refine_hist.cycle_id                         LAST 
_refine_hist.pdbx_number_atoms_protein        877 
_refine_hist.pdbx_number_atoms_nucleic_acid   0 
_refine_hist.pdbx_number_atoms_ligand         0 
_refine_hist.number_atoms_solvent             146 
_refine_hist.number_atoms_total               1023 
_refine_hist.d_res_high                       1.50 
_refine_hist.d_res_low                        20.00 
# 
loop_
_refine_ls_restr.type 
_refine_ls_restr.dev_ideal 
_refine_ls_restr.dev_ideal_target 
_refine_ls_restr.weight 
_refine_ls_restr.number 
_refine_ls_restr.pdbx_refine_id 
_refine_ls_restr.pdbx_restraint_function 
r_bond_refined_d         0.018 0.021 ? 889  'X-RAY DIFFRACTION' ? 
r_angle_refined_deg      1.735 1.922 ? 1198 'X-RAY DIFFRACTION' ? 
r_dihedral_angle_1_deg   6.651 5.000 ? 115  'X-RAY DIFFRACTION' ? 
r_chiral_restr           0.110 0.200 ? 128  'X-RAY DIFFRACTION' ? 
r_gen_planes_refined     0.007 0.020 ? 668  'X-RAY DIFFRACTION' ? 
r_gen_planes_other       0.003 0.020 ? 1    'X-RAY DIFFRACTION' ? 
r_nbd_refined            0.241 0.200 ? 443  'X-RAY DIFFRACTION' ? 
r_xyhbond_nbd_refined    0.149 0.200 ? 130  'X-RAY DIFFRACTION' ? 
r_symmetry_vdw_refined   0.211 0.200 ? 48   'X-RAY DIFFRACTION' ? 
r_symmetry_hbond_refined 0.154 0.200 ? 30   'X-RAY DIFFRACTION' ? 
r_mcbond_it              1.924 3.000 ? 564  'X-RAY DIFFRACTION' ? 
r_mcangle_it             3.229 4.000 ? 901  'X-RAY DIFFRACTION' ? 
r_scbond_it              3.504 4.000 ? 325  'X-RAY DIFFRACTION' ? 
r_scangle_it             3.897 4.000 ? 297  'X-RAY DIFFRACTION' ? 
# 
_refine_ls_shell.pdbx_total_number_of_bins_used   20 
_refine_ls_shell.d_res_high                       1.500 
_refine_ls_shell.d_res_low                        1.539 
_refine_ls_shell.number_reflns_R_work             1022 
_refine_ls_shell.R_factor_R_work                  0.197 
_refine_ls_shell.percent_reflns_obs               92.9 
_refine_ls_shell.R_factor_R_free                  0.23 
_refine_ls_shell.R_factor_R_free_error            ? 
_refine_ls_shell.percent_reflns_R_free            ? 
_refine_ls_shell.number_reflns_R_free             56 
_refine_ls_shell.number_reflns_obs                762 
_refine_ls_shell.redundancy_reflns_obs            ? 
_refine_ls_shell.number_reflns_all                ? 
_refine_ls_shell.pdbx_refine_id                   'X-RAY DIFFRACTION' 
_refine_ls_shell.R_factor_all                     ? 
# 
_struct.entry_id                  1T2J 
_struct.title                     'Crystal structure of a Human VH domain' 
_struct.pdbx_model_details        ? 
_struct.pdbx_CASP_flag            ? 
_struct.pdbx_model_type_details   ? 
# 
_struct_keywords.entry_id        1T2J 
_struct_keywords.pdbx_keywords   'IMMUNE SYSTEM' 
_struct_keywords.text            'beta-sandwich, Immunoglobulin fold, IMMUNE SYSTEM' 
# 
loop_
_struct_asym.id 
_struct_asym.pdbx_blank_PDB_chainid_flag 
_struct_asym.pdbx_modified 
_struct_asym.entity_id 
_struct_asym.details 
A N N 1 ? 
B N N 2 ? 
C N N 3 ? 
# 
_struct_ref.id                         1 
_struct_ref.entity_id                  1 
_struct_ref.db_name                    UNP 
_struct_ref.db_code                    Q9HCC1_HUMAN 
_struct_ref.pdbx_db_accession          Q9HCC1 
_struct_ref.pdbx_db_isoform            ? 
_struct_ref.pdbx_seq_one_letter_code   ? 
_struct_ref.pdbx_align_begin           ? 
# 
_struct_ref_seq.align_id                      1 
_struct_ref_seq.ref_id                        1 
_struct_ref_seq.pdbx_PDB_id_code              1T2J 
_struct_ref_seq.pdbx_strand_id                A 
_struct_ref_seq.seq_align_beg                 2 
_struct_ref_seq.pdbx_seq_align_beg_ins_code   ? 
_struct_ref_seq.seq_align_end                 110 
_struct_ref_seq.pdbx_seq_align_end_ins_code   ? 
_struct_ref_seq.pdbx_db_accession             Q9HCC1 
_struct_ref_seq.db_align_beg                  2 
_struct_ref_seq.pdbx_db_align_beg_ins_code    ? 
_struct_ref_seq.db_align_end                  110 
_struct_ref_seq.pdbx_db_align_end_ins_code    ? 
_struct_ref_seq.pdbx_auth_seq_align_beg       2 
_struct_ref_seq.pdbx_auth_seq_align_end       107 
# 
_pdbx_struct_assembly.id                   1 
_pdbx_struct_assembly.details              author_defined_assembly 
_pdbx_struct_assembly.method_details       ? 
_pdbx_struct_assembly.oligomeric_details   monomeric 
_pdbx_struct_assembly.oligomeric_count     1 
# 
_pdbx_struct_assembly_gen.assembly_id       1 
_pdbx_struct_assembly_gen.oper_expression   1 
_pdbx_struct_assembly_gen.asym_id_list      A,B,C 
# 
_pdbx_struct_oper_list.id                   1 
_pdbx_struct_oper_list.type                 'identity operation' 
_pdbx_struct_oper_list.name                 1_555 
_pdbx_struct_oper_list.symmetry_operation   x,y,z 
_pdbx_struct_oper_list.matrix[1][1]         1.0000000000 
_pdbx_struct_oper_list.matrix[1][2]         0.0000000000 
_pdbx_struct_oper_list.matrix[1][3]         0.0000000000 
_pdbx_struct_oper_list.vector[1]            0.0000000000 
_pdbx_struct_oper_list.matrix[2][1]         0.0000000000 
_pdbx_struct_oper_list.matrix[2][2]         1.0000000000 
_pdbx_struct_oper_list.matrix[2][3]         0.0000000000 
_pdbx_struct_oper_list.vector[2]            0.0000000000 
_pdbx_struct_oper_list.matrix[3][1]         0.0000000000 
_pdbx_struct_oper_list.matrix[3][2]         0.0000000000 
_pdbx_struct_oper_list.matrix[3][3]         1.0000000000 
_pdbx_struct_oper_list.vector[3]            0.0000000000 
# 
_struct_biol.id                    1 
_struct_biol.pdbx_parent_biol_id   ? 
_struct_biol.details               ? 
# 
loop_
_struct_conf.conf_type_id 
_struct_conf.id 
_struct_conf.pdbx_PDB_helix_id 
_struct_conf.beg_label_comp_id 
_struct_conf.beg_label_asym_id 
_struct_conf.beg_label_seq_id 
_struct_conf.pdbx_beg_PDB_ins_code 
_struct_conf.end_label_comp_id 
_struct_conf.end_label_asym_id 
_struct_conf.end_label_seq_id 
_struct_conf.pdbx_end_PDB_ins_code 
_struct_conf.beg_auth_comp_id 
_struct_conf.beg_auth_asym_id 
_struct_conf.beg_auth_seq_id 
_struct_conf.end_auth_comp_id 
_struct_conf.end_auth_asym_id 
_struct_conf.end_auth_seq_id 
_struct_conf.pdbx_PDB_helix_class 
_struct_conf.details 
_struct_conf.pdbx_PDB_helix_length 
HELX_P HELX_P1 1 THR A 28 ? SER A 32 ? THR A 28 SER A 32 5 ? 5 
HELX_P HELX_P2 2 ASN A 74 ? LYS A 76 ? ASN A 73 LYS A 75 5 ? 3 
HELX_P HELX_P3 3 ARG A 87 ? THR A 91 ? ARG A 83 THR A 87 5 ? 5 
# 
_struct_conf_type.id          HELX_P 
_struct_conf_type.criteria    ? 
_struct_conf_type.reference   ? 
# 
_struct_conn.id                            disulf1 
_struct_conn.conn_type_id                  disulf 
_struct_conn.pdbx_leaving_atom_flag        ? 
_struct_conn.pdbx_PDB_id                   ? 
_struct_conn.ptnr1_label_asym_id           A 
_struct_conn.ptnr1_label_comp_id           CYS 
_struct_conn.ptnr1_label_seq_id            22 
_struct_conn.ptnr1_label_atom_id           SG 
_struct_conn.pdbx_ptnr1_label_alt_id       ? 
_struct_conn.pdbx_ptnr1_PDB_ins_code       ? 
_struct_conn.pdbx_ptnr1_standard_comp_id   ? 
_struct_conn.ptnr1_symmetry                1_555 
_struct_conn.ptnr2_label_asym_id           A 
_struct_conn.ptnr2_label_comp_id           CYS 
_struct_conn.ptnr2_label_seq_id            96 
_struct_conn.ptnr2_label_atom_id           SG 
_struct_conn.pdbx_ptnr2_label_alt_id       ? 
_struct_conn.pdbx_ptnr2_PDB_ins_code       ? 
_struct_conn.ptnr1_auth_asym_id            A 
_struct_conn.ptnr1_auth_comp_id            CYS 
_struct_conn.ptnr1_auth_seq_id             22 
_struct_conn.ptnr2_auth_asym_id            A 
_struct_conn.ptnr2_auth_comp_id            CYS 
_struct_conn.ptnr2_auth_seq_id             92 
_struct_conn.ptnr2_symmetry                1_555 
_struct_conn.pdbx_ptnr3_label_atom_id      ? 
_struct_conn.pdbx_ptnr3_label_seq_id       ? 
_struct_conn.pdbx_ptnr3_label_comp_id      ? 
_struct_conn.pdbx_ptnr3_label_asym_id      ? 
_struct_conn.pdbx_ptnr3_label_alt_id       ? 
_struct_conn.pdbx_ptnr3_PDB_ins_code       ? 
_struct_conn.details                       ? 
_struct_conn.pdbx_dist_value               2.061 
_struct_conn.pdbx_value_order              ? 
_struct_conn.pdbx_role                     ? 
# 
_struct_conn_type.id          disulf 
_struct_conn_type.criteria    ? 
_struct_conn_type.reference   ? 
# 
_pdbx_modification_feature.ordinal                            1 
_pdbx_modification_feature.label_comp_id                      CYS 
_pdbx_modification_feature.label_asym_id                      A 
_pdbx_modification_feature.label_seq_id                       22 
_pdbx_modification_feature.label_alt_id                       ? 
_pdbx_modification_feature.modified_residue_label_comp_id     CYS 
_pdbx_modification_feature.modified_residue_label_asym_id     A 
_pdbx_modification_feature.modified_residue_label_seq_id      96 
_pdbx_modification_feature.modified_residue_label_alt_id      ? 
_pdbx_modification_feature.auth_comp_id                       CYS 
_pdbx_modification_feature.auth_asym_id                       A 
_pdbx_modification_feature.auth_seq_id                        22 
_pdbx_modification_feature.PDB_ins_code                       ? 
_pdbx_modification_feature.symmetry                           1_555 
_pdbx_modification_feature.modified_residue_auth_comp_id      CYS 
_pdbx_modification_feature.modified_residue_auth_asym_id      A 
_pdbx_modification_feature.modified_residue_auth_seq_id       92 
_pdbx_modification_feature.modified_residue_PDB_ins_code      ? 
_pdbx_modification_feature.modified_residue_symmetry          1_555 
_pdbx_modification_feature.comp_id_linking_atom               SG 
_pdbx_modification_feature.modified_residue_id_linking_atom   SG 
_pdbx_modification_feature.modified_residue_id                . 
_pdbx_modification_feature.ref_pcm_id                         . 
_pdbx_modification_feature.ref_comp_id                        . 
_pdbx_modification_feature.type                               None 
_pdbx_modification_feature.category                           'Disulfide bridge' 
# 
loop_
_struct_sheet.id 
_struct_sheet.type 
_struct_sheet.number_strands 
_struct_sheet.details 
A ? 4 ? 
B ? 6 ? 
# 
loop_
_struct_sheet_order.sheet_id 
_struct_sheet_order.range_id_1 
_struct_sheet_order.range_id_2 
_struct_sheet_order.offset 
_struct_sheet_order.sense 
A 1 2 ? anti-parallel 
A 2 3 ? anti-parallel 
A 3 4 ? anti-parallel 
B 1 2 ? parallel      
B 2 3 ? anti-parallel 
B 3 4 ? anti-parallel 
B 4 5 ? anti-parallel 
B 5 6 ? anti-parallel 
# 
loop_
_struct_sheet_range.sheet_id 
_struct_sheet_range.id 
_struct_sheet_range.beg_label_comp_id 
_struct_sheet_range.beg_label_asym_id 
_struct_sheet_range.beg_label_seq_id 
_struct_sheet_range.pdbx_beg_PDB_ins_code 
_struct_sheet_range.end_label_comp_id 
_struct_sheet_range.end_label_asym_id 
_struct_sheet_range.end_label_seq_id 
_struct_sheet_range.pdbx_end_PDB_ins_code 
_struct_sheet_range.beg_auth_comp_id 
_struct_sheet_range.beg_auth_asym_id 
_struct_sheet_range.beg_auth_seq_id 
_struct_sheet_range.end_auth_comp_id 
_struct_sheet_range.end_auth_asym_id 
_struct_sheet_range.end_auth_seq_id 
A 1 GLN A 3   ? SER A 7   ? GLN A 3   SER A 7   
A 2 LEU A 18  ? SER A 25  ? LEU A 18  SER A 25  
A 3 SER A 78  ? MET A 83  ? SER A 77  MET A 82  
A 4 PHE A 68  ? ASP A 73  ? PHE A 67  ASP A 72  
B 1 GLY A 10  ? VAL A 12  ? GLY A 10  VAL A 12  
B 2 THR A 110 ? VAL A 114 ? THR A 107 VAL A 111 
B 3 ALA A 92  ? ALA A 97  ? ALA A 88  ALA A 93  
B 4 MET A 34  ? GLN A 39  ? MET A 34  GLN A 39  
B 5 LEU A 45  ? ILE A 51  ? LEU A 45  ILE A 51  
B 6 THR A 58  ? SER A 60  ? THR A 57  SER A 59  
# 
loop_
_pdbx_struct_sheet_hbond.sheet_id 
_pdbx_struct_sheet_hbond.range_id_1 
_pdbx_struct_sheet_hbond.range_id_2 
_pdbx_struct_sheet_hbond.range_1_label_atom_id 
_pdbx_struct_sheet_hbond.range_1_label_comp_id 
_pdbx_struct_sheet_hbond.range_1_label_asym_id 
_pdbx_struct_sheet_hbond.range_1_label_seq_id 
_pdbx_struct_sheet_hbond.range_1_PDB_ins_code 
_pdbx_struct_sheet_hbond.range_1_auth_atom_id 
_pdbx_struct_sheet_hbond.range_1_auth_comp_id 
_pdbx_struct_sheet_hbond.range_1_auth_asym_id 
_pdbx_struct_sheet_hbond.range_1_auth_seq_id 
_pdbx_struct_sheet_hbond.range_2_label_atom_id 
_pdbx_struct_sheet_hbond.range_2_label_comp_id 
_pdbx_struct_sheet_hbond.range_2_label_asym_id 
_pdbx_struct_sheet_hbond.range_2_label_seq_id 
_pdbx_struct_sheet_hbond.range_2_PDB_ins_code 
_pdbx_struct_sheet_hbond.range_2_auth_atom_id 
_pdbx_struct_sheet_hbond.range_2_auth_comp_id 
_pdbx_struct_sheet_hbond.range_2_auth_asym_id 
_pdbx_struct_sheet_hbond.range_2_auth_seq_id 
A 1 2 N GLN A 3   ? N GLN A 3   O SER A 25  ? O SER A 25  
A 2 3 N LEU A 18  ? N LEU A 18  O MET A 83  ? O MET A 82  
A 3 4 O SER A 78  ? O SER A 77  N ASP A 73  ? N ASP A 72  
B 1 2 N VAL A 12  ? N VAL A 12  O THR A 113 ? O THR A 110 
B 2 3 O THR A 110 ? O THR A 107 N TYR A 94  ? N TYR A 90  
B 3 4 O TYR A 95  ? O TYR A 91  N VAL A 37  ? N VAL A 37  
B 4 5 N TRP A 36  ? N TRP A 36  O VAL A 48  ? O VAL A 48  
B 5 6 N SER A 50  ? N SER A 50  O TYR A 59  ? O TYR A 58  
# 
_struct_site.id                   AC1 
_struct_site.pdbx_evidence_code   Software 
_struct_site.pdbx_auth_asym_id    A 
_struct_site.pdbx_auth_comp_id    PEG 
_struct_site.pdbx_auth_seq_id     214 
_struct_site.pdbx_auth_ins_code   ? 
_struct_site.pdbx_num_residues    2 
_struct_site.details              'BINDING SITE FOR RESIDUE PEG A 214' 
# 
loop_
_struct_site_gen.id 
_struct_site_gen.site_id 
_struct_site_gen.pdbx_num_res 
_struct_site_gen.label_comp_id 
_struct_site_gen.label_asym_id 
_struct_site_gen.label_seq_id 
_struct_site_gen.pdbx_auth_ins_code 
_struct_site_gen.auth_comp_id 
_struct_site_gen.auth_asym_id 
_struct_site_gen.auth_seq_id 
_struct_site_gen.label_atom_id 
_struct_site_gen.label_alt_id 
_struct_site_gen.symmetry 
_struct_site_gen.details 
1 AC1 2 TRP A 47 ? TRP A 47  . ? 1_555 ? 
2 AC1 2 HOH C .  ? HOH A 340 . ? 1_555 ? 
# 
_pdbx_entry_details.entry_id                   1T2J 
_pdbx_entry_details.compound_details           ? 
_pdbx_entry_details.source_details             ? 
_pdbx_entry_details.nonpolymer_details         ? 
_pdbx_entry_details.sequence_details           ? 
_pdbx_entry_details.has_ligand_of_interest     ? 
_pdbx_entry_details.has_protein_modification   Y 
# 
_pdbx_validate_rmsd_bond.id                        1 
_pdbx_validate_rmsd_bond.PDB_model_num             1 
_pdbx_validate_rmsd_bond.auth_atom_id_1            C 
_pdbx_validate_rmsd_bond.auth_asym_id_1            A 
_pdbx_validate_rmsd_bond.auth_comp_id_1            SER 
_pdbx_validate_rmsd_bond.auth_seq_id_1             113 
_pdbx_validate_rmsd_bond.PDB_ins_code_1            ? 
_pdbx_validate_rmsd_bond.label_alt_id_1            ? 
_pdbx_validate_rmsd_bond.auth_atom_id_2            OXT 
_pdbx_validate_rmsd_bond.auth_asym_id_2            A 
_pdbx_validate_rmsd_bond.auth_comp_id_2            SER 
_pdbx_validate_rmsd_bond.auth_seq_id_2             113 
_pdbx_validate_rmsd_bond.PDB_ins_code_2            ? 
_pdbx_validate_rmsd_bond.label_alt_id_2            ? 
_pdbx_validate_rmsd_bond.bond_value                1.508 
_pdbx_validate_rmsd_bond.bond_target_value         1.229 
_pdbx_validate_rmsd_bond.bond_deviation            0.279 
_pdbx_validate_rmsd_bond.bond_standard_deviation   0.019 
_pdbx_validate_rmsd_bond.linker_flag               N 
# 
loop_
_pdbx_validate_torsion.id 
_pdbx_validate_torsion.PDB_model_num 
_pdbx_validate_torsion.auth_comp_id 
_pdbx_validate_torsion.auth_asym_id 
_pdbx_validate_torsion.auth_seq_id 
_pdbx_validate_torsion.PDB_ins_code 
_pdbx_validate_torsion.label_alt_id 
_pdbx_validate_torsion.phi 
_pdbx_validate_torsion.psi 
1 1 ALA A 88 ? ? 175.43  166.92 
2 1 ARG A 94 ? ? -103.48 47.27  
# 
loop_
_pdbx_struct_special_symmetry.id 
_pdbx_struct_special_symmetry.PDB_model_num 
_pdbx_struct_special_symmetry.auth_asym_id 
_pdbx_struct_special_symmetry.auth_comp_id 
_pdbx_struct_special_symmetry.auth_seq_id 
_pdbx_struct_special_symmetry.PDB_ins_code 
_pdbx_struct_special_symmetry.label_asym_id 
_pdbx_struct_special_symmetry.label_comp_id 
_pdbx_struct_special_symmetry.label_seq_id 
1 1 A HOH 225 ? C HOH . 
2 1 A HOH 273 ? C HOH . 
# 
_pdbx_database_remark.id     999 
_pdbx_database_remark.text   
;SEQUENCE
THE AUTHORS STATE THIS SEQUENCE HAS NOT 
BEEN DEPOSITED TO A SEQUENCE DATABASE.
;
# 
loop_
_chem_comp_atom.comp_id 
_chem_comp_atom.atom_id 
_chem_comp_atom.type_symbol 
_chem_comp_atom.pdbx_aromatic_flag 
_chem_comp_atom.pdbx_stereo_config 
_chem_comp_atom.pdbx_ordinal 
ALA N    N N N 1   
ALA CA   C N S 2   
ALA C    C N N 3   
ALA O    O N N 4   
ALA CB   C N N 5   
ALA OXT  O N N 6   
ALA H    H N N 7   
ALA H2   H N N 8   
ALA HA   H N N 9   
ALA HB1  H N N 10  
ALA HB2  H N N 11  
ALA HB3  H N N 12  
ALA HXT  H N N 13  
ARG N    N N N 14  
ARG CA   C N S 15  
ARG C    C N N 16  
ARG O    O N N 17  
ARG CB   C N N 18  
ARG CG   C N N 19  
ARG CD   C N N 20  
ARG NE   N N N 21  
ARG CZ   C N N 22  
ARG NH1  N N N 23  
ARG NH2  N N N 24  
ARG OXT  O N N 25  
ARG H    H N N 26  
ARG H2   H N N 27  
ARG HA   H N N 28  
ARG HB2  H N N 29  
ARG HB3  H N N 30  
ARG HG2  H N N 31  
ARG HG3  H N N 32  
ARG HD2  H N N 33  
ARG HD3  H N N 34  
ARG HE   H N N 35  
ARG HH11 H N N 36  
ARG HH12 H N N 37  
ARG HH21 H N N 38  
ARG HH22 H N N 39  
ARG HXT  H N N 40  
ASN N    N N N 41  
ASN CA   C N S 42  
ASN C    C N N 43  
ASN O    O N N 44  
ASN CB   C N N 45  
ASN CG   C N N 46  
ASN OD1  O N N 47  
ASN ND2  N N N 48  
ASN OXT  O N N 49  
ASN H    H N N 50  
ASN H2   H N N 51  
ASN HA   H N N 52  
ASN HB2  H N N 53  
ASN HB3  H N N 54  
ASN HD21 H N N 55  
ASN HD22 H N N 56  
ASN HXT  H N N 57  
ASP N    N N N 58  
ASP CA   C N S 59  
ASP C    C N N 60  
ASP O    O N N 61  
ASP CB   C N N 62  
ASP CG   C N N 63  
ASP OD1  O N N 64  
ASP OD2  O N N 65  
ASP OXT  O N N 66  
ASP H    H N N 67  
ASP H2   H N N 68  
ASP HA   H N N 69  
ASP HB2  H N N 70  
ASP HB3  H N N 71  
ASP HD2  H N N 72  
ASP HXT  H N N 73  
CYS N    N N N 74  
CYS CA   C N R 75  
CYS C    C N N 76  
CYS O    O N N 77  
CYS CB   C N N 78  
CYS SG   S N N 79  
CYS OXT  O N N 80  
CYS H    H N N 81  
CYS H2   H N N 82  
CYS HA   H N N 83  
CYS HB2  H N N 84  
CYS HB3  H N N 85  
CYS HG   H N N 86  
CYS HXT  H N N 87  
GLN N    N N N 88  
GLN CA   C N S 89  
GLN C    C N N 90  
GLN O    O N N 91  
GLN CB   C N N 92  
GLN CG   C N N 93  
GLN CD   C N N 94  
GLN OE1  O N N 95  
GLN NE2  N N N 96  
GLN OXT  O N N 97  
GLN H    H N N 98  
GLN H2   H N N 99  
GLN HA   H N N 100 
GLN HB2  H N N 101 
GLN HB3  H N N 102 
GLN HG2  H N N 103 
GLN HG3  H N N 104 
GLN HE21 H N N 105 
GLN HE22 H N N 106 
GLN HXT  H N N 107 
GLU N    N N N 108 
GLU CA   C N S 109 
GLU C    C N N 110 
GLU O    O N N 111 
GLU CB   C N N 112 
GLU CG   C N N 113 
GLU CD   C N N 114 
GLU OE1  O N N 115 
GLU OE2  O N N 116 
GLU OXT  O N N 117 
GLU H    H N N 118 
GLU H2   H N N 119 
GLU HA   H N N 120 
GLU HB2  H N N 121 
GLU HB3  H N N 122 
GLU HG2  H N N 123 
GLU HG3  H N N 124 
GLU HE2  H N N 125 
GLU HXT  H N N 126 
GLY N    N N N 127 
GLY CA   C N N 128 
GLY C    C N N 129 
GLY O    O N N 130 
GLY OXT  O N N 131 
GLY H    H N N 132 
GLY H2   H N N 133 
GLY HA2  H N N 134 
GLY HA3  H N N 135 
GLY HXT  H N N 136 
HOH O    O N N 137 
HOH H1   H N N 138 
HOH H2   H N N 139 
ILE N    N N N 140 
ILE CA   C N S 141 
ILE C    C N N 142 
ILE O    O N N 143 
ILE CB   C N S 144 
ILE CG1  C N N 145 
ILE CG2  C N N 146 
ILE CD1  C N N 147 
ILE OXT  O N N 148 
ILE H    H N N 149 
ILE H2   H N N 150 
ILE HA   H N N 151 
ILE HB   H N N 152 
ILE HG12 H N N 153 
ILE HG13 H N N 154 
ILE HG21 H N N 155 
ILE HG22 H N N 156 
ILE HG23 H N N 157 
ILE HD11 H N N 158 
ILE HD12 H N N 159 
ILE HD13 H N N 160 
ILE HXT  H N N 161 
LEU N    N N N 162 
LEU CA   C N S 163 
LEU C    C N N 164 
LEU O    O N N 165 
LEU CB   C N N 166 
LEU CG   C N N 167 
LEU CD1  C N N 168 
LEU CD2  C N N 169 
LEU OXT  O N N 170 
LEU H    H N N 171 
LEU H2   H N N 172 
LEU HA   H N N 173 
LEU HB2  H N N 174 
LEU HB3  H N N 175 
LEU HG   H N N 176 
LEU HD11 H N N 177 
LEU HD12 H N N 178 
LEU HD13 H N N 179 
LEU HD21 H N N 180 
LEU HD22 H N N 181 
LEU HD23 H N N 182 
LEU HXT  H N N 183 
LYS N    N N N 184 
LYS CA   C N S 185 
LYS C    C N N 186 
LYS O    O N N 187 
LYS CB   C N N 188 
LYS CG   C N N 189 
LYS CD   C N N 190 
LYS CE   C N N 191 
LYS NZ   N N N 192 
LYS OXT  O N N 193 
LYS H    H N N 194 
LYS H2   H N N 195 
LYS HA   H N N 196 
LYS HB2  H N N 197 
LYS HB3  H N N 198 
LYS HG2  H N N 199 
LYS HG3  H N N 200 
LYS HD2  H N N 201 
LYS HD3  H N N 202 
LYS HE2  H N N 203 
LYS HE3  H N N 204 
LYS HZ1  H N N 205 
LYS HZ2  H N N 206 
LYS HZ3  H N N 207 
LYS HXT  H N N 208 
MET N    N N N 209 
MET CA   C N S 210 
MET C    C N N 211 
MET O    O N N 212 
MET CB   C N N 213 
MET CG   C N N 214 
MET SD   S N N 215 
MET CE   C N N 216 
MET OXT  O N N 217 
MET H    H N N 218 
MET H2   H N N 219 
MET HA   H N N 220 
MET HB2  H N N 221 
MET HB3  H N N 222 
MET HG2  H N N 223 
MET HG3  H N N 224 
MET HE1  H N N 225 
MET HE2  H N N 226 
MET HE3  H N N 227 
MET HXT  H N N 228 
PEG C1   C N N 229 
PEG O1   O N N 230 
PEG C2   C N N 231 
PEG O2   O N N 232 
PEG C3   C N N 233 
PEG C4   C N N 234 
PEG O4   O N N 235 
PEG H11  H N N 236 
PEG H12  H N N 237 
PEG HO1  H N N 238 
PEG H21  H N N 239 
PEG H22  H N N 240 
PEG H31  H N N 241 
PEG H32  H N N 242 
PEG H41  H N N 243 
PEG H42  H N N 244 
PEG HO4  H N N 245 
PHE N    N N N 246 
PHE CA   C N S 247 
PHE C    C N N 248 
PHE O    O N N 249 
PHE CB   C N N 250 
PHE CG   C Y N 251 
PHE CD1  C Y N 252 
PHE CD2  C Y N 253 
PHE CE1  C Y N 254 
PHE CE2  C Y N 255 
PHE CZ   C Y N 256 
PHE OXT  O N N 257 
PHE H    H N N 258 
PHE H2   H N N 259 
PHE HA   H N N 260 
PHE HB2  H N N 261 
PHE HB3  H N N 262 
PHE HD1  H N N 263 
PHE HD2  H N N 264 
PHE HE1  H N N 265 
PHE HE2  H N N 266 
PHE HZ   H N N 267 
PHE HXT  H N N 268 
PRO N    N N N 269 
PRO CA   C N S 270 
PRO C    C N N 271 
PRO O    O N N 272 
PRO CB   C N N 273 
PRO CG   C N N 274 
PRO CD   C N N 275 
PRO OXT  O N N 276 
PRO H    H N N 277 
PRO HA   H N N 278 
PRO HB2  H N N 279 
PRO HB3  H N N 280 
PRO HG2  H N N 281 
PRO HG3  H N N 282 
PRO HD2  H N N 283 
PRO HD3  H N N 284 
PRO HXT  H N N 285 
SER N    N N N 286 
SER CA   C N S 287 
SER C    C N N 288 
SER O    O N N 289 
SER CB   C N N 290 
SER OG   O N N 291 
SER OXT  O N N 292 
SER H    H N N 293 
SER H2   H N N 294 
SER HA   H N N 295 
SER HB2  H N N 296 
SER HB3  H N N 297 
SER HG   H N N 298 
SER HXT  H N N 299 
THR N    N N N 300 
THR CA   C N S 301 
THR C    C N N 302 
THR O    O N N 303 
THR CB   C N R 304 
THR OG1  O N N 305 
THR CG2  C N N 306 
THR OXT  O N N 307 
THR H    H N N 308 
THR H2   H N N 309 
THR HA   H N N 310 
THR HB   H N N 311 
THR HG1  H N N 312 
THR HG21 H N N 313 
THR HG22 H N N 314 
THR HG23 H N N 315 
THR HXT  H N N 316 
TRP N    N N N 317 
TRP CA   C N S 318 
TRP C    C N N 319 
TRP O    O N N 320 
TRP CB   C N N 321 
TRP CG   C Y N 322 
TRP CD1  C Y N 323 
TRP CD2  C Y N 324 
TRP NE1  N Y N 325 
TRP CE2  C Y N 326 
TRP CE3  C Y N 327 
TRP CZ2  C Y N 328 
TRP CZ3  C Y N 329 
TRP CH2  C Y N 330 
TRP OXT  O N N 331 
TRP H    H N N 332 
TRP H2   H N N 333 
TRP HA   H N N 334 
TRP HB2  H N N 335 
TRP HB3  H N N 336 
TRP HD1  H N N 337 
TRP HE1  H N N 338 
TRP HE3  H N N 339 
TRP HZ2  H N N 340 
TRP HZ3  H N N 341 
TRP HH2  H N N 342 
TRP HXT  H N N 343 
TYR N    N N N 344 
TYR CA   C N S 345 
TYR C    C N N 346 
TYR O    O N N 347 
TYR CB   C N N 348 
TYR CG   C Y N 349 
TYR CD1  C Y N 350 
TYR CD2  C Y N 351 
TYR CE1  C Y N 352 
TYR CE2  C Y N 353 
TYR CZ   C Y N 354 
TYR OH   O N N 355 
TYR OXT  O N N 356 
TYR H    H N N 357 
TYR H2   H N N 358 
TYR HA   H N N 359 
TYR HB2  H N N 360 
TYR HB3  H N N 361 
TYR HD1  H N N 362 
TYR HD2  H N N 363 
TYR HE1  H N N 364 
TYR HE2  H N N 365 
TYR HH   H N N 366 
TYR HXT  H N N 367 
VAL N    N N N 368 
VAL CA   C N S 369 
VAL C    C N N 370 
VAL O    O N N 371 
VAL CB   C N N 372 
VAL CG1  C N N 373 
VAL CG2  C N N 374 
VAL OXT  O N N 375 
VAL H    H N N 376 
VAL H2   H N N 377 
VAL HA   H N N 378 
VAL HB   H N N 379 
VAL HG11 H N N 380 
VAL HG12 H N N 381 
VAL HG13 H N N 382 
VAL HG21 H N N 383 
VAL HG22 H N N 384 
VAL HG23 H N N 385 
VAL HXT  H N N 386 
# 
loop_
_chem_comp_bond.comp_id 
_chem_comp_bond.atom_id_1 
_chem_comp_bond.atom_id_2 
_chem_comp_bond.value_order 
_chem_comp_bond.pdbx_aromatic_flag 
_chem_comp_bond.pdbx_stereo_config 
_chem_comp_bond.pdbx_ordinal 
ALA N   CA   sing N N 1   
ALA N   H    sing N N 2   
ALA N   H2   sing N N 3   
ALA CA  C    sing N N 4   
ALA CA  CB   sing N N 5   
ALA CA  HA   sing N N 6   
ALA C   O    doub N N 7   
ALA C   OXT  sing N N 8   
ALA CB  HB1  sing N N 9   
ALA CB  HB2  sing N N 10  
ALA CB  HB3  sing N N 11  
ALA OXT HXT  sing N N 12  
ARG N   CA   sing N N 13  
ARG N   H    sing N N 14  
ARG N   H2   sing N N 15  
ARG CA  C    sing N N 16  
ARG CA  CB   sing N N 17  
ARG CA  HA   sing N N 18  
ARG C   O    doub N N 19  
ARG C   OXT  sing N N 20  
ARG CB  CG   sing N N 21  
ARG CB  HB2  sing N N 22  
ARG CB  HB3  sing N N 23  
ARG CG  CD   sing N N 24  
ARG CG  HG2  sing N N 25  
ARG CG  HG3  sing N N 26  
ARG CD  NE   sing N N 27  
ARG CD  HD2  sing N N 28  
ARG CD  HD3  sing N N 29  
ARG NE  CZ   sing N N 30  
ARG NE  HE   sing N N 31  
ARG CZ  NH1  sing N N 32  
ARG CZ  NH2  doub N N 33  
ARG NH1 HH11 sing N N 34  
ARG NH1 HH12 sing N N 35  
ARG NH2 HH21 sing N N 36  
ARG NH2 HH22 sing N N 37  
ARG OXT HXT  sing N N 38  
ASN N   CA   sing N N 39  
ASN N   H    sing N N 40  
ASN N   H2   sing N N 41  
ASN CA  C    sing N N 42  
ASN CA  CB   sing N N 43  
ASN CA  HA   sing N N 44  
ASN C   O    doub N N 45  
ASN C   OXT  sing N N 46  
ASN CB  CG   sing N N 47  
ASN CB  HB2  sing N N 48  
ASN CB  HB3  sing N N 49  
ASN CG  OD1  doub N N 50  
ASN CG  ND2  sing N N 51  
ASN ND2 HD21 sing N N 52  
ASN ND2 HD22 sing N N 53  
ASN OXT HXT  sing N N 54  
ASP N   CA   sing N N 55  
ASP N   H    sing N N 56  
ASP N   H2   sing N N 57  
ASP CA  C    sing N N 58  
ASP CA  CB   sing N N 59  
ASP CA  HA   sing N N 60  
ASP C   O    doub N N 61  
ASP C   OXT  sing N N 62  
ASP CB  CG   sing N N 63  
ASP CB  HB2  sing N N 64  
ASP CB  HB3  sing N N 65  
ASP CG  OD1  doub N N 66  
ASP CG  OD2  sing N N 67  
ASP OD2 HD2  sing N N 68  
ASP OXT HXT  sing N N 69  
CYS N   CA   sing N N 70  
CYS N   H    sing N N 71  
CYS N   H2   sing N N 72  
CYS CA  C    sing N N 73  
CYS CA  CB   sing N N 74  
CYS CA  HA   sing N N 75  
CYS C   O    doub N N 76  
CYS C   OXT  sing N N 77  
CYS CB  SG   sing N N 78  
CYS CB  HB2  sing N N 79  
CYS CB  HB3  sing N N 80  
CYS SG  HG   sing N N 81  
CYS OXT HXT  sing N N 82  
GLN N   CA   sing N N 83  
GLN N   H    sing N N 84  
GLN N   H2   sing N N 85  
GLN CA  C    sing N N 86  
GLN CA  CB   sing N N 87  
GLN CA  HA   sing N N 88  
GLN C   O    doub N N 89  
GLN C   OXT  sing N N 90  
GLN CB  CG   sing N N 91  
GLN CB  HB2  sing N N 92  
GLN CB  HB3  sing N N 93  
GLN CG  CD   sing N N 94  
GLN CG  HG2  sing N N 95  
GLN CG  HG3  sing N N 96  
GLN CD  OE1  doub N N 97  
GLN CD  NE2  sing N N 98  
GLN NE2 HE21 sing N N 99  
GLN NE2 HE22 sing N N 100 
GLN OXT HXT  sing N N 101 
GLU N   CA   sing N N 102 
GLU N   H    sing N N 103 
GLU N   H2   sing N N 104 
GLU CA  C    sing N N 105 
GLU CA  CB   sing N N 106 
GLU CA  HA   sing N N 107 
GLU C   O    doub N N 108 
GLU C   OXT  sing N N 109 
GLU CB  CG   sing N N 110 
GLU CB  HB2  sing N N 111 
GLU CB  HB3  sing N N 112 
GLU CG  CD   sing N N 113 
GLU CG  HG2  sing N N 114 
GLU CG  HG3  sing N N 115 
GLU CD  OE1  doub N N 116 
GLU CD  OE2  sing N N 117 
GLU OE2 HE2  sing N N 118 
GLU OXT HXT  sing N N 119 
GLY N   CA   sing N N 120 
GLY N   H    sing N N 121 
GLY N   H2   sing N N 122 
GLY CA  C    sing N N 123 
GLY CA  HA2  sing N N 124 
GLY CA  HA3  sing N N 125 
GLY C   O    doub N N 126 
GLY C   OXT  sing N N 127 
GLY OXT HXT  sing N N 128 
HOH O   H1   sing N N 129 
HOH O   H2   sing N N 130 
ILE N   CA   sing N N 131 
ILE N   H    sing N N 132 
ILE N   H2   sing N N 133 
ILE CA  C    sing N N 134 
ILE CA  CB   sing N N 135 
ILE CA  HA   sing N N 136 
ILE C   O    doub N N 137 
ILE C   OXT  sing N N 138 
ILE CB  CG1  sing N N 139 
ILE CB  CG2  sing N N 140 
ILE CB  HB   sing N N 141 
ILE CG1 CD1  sing N N 142 
ILE CG1 HG12 sing N N 143 
ILE CG1 HG13 sing N N 144 
ILE CG2 HG21 sing N N 145 
ILE CG2 HG22 sing N N 146 
ILE CG2 HG23 sing N N 147 
ILE CD1 HD11 sing N N 148 
ILE CD1 HD12 sing N N 149 
ILE CD1 HD13 sing N N 150 
ILE OXT HXT  sing N N 151 
LEU N   CA   sing N N 152 
LEU N   H    sing N N 153 
LEU N   H2   sing N N 154 
LEU CA  C    sing N N 155 
LEU CA  CB   sing N N 156 
LEU CA  HA   sing N N 157 
LEU C   O    doub N N 158 
LEU C   OXT  sing N N 159 
LEU CB  CG   sing N N 160 
LEU CB  HB2  sing N N 161 
LEU CB  HB3  sing N N 162 
LEU CG  CD1  sing N N 163 
LEU CG  CD2  sing N N 164 
LEU CG  HG   sing N N 165 
LEU CD1 HD11 sing N N 166 
LEU CD1 HD12 sing N N 167 
LEU CD1 HD13 sing N N 168 
LEU CD2 HD21 sing N N 169 
LEU CD2 HD22 sing N N 170 
LEU CD2 HD23 sing N N 171 
LEU OXT HXT  sing N N 172 
LYS N   CA   sing N N 173 
LYS N   H    sing N N 174 
LYS N   H2   sing N N 175 
LYS CA  C    sing N N 176 
LYS CA  CB   sing N N 177 
LYS CA  HA   sing N N 178 
LYS C   O    doub N N 179 
LYS C   OXT  sing N N 180 
LYS CB  CG   sing N N 181 
LYS CB  HB2  sing N N 182 
LYS CB  HB3  sing N N 183 
LYS CG  CD   sing N N 184 
LYS CG  HG2  sing N N 185 
LYS CG  HG3  sing N N 186 
LYS CD  CE   sing N N 187 
LYS CD  HD2  sing N N 188 
LYS CD  HD3  sing N N 189 
LYS CE  NZ   sing N N 190 
LYS CE  HE2  sing N N 191 
LYS CE  HE3  sing N N 192 
LYS NZ  HZ1  sing N N 193 
LYS NZ  HZ2  sing N N 194 
LYS NZ  HZ3  sing N N 195 
LYS OXT HXT  sing N N 196 
MET N   CA   sing N N 197 
MET N   H    sing N N 198 
MET N   H2   sing N N 199 
MET CA  C    sing N N 200 
MET CA  CB   sing N N 201 
MET CA  HA   sing N N 202 
MET C   O    doub N N 203 
MET C   OXT  sing N N 204 
MET CB  CG   sing N N 205 
MET CB  HB2  sing N N 206 
MET CB  HB3  sing N N 207 
MET CG  SD   sing N N 208 
MET CG  HG2  sing N N 209 
MET CG  HG3  sing N N 210 
MET SD  CE   sing N N 211 
MET CE  HE1  sing N N 212 
MET CE  HE2  sing N N 213 
MET CE  HE3  sing N N 214 
MET OXT HXT  sing N N 215 
PEG C1  O1   sing N N 216 
PEG C1  C2   sing N N 217 
PEG C1  H11  sing N N 218 
PEG C1  H12  sing N N 219 
PEG O1  HO1  sing N N 220 
PEG C2  O2   sing N N 221 
PEG C2  H21  sing N N 222 
PEG C2  H22  sing N N 223 
PEG O2  C3   sing N N 224 
PEG C3  C4   sing N N 225 
PEG C3  H31  sing N N 226 
PEG C3  H32  sing N N 227 
PEG C4  O4   sing N N 228 
PEG C4  H41  sing N N 229 
PEG C4  H42  sing N N 230 
PEG O4  HO4  sing N N 231 
PHE N   CA   sing N N 232 
PHE N   H    sing N N 233 
PHE N   H2   sing N N 234 
PHE CA  C    sing N N 235 
PHE CA  CB   sing N N 236 
PHE CA  HA   sing N N 237 
PHE C   O    doub N N 238 
PHE C   OXT  sing N N 239 
PHE CB  CG   sing N N 240 
PHE CB  HB2  sing N N 241 
PHE CB  HB3  sing N N 242 
PHE CG  CD1  doub Y N 243 
PHE CG  CD2  sing Y N 244 
PHE CD1 CE1  sing Y N 245 
PHE CD1 HD1  sing N N 246 
PHE CD2 CE2  doub Y N 247 
PHE CD2 HD2  sing N N 248 
PHE CE1 CZ   doub Y N 249 
PHE CE1 HE1  sing N N 250 
PHE CE2 CZ   sing Y N 251 
PHE CE2 HE2  sing N N 252 
PHE CZ  HZ   sing N N 253 
PHE OXT HXT  sing N N 254 
PRO N   CA   sing N N 255 
PRO N   CD   sing N N 256 
PRO N   H    sing N N 257 
PRO CA  C    sing N N 258 
PRO CA  CB   sing N N 259 
PRO CA  HA   sing N N 260 
PRO C   O    doub N N 261 
PRO C   OXT  sing N N 262 
PRO CB  CG   sing N N 263 
PRO CB  HB2  sing N N 264 
PRO CB  HB3  sing N N 265 
PRO CG  CD   sing N N 266 
PRO CG  HG2  sing N N 267 
PRO CG  HG3  sing N N 268 
PRO CD  HD2  sing N N 269 
PRO CD  HD3  sing N N 270 
PRO OXT HXT  sing N N 271 
SER N   CA   sing N N 272 
SER N   H    sing N N 273 
SER N   H2   sing N N 274 
SER CA  C    sing N N 275 
SER CA  CB   sing N N 276 
SER CA  HA   sing N N 277 
SER C   O    doub N N 278 
SER C   OXT  sing N N 279 
SER CB  OG   sing N N 280 
SER CB  HB2  sing N N 281 
SER CB  HB3  sing N N 282 
SER OG  HG   sing N N 283 
SER OXT HXT  sing N N 284 
THR N   CA   sing N N 285 
THR N   H    sing N N 286 
THR N   H2   sing N N 287 
THR CA  C    sing N N 288 
THR CA  CB   sing N N 289 
THR CA  HA   sing N N 290 
THR C   O    doub N N 291 
THR C   OXT  sing N N 292 
THR CB  OG1  sing N N 293 
THR CB  CG2  sing N N 294 
THR CB  HB   sing N N 295 
THR OG1 HG1  sing N N 296 
THR CG2 HG21 sing N N 297 
THR CG2 HG22 sing N N 298 
THR CG2 HG23 sing N N 299 
THR OXT HXT  sing N N 300 
TRP N   CA   sing N N 301 
TRP N   H    sing N N 302 
TRP N   H2   sing N N 303 
TRP CA  C    sing N N 304 
TRP CA  CB   sing N N 305 
TRP CA  HA   sing N N 306 
TRP C   O    doub N N 307 
TRP C   OXT  sing N N 308 
TRP CB  CG   sing N N 309 
TRP CB  HB2  sing N N 310 
TRP CB  HB3  sing N N 311 
TRP CG  CD1  doub Y N 312 
TRP CG  CD2  sing Y N 313 
TRP CD1 NE1  sing Y N 314 
TRP CD1 HD1  sing N N 315 
TRP CD2 CE2  doub Y N 316 
TRP CD2 CE3  sing Y N 317 
TRP NE1 CE2  sing Y N 318 
TRP NE1 HE1  sing N N 319 
TRP CE2 CZ2  sing Y N 320 
TRP CE3 CZ3  doub Y N 321 
TRP CE3 HE3  sing N N 322 
TRP CZ2 CH2  doub Y N 323 
TRP CZ2 HZ2  sing N N 324 
TRP CZ3 CH2  sing Y N 325 
TRP CZ3 HZ3  sing N N 326 
TRP CH2 HH2  sing N N 327 
TRP OXT HXT  sing N N 328 
TYR N   CA   sing N N 329 
TYR N   H    sing N N 330 
TYR N   H2   sing N N 331 
TYR CA  C    sing N N 332 
TYR CA  CB   sing N N 333 
TYR CA  HA   sing N N 334 
TYR C   O    doub N N 335 
TYR C   OXT  sing N N 336 
TYR CB  CG   sing N N 337 
TYR CB  HB2  sing N N 338 
TYR CB  HB3  sing N N 339 
TYR CG  CD1  doub Y N 340 
TYR CG  CD2  sing Y N 341 
TYR CD1 CE1  sing Y N 342 
TYR CD1 HD1  sing N N 343 
TYR CD2 CE2  doub Y N 344 
TYR CD2 HD2  sing N N 345 
TYR CE1 CZ   doub Y N 346 
TYR CE1 HE1  sing N N 347 
TYR CE2 CZ   sing Y N 348 
TYR CE2 HE2  sing N N 349 
TYR CZ  OH   sing N N 350 
TYR OH  HH   sing N N 351 
TYR OXT HXT  sing N N 352 
VAL N   CA   sing N N 353 
VAL N   H    sing N N 354 
VAL N   H2   sing N N 355 
VAL CA  C    sing N N 356 
VAL CA  CB   sing N N 357 
VAL CA  HA   sing N N 358 
VAL C   O    doub N N 359 
VAL C   OXT  sing N N 360 
VAL CB  CG1  sing N N 361 
VAL CB  CG2  sing N N 362 
VAL CB  HB   sing N N 363 
VAL CG1 HG11 sing N N 364 
VAL CG1 HG12 sing N N 365 
VAL CG1 HG13 sing N N 366 
VAL CG2 HG21 sing N N 367 
VAL CG2 HG22 sing N N 368 
VAL CG2 HG23 sing N N 369 
VAL OXT HXT  sing N N 370 
# 
_pdbx_initial_refinement_model.accession_code   MA-CNZ8J 
_pdbx_initial_refinement_model.id               1 
_pdbx_initial_refinement_model.entity_id_list   ? 
_pdbx_initial_refinement_model.type             'in silico model' 
_pdbx_initial_refinement_model.source_name      ModelArchive 
_pdbx_initial_refinement_model.details          'ENTRY 1HOU that was moved from PDB to ModelArchive' 
# 
_atom_sites.entry_id                    1T2J 
_atom_sites.fract_transf_matrix[1][1]   -0.00933894 
_atom_sites.fract_transf_matrix[1][2]   -0.00234712 
_atom_sites.fract_transf_matrix[1][3]   0.01135340 
_atom_sites.fract_transf_matrix[2][1]   0.02043301 
_atom_sites.fract_transf_matrix[2][2]   -0.00106226 
_atom_sites.fract_transf_matrix[2][3]   0.01658792 
_atom_sites.fract_transf_matrix[3][1]   -0.00787433 
_atom_sites.fract_transf_matrix[3][2]   0.02501655 
_atom_sites.fract_transf_matrix[3][3]   0.01130161 
_atom_sites.fract_transf_vector[1]      0.337320 
_atom_sites.fract_transf_vector[2]      0.011063 
_atom_sites.fract_transf_vector[3]      0.272609 
# 
loop_
_atom_type.symbol 
C 
N 
O 
S 
# 
loop_
_atom_site.group_PDB 
_atom_site.id 
_atom_site.type_symbol 
_atom_site.label_atom_id 
_atom_site.label_alt_id 
_atom_site.label_comp_id 
_atom_site.label_asym_id 
_atom_site.label_entity_id 
_atom_site.label_seq_id 
_atom_site.pdbx_PDB_ins_code 
_atom_site.Cartn_x 
_atom_site.Cartn_y 
_atom_site.Cartn_z 
_atom_site.occupancy 
_atom_site.B_iso_or_equiv 
_atom_site.pdbx_formal_charge 
_atom_site.auth_seq_id 
_atom_site.auth_comp_id 
_atom_site.auth_asym_id 
_atom_site.auth_atom_id 
_atom_site.pdbx_PDB_model_num 
ATOM   1    N N   . GLN A 1 1   ? 6.205   15.028  -13.663 1.00 39.13 ? 1   GLN A N   1 
ATOM   2    C CA  . GLN A 1 1   ? 7.256   14.823  -12.632 1.00 35.30 ? 1   GLN A CA  1 
ATOM   3    C C   . GLN A 1 1   ? 6.641   14.126  -11.405 1.00 30.51 ? 1   GLN A C   1 
ATOM   4    O O   . GLN A 1 1   ? 7.095   14.325  -10.282 1.00 28.36 ? 1   GLN A O   1 
ATOM   5    C CB  . GLN A 1 1   ? 7.935   16.154  -12.267 1.00 36.74 ? 1   GLN A CB  1 
ATOM   6    C CG  . GLN A 1 1   ? 9.143   16.050  -11.307 1.00 43.92 ? 1   GLN A CG  1 
ATOM   7    C CD  . GLN A 1 1   ? 10.285  15.197  -11.849 1.00 45.85 ? 1   GLN A CD  1 
ATOM   8    O OE1 . GLN A 1 1   ? 11.425  15.669  -11.938 1.00 50.90 ? 1   GLN A OE1 1 
ATOM   9    N NE2 . GLN A 1 1   ? 9.988   13.936  -12.207 1.00 48.93 ? 1   GLN A NE2 1 
ATOM   10   N N   . VAL A 1 2   ? 5.599   13.327  -11.655 1.00 27.88 ? 2   VAL A N   1 
ATOM   11   C CA  . VAL A 1 2   ? 4.991   12.471  -10.623 1.00 24.34 ? 2   VAL A CA  1 
ATOM   12   C C   . VAL A 1 2   ? 6.052   11.519  -10.060 1.00 22.96 ? 2   VAL A C   1 
ATOM   13   O O   . VAL A 1 2   ? 6.815   10.889  -10.819 1.00 24.10 ? 2   VAL A O   1 
ATOM   14   C CB  . VAL A 1 2   ? 3.779   11.664  -11.160 1.00 25.41 ? 2   VAL A CB  1 
ATOM   15   C CG1 . VAL A 1 2   ? 3.292   10.645  -10.146 1.00 23.04 ? 2   VAL A CG1 1 
ATOM   16   C CG2 . VAL A 1 2   ? 2.615   12.614  -11.563 1.00 25.53 ? 2   VAL A CG2 1 
ATOM   17   N N   . GLN A 1 3   ? 6.138   11.448  -8.728  1.00 21.04 ? 3   GLN A N   1 
ATOM   18   C CA  . GLN A 1 3   ? 7.016   10.490  -8.070  1.00 21.08 ? 3   GLN A CA  1 
ATOM   19   C C   . GLN A 1 3   ? 6.230   9.851   -6.943  1.00 17.39 ? 3   GLN A C   1 
ATOM   20   O O   . GLN A 1 3   ? 5.517   10.520  -6.200  1.00 20.07 ? 3   GLN A O   1 
ATOM   21   C CB  . GLN A 1 3   ? 8.296   11.140  -7.530  1.00 25.68 ? 3   GLN A CB  1 
ATOM   22   C CG  . GLN A 1 3   ? 9.209   11.650  -8.638  1.00 30.31 ? 3   GLN A CG  1 
ATOM   23   C CD  . GLN A 1 3   ? 10.528  12.277  -8.163  1.00 35.68 ? 3   GLN A CD  1 
ATOM   24   O OE1 . GLN A 1 3   ? 11.227  12.894  -8.969  1.00 39.15 ? 3   GLN A OE1 1 
ATOM   25   N NE2 . GLN A 1 3   ? 10.873  12.110  -6.892  1.00 37.90 ? 3   GLN A NE2 1 
ATOM   26   N N   . LEU A 1 4   ? 6.448   8.549   -6.754  1.00 18.14 ? 4   LEU A N   1 
ATOM   27   C CA  . LEU A 1 4   ? 5.920   7.783   -5.681  1.00 17.77 ? 4   LEU A CA  1 
ATOM   28   C C   . LEU A 1 4   ? 7.022   6.846   -5.258  1.00 17.01 ? 4   LEU A C   1 
ATOM   29   O O   . LEU A 1 4   ? 7.619   6.188   -6.103  1.00 20.08 ? 4   LEU A O   1 
ATOM   30   C CB  . LEU A 1 4   ? 4.721   6.905   -6.086  1.00 18.96 ? 4   LEU A CB  1 
ATOM   31   C CG  . LEU A 1 4   ? 3.462   7.609   -6.571  1.00 16.90 ? 4   LEU A CG  1 
ATOM   32   C CD1 . LEU A 1 4   ? 2.434   6.601   -7.048  1.00 19.61 ? 4   LEU A CD1 1 
ATOM   33   C CD2 . LEU A 1 4   ? 2.885   8.498   -5.485  1.00 19.22 ? 4   LEU A CD2 1 
ATOM   34   N N   . GLN A 1 5   ? 7.297   6.789   -3.939  1.00 17.53 ? 5   GLN A N   1 
ATOM   35   C CA  . GLN A 1 5   ? 8.190   5.732   -3.503  1.00 20.73 ? 5   GLN A CA  1 
ATOM   36   C C   . GLN A 1 5   ? 7.747   5.118   -2.209  1.00 16.16 ? 5   GLN A C   1 
ATOM   37   O O   . GLN A 1 5   ? 7.477   5.812   -1.247  1.00 18.33 ? 5   GLN A O   1 
ATOM   38   C CB  . GLN A 1 5   ? 9.663   6.123   -3.419  1.00 24.12 ? 5   GLN A CB  1 
ATOM   39   C CG  . GLN A 1 5   ? 10.649  4.933   -3.052  1.00 25.29 ? 5   GLN A CG  1 
ATOM   40   C CD  . GLN A 1 5   ? 10.475  3.595   -3.871  1.00 30.05 ? 5   GLN A CD  1 
ATOM   41   O OE1 . GLN A 1 5   ? 10.430  2.454   -3.287  1.00 30.46 ? 5   GLN A OE1 1 
ATOM   42   N NE2 . GLN A 1 5   ? 10.391  3.724   -5.195  1.00 21.69 ? 5   GLN A NE2 1 
ATOM   43   N N   . GLU A 1 6   ? 7.725   3.802   -2.227  1.00 16.24 ? 6   GLU A N   1 
ATOM   44   C CA  . GLU A 1 6   ? 7.296   3.002   -1.094  1.00 16.17 ? 6   GLU A CA  1 
ATOM   45   C C   . GLU A 1 6   ? 8.436   2.713   -0.157  1.00 15.63 ? 6   GLU A C   1 
ATOM   46   O O   . GLU A 1 6   ? 9.589   2.557   -0.581  1.00 18.82 ? 6   GLU A O   1 
ATOM   47   C CB  . GLU A 1 6   ? 6.811   1.652   -1.586  1.00 16.16 ? 6   GLU A CB  1 
ATOM   48   C CG  . GLU A 1 6   ? 5.622   1.738   -2.562  1.00 16.63 ? 6   GLU A CG  1 
ATOM   49   C CD  . GLU A 1 6   ? 6.030   1.955   -4.004  1.00 17.13 ? 6   GLU A CD  1 
ATOM   50   O OE1 . GLU A 1 6   ? 5.135   1.919   -4.877  1.00 17.05 ? 6   GLU A OE1 1 
ATOM   51   O OE2 . GLU A 1 6   ? 7.193   2.183   -4.346  1.00 17.72 ? 6   GLU A OE2 1 
ATOM   52   N N   . SER A 1 7   ? 8.087   2.631   1.118   1.00 15.12 ? 7   SER A N   1 
ATOM   53   C CA  . SER A 1 7   ? 9.049   2.183   2.120   1.00 15.52 ? 7   SER A CA  1 
ATOM   54   C C   . SER A 1 7   ? 8.309   1.443   3.198   1.00 15.58 ? 7   SER A C   1 
ATOM   55   O O   . SER A 1 7   ? 7.060   1.406   3.234   1.00 16.04 ? 7   SER A O   1 
ATOM   56   C CB  . SER A 1 7   ? 9.743   3.393   2.753   1.00 10.68 ? 7   SER A CB  1 
ATOM   57   O OG  A SER A 1 7   ? 8.859   4.265   3.326   0.50 18.00 ? 7   SER A OG  1 
ATOM   58   O OG  B SER A 1 7   ? 10.270  4.326   1.850   0.50 17.77 ? 7   SER A OG  1 
ATOM   59   N N   . GLY A 1 8   ? 9.080   0.844   4.113   1.00 16.65 ? 8   GLY A N   1 
ATOM   60   C CA  . GLY A 1 8   ? 8.510   0.288   5.328   1.00 16.29 ? 8   GLY A CA  1 
ATOM   61   C C   . GLY A 1 8   ? 8.432   -1.221  5.362   1.00 16.39 ? 8   GLY A C   1 
ATOM   62   O O   . GLY A 1 8   ? 8.067   -1.769  6.399   1.00 20.32 ? 8   GLY A O   1 
ATOM   63   N N   . GLY A 1 9   ? 8.740   -1.881  4.250   1.00 17.02 ? 9   GLY A N   1 
ATOM   64   C CA  . GLY A 1 9   ? 8.687   -3.337  4.220   1.00 19.68 ? 9   GLY A CA  1 
ATOM   65   C C   . GLY A 1 9   ? 9.823   -3.930  5.031   1.00 19.66 ? 9   GLY A C   1 
ATOM   66   O O   . GLY A 1 9   ? 10.627  -3.219  5.646   1.00 21.22 ? 9   GLY A O   1 
ATOM   67   N N   . GLY A 1 10  ? 9.869   -5.247  5.052   1.00 16.88 ? 10  GLY A N   1 
ATOM   68   C CA  . GLY A 1 10  ? 10.937  -5.942  5.745   1.00 15.93 ? 10  GLY A CA  1 
ATOM   69   C C   . GLY A 1 10  ? 10.531  -7.342  6.043   1.00 16.11 ? 10  GLY A C   1 
ATOM   70   O O   . GLY A 1 10  ? 9.498   -7.839  5.572   1.00 17.52 ? 10  GLY A O   1 
ATOM   71   N N   . LEU A 1 11  ? 11.389  -8.027  6.791   1.00 17.85 ? 11  LEU A N   1 
ATOM   72   C CA  . LEU A 1 11  ? 11.142  -9.382  7.221   1.00 16.45 ? 11  LEU A CA  1 
ATOM   73   C C   . LEU A 1 11  ? 10.362  -9.355  8.516   1.00 18.44 ? 11  LEU A C   1 
ATOM   74   O O   . LEU A 1 11  ? 10.735  -8.660  9.476   1.00 22.77 ? 11  LEU A O   1 
ATOM   75   C CB  . LEU A 1 11  ? 12.501  -10.083 7.418   1.00 18.55 ? 11  LEU A CB  1 
ATOM   76   C CG  . LEU A 1 11  ? 12.469  -11.575 7.693   1.00 19.47 ? 11  LEU A CG  1 
ATOM   77   C CD1 . LEU A 1 11  ? 12.008  -12.319 6.473   1.00 21.04 ? 11  LEU A CD1 1 
ATOM   78   C CD2 . LEU A 1 11  ? 13.882  -12.008 8.013   1.00 22.46 ? 11  LEU A CD2 1 
ATOM   79   N N   . VAL A 1 12  ? 9.235   -10.068 8.560   1.00 16.69 ? 12  VAL A N   1 
ATOM   80   C CA  . VAL A 1 12  ? 8.350   -9.980  9.708   1.00 19.77 ? 12  VAL A CA  1 
ATOM   81   C C   . VAL A 1 12  ? 7.834   -11.366 10.053  1.00 18.79 ? 12  VAL A C   1 
ATOM   82   O O   . VAL A 1 12  ? 7.712   -12.205 9.188   1.00 20.26 ? 12  VAL A O   1 
ATOM   83   C CB  . VAL A 1 12  ? 7.217   -8.956  9.399   1.00 15.79 ? 12  VAL A CB  1 
ATOM   84   C CG1 A VAL A 1 12  ? 6.386   -9.393  8.191   0.50 17.24 ? 12  VAL A CG1 1 
ATOM   85   C CG1 B VAL A 1 12  ? 6.025   -9.138  10.327  0.50 24.61 ? 12  VAL A CG1 1 
ATOM   86   C CG2 A VAL A 1 12  ? 6.353   -8.699  10.614  0.50 23.05 ? 12  VAL A CG2 1 
ATOM   87   C CG2 B VAL A 1 12  ? 7.769   -7.579  9.519   0.50 22.07 ? 12  VAL A CG2 1 
ATOM   88   N N   . GLN A 1 13  ? 7.513   -11.589 11.322  1.00 19.39 ? 13  GLN A N   1 
ATOM   89   C CA  . GLN A 1 13  ? 6.960   -12.877 11.751  1.00 19.74 ? 13  GLN A CA  1 
ATOM   90   C C   . GLN A 1 13  ? 5.475   -12.988 11.467  1.00 17.97 ? 13  GLN A C   1 
ATOM   91   O O   . GLN A 1 13  ? 4.771   -11.984 11.463  1.00 18.09 ? 13  GLN A O   1 
ATOM   92   C CB  . GLN A 1 13  ? 7.191   -13.056 13.254  1.00 23.68 ? 13  GLN A CB  1 
ATOM   93   C CG  . GLN A 1 13  ? 8.647   -13.276 13.625  1.00 33.35 ? 13  GLN A CG  1 
ATOM   94   C CD  . GLN A 1 13  ? 9.114   -14.675 13.279  1.00 35.22 ? 13  GLN A CD  1 
ATOM   95   O OE1 . GLN A 1 13  ? 8.446   -15.662 13.623  1.00 43.35 ? 13  GLN A OE1 1 
ATOM   96   N NE2 . GLN A 1 13  ? 10.265  -14.774 12.616  1.00 41.75 ? 13  GLN A NE2 1 
ATOM   97   N N   . PRO A 1 14  ? 4.988   -14.204 11.242  1.00 18.15 ? 14  PRO A N   1 
ATOM   98   C CA  . PRO A 1 14  ? 3.536   -14.374 11.119  1.00 16.79 ? 14  PRO A CA  1 
ATOM   99   C C   . PRO A 1 14  ? 2.863   -13.777 12.340  1.00 16.95 ? 14  PRO A C   1 
ATOM   100  O O   . PRO A 1 14  ? 3.344   -13.953 13.469  1.00 17.98 ? 14  PRO A O   1 
ATOM   101  C CB  . PRO A 1 14  ? 3.356   -15.878 11.107  1.00 16.99 ? 14  PRO A CB  1 
ATOM   102  C CG  . PRO A 1 14  ? 4.590   -16.378 10.546  1.00 20.01 ? 14  PRO A CG  1 
ATOM   103  C CD  . PRO A 1 14  ? 5.710   -15.477 11.107  1.00 19.46 ? 14  PRO A CD  1 
ATOM   104  N N   . GLY A 1 15  ? 1.723   -13.137 12.113  1.00 17.74 ? 15  GLY A N   1 
ATOM   105  C CA  . GLY A 1 15  ? 0.942   -12.509 13.150  1.00 18.01 ? 15  GLY A CA  1 
ATOM   106  C C   . GLY A 1 15  ? 1.427   -11.133 13.508  1.00 18.19 ? 15  GLY A C   1 
ATOM   107  O O   . GLY A 1 15  ? 0.789   -10.433 14.309  1.00 22.25 ? 15  GLY A O   1 
ATOM   108  N N   . GLY A 1 16  ? 2.574   -10.747 12.938  1.00 17.58 ? 16  GLY A N   1 
ATOM   109  C CA  . GLY A 1 16  ? 3.195   -9.445  13.141  1.00 19.04 ? 16  GLY A CA  1 
ATOM   110  C C   . GLY A 1 16  ? 2.504   -8.330  12.400  1.00 18.50 ? 16  GLY A C   1 
ATOM   111  O O   . GLY A 1 16  ? 1.524   -8.549  11.671  1.00 19.39 ? 16  GLY A O   1 
ATOM   112  N N   . SER A 1 17  ? 3.001   -7.117  12.625  1.00 19.76 ? 17  SER A N   1 
ATOM   113  C CA  . SER A 1 17  ? 2.488   -5.914  11.966  1.00 19.65 ? 17  SER A CA  1 
ATOM   114  C C   . SER A 1 17  ? 3.644   -5.132  11.352  1.00 18.96 ? 17  SER A C   1 
ATOM   115  O O   . SER A 1 17  ? 4.782   -5.151  11.855  1.00 21.87 ? 17  SER A O   1 
ATOM   116  C CB  . SER A 1 17  ? 1.769   -5.004  12.973  1.00 16.83 ? 17  SER A CB  1 
ATOM   117  O OG  A SER A 1 17  ? 0.555   -5.539  13.474  0.50 19.72 ? 17  SER A OG  1 
ATOM   118  O OG  B SER A 1 17  ? 2.650   -4.632  14.013  0.50 22.52 ? 17  SER A OG  1 
ATOM   119  N N   . LEU A 1 18  ? 3.354   -4.390  10.289  1.00 19.55 ? 18  LEU A N   1 
ATOM   120  C CA  . LEU A 1 18  ? 4.314   -3.484  9.666   1.00 18.96 ? 18  LEU A CA  1 
ATOM   121  C C   . LEU A 1 18  ? 3.496   -2.334  9.164   1.00 18.71 ? 18  LEU A C   1 
ATOM   122  O O   . LEU A 1 18  ? 2.349   -2.532  8.806   1.00 18.32 ? 18  LEU A O   1 
ATOM   123  C CB  . LEU A 1 18  ? 4.941   -4.113  8.431   1.00 24.08 ? 18  LEU A CB  1 
ATOM   124  C CG  . LEU A 1 18  ? 6.026   -5.154  8.478   1.00 29.24 ? 18  LEU A CG  1 
ATOM   125  C CD1 . LEU A 1 18  ? 6.398   -5.509  7.034   1.00 31.10 ? 18  LEU A CD1 1 
ATOM   126  C CD2 . LEU A 1 18  ? 7.237   -4.597  9.227   1.00 31.07 ? 18  LEU A CD2 1 
ATOM   127  N N   . ARG A 1 19  ? 4.117   -1.176  9.007   1.00 15.63 ? 19  ARG A N   1 
ATOM   128  C CA  . ARG A 1 19  ? 3.408   -0.080  8.384   1.00 14.18 ? 19  ARG A CA  1 
ATOM   129  C C   . ARG A 1 19  ? 4.210   0.352   7.160   1.00 15.83 ? 19  ARG A C   1 
ATOM   130  O O   . ARG A 1 19  ? 5.386   0.654   7.258   1.00 18.11 ? 19  ARG A O   1 
ATOM   131  C CB  . ARG A 1 19  ? 3.177   1.117   9.334   1.00 17.69 ? 19  ARG A CB  1 
ATOM   132  C CG  . ARG A 1 19  ? 2.344   2.218   8.679   1.00 20.12 ? 19  ARG A CG  1 
ATOM   133  C CD  . ARG A 1 19  ? 2.318   3.513   9.498   1.00 27.45 ? 19  ARG A CD  1 
ATOM   134  N NE  . ARG A 1 19  ? 3.623   4.217   9.471   1.00 34.57 ? 19  ARG A NE  1 
ATOM   135  C CZ  . ARG A 1 19  ? 3.838   5.452   9.970   1.00 37.07 ? 19  ARG A CZ  1 
ATOM   136  N NH1 . ARG A 1 19  ? 2.831   6.102   10.545  0.00 34.87 ? 19  ARG A NH1 1 
ATOM   137  N NH2 . ARG A 1 19  ? 5.046   6.003   9.905   1.00 40.27 ? 19  ARG A NH2 1 
ATOM   138  N N   . LEU A 1 20  ? 3.572   0.329   5.994   1.00 15.15 ? 20  LEU A N   1 
ATOM   139  C CA  . LEU A 1 20  ? 4.225   0.809   4.785   1.00 14.75 ? 20  LEU A CA  1 
ATOM   140  C C   . LEU A 1 20  ? 3.881   2.286   4.579   1.00 15.46 ? 20  LEU A C   1 
ATOM   141  O O   . LEU A 1 20  ? 2.821   2.771   4.999   1.00 13.60 ? 20  LEU A O   1 
ATOM   142  C CB  . LEU A 1 20  ? 3.704   0.070   3.571   1.00 14.35 ? 20  LEU A CB  1 
ATOM   143  C CG  . LEU A 1 20  ? 3.770   -1.452  3.637   1.00 13.76 ? 20  LEU A CG  1 
ATOM   144  C CD1 . LEU A 1 20  ? 3.439   -2.091  2.294   1.00 15.92 ? 20  LEU A CD1 1 
ATOM   145  C CD2 . LEU A 1 20  ? 5.160   -1.937  4.136   1.00 16.07 ? 20  LEU A CD2 1 
ATOM   146  N N   . SER A 1 21  ? 4.813   2.985   3.940   1.00 15.70 ? 21  SER A N   1 
ATOM   147  C CA  . SER A 1 21  ? 4.634   4.376   3.576   1.00 17.45 ? 21  SER A CA  1 
ATOM   148  C C   . SER A 1 21  ? 4.822   4.541   2.087   1.00 15.91 ? 21  SER A C   1 
ATOM   149  O O   . SER A 1 21  ? 5.507   3.780   1.454   1.00 16.27 ? 21  SER A O   1 
ATOM   150  C CB  . SER A 1 21  ? 5.728   5.218   4.243   1.00 22.77 ? 21  SER A CB  1 
ATOM   151  O OG  A SER A 1 21  ? 5.808   4.937   5.625   0.50 36.91 ? 21  SER A OG  1 
ATOM   152  O OG  B SER A 1 21  ? 5.459   5.330   5.624   0.50 37.13 ? 21  SER A OG  1 
ATOM   153  N N   . CYS A 1 22  ? 4.215   5.589   1.548   1.00 15.56 ? 22  CYS A N   1 
ATOM   154  C CA  . CYS A 1 22  ? 4.432   5.933   0.161   1.00 16.44 ? 22  CYS A CA  1 
ATOM   155  C C   . CYS A 1 22  ? 4.500   7.436   0.105   1.00 16.21 ? 22  CYS A C   1 
ATOM   156  O O   . CYS A 1 22  ? 3.541   8.093   0.448   1.00 16.96 ? 22  CYS A O   1 
ATOM   157  C CB  . CYS A 1 22  ? 3.238   5.381   -0.589  1.00 16.76 ? 22  CYS A CB  1 
ATOM   158  S SG  . CYS A 1 22  ? 3.018   6.062   -2.224  1.00 22.47 ? 22  CYS A SG  1 
ATOM   159  N N   . ALA A 1 23  ? 5.662   7.956   -0.272  1.00 17.86 ? 23  ALA A N   1 
ATOM   160  C CA  . ALA A 1 23  ? 5.902   9.401   -0.315  1.00 18.36 ? 23  ALA A CA  1 
ATOM   161  C C   . ALA A 1 23  ? 5.614   9.857   -1.757  1.00 16.47 ? 23  ALA A C   1 
ATOM   162  O O   . ALA A 1 23  ? 6.141   9.282   -2.723  1.00 19.03 ? 23  ALA A O   1 
ATOM   163  C CB  . ALA A 1 23  ? 7.353   9.718   0.075   1.00 20.60 ? 23  ALA A CB  1 
ATOM   164  N N   . ALA A 1 24  ? 4.744   10.852  -1.841  1.00 17.50 ? 24  ALA A N   1 
ATOM   165  C CA  . ALA A 1 24  ? 4.319   11.373  -3.107  1.00 18.01 ? 24  ALA A CA  1 
ATOM   166  C C   . ALA A 1 24  ? 4.789   12.770  -3.399  1.00 20.20 ? 24  ALA A C   1 
ATOM   167  O O   . ALA A 1 24  ? 4.830   13.617  -2.518  1.00 22.12 ? 24  ALA A O   1 
ATOM   168  C CB  . ALA A 1 24  ? 2.801   11.354  -3.211  1.00 19.26 ? 24  ALA A CB  1 
ATOM   169  N N   . SER A 1 25  ? 5.217   13.015  -4.616  1.00 20.77 ? 25  SER A N   1 
ATOM   170  C CA  . SER A 1 25  ? 5.466   14.383  -5.034  1.00 22.70 ? 25  SER A CA  1 
ATOM   171  C C   . SER A 1 25  ? 5.179   14.554  -6.508  1.00 20.67 ? 25  SER A C   1 
ATOM   172  O O   . SER A 1 25  ? 4.982   13.591  -7.272  1.00 19.61 ? 25  SER A O   1 
ATOM   173  C CB  . SER A 1 25  ? 6.907   14.805  -4.729  1.00 24.75 ? 25  SER A CB  1 
ATOM   174  O OG  . SER A 1 25  ? 7.789   14.000  -5.465  1.00 27.08 ? 25  SER A OG  1 
ATOM   175  N N   . GLY A 1 26  ? 5.183   15.809  -6.924  1.00 22.83 ? 26  GLY A N   1 
ATOM   176  C CA  . GLY A 1 26  ? 5.057   16.120  -8.335  1.00 21.95 ? 26  GLY A CA  1 
ATOM   177  C C   . GLY A 1 26  ? 3.626   16.169  -8.810  1.00 21.55 ? 26  GLY A C   1 
ATOM   178  O O   . GLY A 1 26  ? 3.391   16.274  -10.023 1.00 25.00 ? 26  GLY A O   1 
ATOM   179  N N   . PHE A 1 27  ? 2.672   16.053  -7.880  1.00 20.30 ? 27  PHE A N   1 
ATOM   180  C CA  . PHE A 1 27  ? 1.241   16.209  -8.186  1.00 18.22 ? 27  PHE A CA  1 
ATOM   181  C C   . PHE A 1 27  ? 0.573   16.594  -6.884  1.00 21.79 ? 27  PHE A C   1 
ATOM   182  O O   . PHE A 1 27  ? 1.187   16.513  -5.806  1.00 22.37 ? 27  PHE A O   1 
ATOM   183  C CB  . PHE A 1 27  ? 0.600   14.930  -8.793  1.00 21.61 ? 27  PHE A CB  1 
ATOM   184  C CG  . PHE A 1 27  ? 0.553   13.745  -7.856  1.00 18.77 ? 27  PHE A CG  1 
ATOM   185  C CD1 . PHE A 1 27  ? -0.649  13.361  -7.278  1.00 19.53 ? 27  PHE A CD1 1 
ATOM   186  C CD2 . PHE A 1 27  ? 1.704   13.020  -7.572  1.00 18.55 ? 27  PHE A CD2 1 
ATOM   187  C CE1 . PHE A 1 27  ? -0.715  12.271  -6.445  1.00 19.30 ? 27  PHE A CE1 1 
ATOM   188  C CE2 . PHE A 1 27  ? 1.659   11.913  -6.691  1.00 18.90 ? 27  PHE A CE2 1 
ATOM   189  C CZ  . PHE A 1 27  ? 0.437   11.543  -6.133  1.00 19.60 ? 27  PHE A CZ  1 
ATOM   190  N N   . THR A 1 28  ? -0.688  17.001  -6.954  1.00 20.08 ? 28  THR A N   1 
ATOM   191  C CA  . THR A 1 28  ? -1.392  17.401  -5.754  1.00 19.43 ? 28  THR A CA  1 
ATOM   192  C C   . THR A 1 28  ? -1.971  16.179  -5.095  1.00 20.20 ? 28  THR A C   1 
ATOM   193  O O   . THR A 1 28  ? -3.043  15.710  -5.441  1.00 20.34 ? 28  THR A O   1 
ATOM   194  C CB  . THR A 1 28  ? -2.494  18.405  -6.068  1.00 18.57 ? 28  THR A CB  1 
ATOM   195  O OG1 . THR A 1 28  ? -1.889  19.531  -6.736  1.00 21.93 ? 28  THR A OG1 1 
ATOM   196  C CG2 . THR A 1 28  ? -3.118  18.946  -4.812  1.00 21.36 ? 28  THR A CG2 1 
ATOM   197  N N   . PHE A 1 29  ? -1.210  15.668  -4.147  1.00 20.45 ? 29  PHE A N   1 
ATOM   198  C CA  . PHE A 1 29  ? -1.573  14.426  -3.482  1.00 20.03 ? 29  PHE A CA  1 
ATOM   199  C C   . PHE A 1 29  ? -2.964  14.458  -2.908  1.00 21.27 ? 29  PHE A C   1 
ATOM   200  O O   . PHE A 1 29  ? -3.705  13.500  -3.071  1.00 20.46 ? 29  PHE A O   1 
ATOM   201  C CB  . PHE A 1 29  ? -0.539  14.199  -2.392  1.00 19.22 ? 29  PHE A CB  1 
ATOM   202  C CG  . PHE A 1 29  ? -0.761  12.947  -1.573  1.00 17.97 ? 29  PHE A CG  1 
ATOM   203  C CD1 . PHE A 1 29  ? -0.463  11.693  -2.087  1.00 17.84 ? 29  PHE A CD1 1 
ATOM   204  C CD2 . PHE A 1 29  ? -1.230  13.046  -0.274  1.00 18.58 ? 29  PHE A CD2 1 
ATOM   205  C CE1 . PHE A 1 29  ? -0.648  10.567  -1.333  1.00 19.01 ? 29  PHE A CE1 1 
ATOM   206  C CE2 . PHE A 1 29  ? -1.413  11.913  0.502   1.00 18.63 ? 29  PHE A CE2 1 
ATOM   207  C CZ  . PHE A 1 29  ? -1.108  10.664  -0.046  1.00 16.56 ? 29  PHE A CZ  1 
ATOM   208  N N   . SER A 1 30  ? -3.274  15.536  -2.188  1.00 21.35 ? 30  SER A N   1 
ATOM   209  C CA  . SER A 1 30  ? -4.551  15.670  -1.490  1.00 23.32 ? 30  SER A CA  1 
ATOM   210  C C   . SER A 1 30  ? -5.787  15.627  -2.406  1.00 23.44 ? 30  SER A C   1 
ATOM   211  O O   . SER A 1 30  ? -6.902  15.401  -1.937  1.00 26.04 ? 30  SER A O   1 
ATOM   212  C CB  . SER A 1 30  ? -4.580  16.960  -0.666  1.00 24.89 ? 30  SER A CB  1 
ATOM   213  O OG  . SER A 1 30  ? -4.174  18.084  -1.437  1.00 28.33 ? 30  SER A OG  1 
ATOM   214  N N   . ASN A 1 31  ? -5.564  15.804  -3.743  1.00 22.57 ? 31  ASN A N   1 
ATOM   215  C CA  . ASN A 1 31  ? -6.676  15.810  -4.702  1.00 22.45 ? 31  ASN A CA  1 
ATOM   216  C C   . ASN A 1 31  ? -6.827  14.463  -5.398  1.00 25.15 ? 31  ASN A C   1 
ATOM   217  O O   . ASN A 1 31  ? -7.731  14.273  -6.207  1.00 26.16 ? 31  ASN A O   1 
ATOM   218  C CB  . ASN A 1 31  ? -6.456  16.891  -5.762  1.00 22.98 ? 31  ASN A CB  1 
ATOM   219  C CG  . ASN A 1 31  ? -6.813  18.263  -5.237  1.00 25.53 ? 31  ASN A CG  1 
ATOM   220  O OD1 . ASN A 1 31  ? -7.275  18.397  -4.098  1.00 28.02 ? 31  ASN A OD1 1 
ATOM   221  N ND2 . ASN A 1 31  ? -6.595  19.286  -6.049  1.00 28.19 ? 31  ASN A ND2 1 
ATOM   222  N N   . SER A 1 32  ? -5.943  13.530  -5.059  1.00 22.14 ? 32  SER A N   1 
ATOM   223  C CA  . SER A 1 32  ? -5.909  12.241  -5.707  1.00 20.63 ? 32  SER A CA  1 
ATOM   224  C C   . SER A 1 32  ? -6.344  11.046  -4.849  1.00 18.44 ? 32  SER A C   1 
ATOM   225  O O   . SER A 1 32  ? -5.916  10.940  -3.703  1.00 17.98 ? 32  SER A O   1 
ATOM   226  C CB  . SER A 1 32  ? -4.487  12.010  -6.247  1.00 21.39 ? 32  SER A CB  1 
ATOM   227  O OG  . SER A 1 32  ? -4.415  10.831  -7.035  1.00 26.14 ? 32  SER A OG  1 
ATOM   228  N N   . ALA A 1 33  ? -7.167  10.171  -5.390  1.00 16.61 ? 33  ALA A N   1 
ATOM   229  C CA  . ALA A 1 33  ? -7.470  8.963   -4.684  1.00 15.94 ? 33  ALA A CA  1 
ATOM   230  C C   . ALA A 1 33  ? -6.177  8.174   -4.801  1.00 14.43 ? 33  ALA A C   1 
ATOM   231  O O   . ALA A 1 33  ? -5.419  8.339   -5.748  1.00 16.00 ? 33  ALA A O   1 
ATOM   232  C CB  . ALA A 1 33  ? -8.625  8.186   -5.309  1.00 16.52 ? 33  ALA A CB  1 
ATOM   233  N N   . MET A 1 34  ? -5.938  7.290   -3.847  1.00 14.85 ? 34  MET A N   1 
ATOM   234  C CA  . MET A 1 34  ? -4.708  6.518   -3.854  1.00 13.44 ? 34  MET A CA  1 
ATOM   235  C C   . MET A 1 34  ? -5.012  5.077   -3.534  1.00 13.40 ? 34  MET A C   1 
ATOM   236  O O   . MET A 1 34  ? -6.081  4.752   -2.990  1.00 14.16 ? 34  MET A O   1 
ATOM   237  C CB  . MET A 1 34  ? -3.745  7.050   -2.802  1.00 14.24 ? 34  MET A CB  1 
ATOM   238  C CG  . MET A 1 34  ? -3.263  8.476   -2.977  1.00 15.47 ? 34  MET A CG  1 
ATOM   239  S SD  . MET A 1 34  ? -2.157  8.748   -4.370  1.00 20.35 ? 34  MET A SD  1 
ATOM   240  C CE  . MET A 1 34  ? -0.727  7.650   -3.893  1.00 18.89 ? 34  MET A CE  1 
ATOM   241  N N   . SER A 1 35  ? -4.076  4.184   -3.879  1.00 11.75 ? 35  SER A N   1 
ATOM   242  C CA  . SER A 1 35  ? -4.319  2.792   -3.640  1.00 12.14 ? 35  SER A CA  1 
ATOM   243  C C   . SER A 1 35  ? -2.999  2.042   -3.396  1.00 12.26 ? 35  SER A C   1 
ATOM   244  O O   . SER A 1 35  ? -1.907  2.577   -3.649  1.00 13.20 ? 35  SER A O   1 
ATOM   245  C CB  . SER A 1 35  ? -5.151  2.168   -4.820  1.00 13.65 ? 35  SER A CB  1 
ATOM   246  O OG  . SER A 1 35  ? -4.545  2.515   -6.061  1.00 14.57 ? 35  SER A OG  1 
ATOM   247  N N   . TRP A 1 36  ? -3.161  0.819   -2.918  1.00 13.45 ? 36  TRP A N   1 
ATOM   248  C CA  . TRP A 1 36  ? -2.053  -0.100  -2.809  1.00 12.58 ? 36  TRP A CA  1 
ATOM   249  C C   . TRP A 1 36  ? -2.373  -1.350  -3.618  1.00 12.18 ? 36  TRP A C   1 
ATOM   250  O O   . TRP A 1 36  ? -3.539  -1.785  -3.641  1.00 14.00 ? 36  TRP A O   1 
ATOM   251  C CB  . TRP A 1 36  ? -1.845  -0.549  -1.350  1.00 13.72 ? 36  TRP A CB  1 
ATOM   252  C CG  . TRP A 1 36  ? -1.287  0.517   -0.457  1.00 12.80 ? 36  TRP A CG  1 
ATOM   253  C CD1 . TRP A 1 36  ? -1.975  1.315   0.397   1.00 14.31 ? 36  TRP A CD1 1 
ATOM   254  C CD2 . TRP A 1 36  ? 0.101   0.818   -0.256  1.00 13.25 ? 36  TRP A CD2 1 
ATOM   255  N NE1 . TRP A 1 36  ? -1.116  2.159   1.074   1.00 14.75 ? 36  TRP A NE1 1 
ATOM   256  C CE2 . TRP A 1 36  ? 0.157   1.885   0.680   1.00 11.83 ? 36  TRP A CE2 1 
ATOM   257  C CE3 . TRP A 1 36  ? 1.287   0.324   -0.802  1.00 12.96 ? 36  TRP A CE3 1 
ATOM   258  C CZ2 . TRP A 1 36  ? 1.377   2.436   1.126   1.00 14.45 ? 36  TRP A CZ2 1 
ATOM   259  C CZ3 . TRP A 1 36  ? 2.518   0.911   -0.376  1.00 13.67 ? 36  TRP A CZ3 1 
ATOM   260  C CH2 . TRP A 1 36  ? 2.519   1.952   0.571   1.00 14.49 ? 36  TRP A CH2 1 
ATOM   261  N N   . VAL A 1 37  ? -1.325  -1.958  -4.214  1.00 13.02 ? 37  VAL A N   1 
ATOM   262  C CA  . VAL A 1 37  ? -1.431  -3.191  -4.951  1.00 13.80 ? 37  VAL A CA  1 
ATOM   263  C C   . VAL A 1 37  ? -0.221  -4.019  -4.557  1.00 14.88 ? 37  VAL A C   1 
ATOM   264  O O   . VAL A 1 37  ? 0.773   -3.451  -4.103  1.00 15.80 ? 37  VAL A O   1 
ATOM   265  C CB  . VAL A 1 37  ? -1.470  -2.888  -6.484  1.00 16.74 ? 37  VAL A CB  1 
ATOM   266  C CG1 A VAL A 1 37  ? -0.159  -2.272  -6.987  0.50 18.08 ? 37  VAL A CG1 1 
ATOM   267  C CG1 B VAL A 1 37  ? -1.506  -4.175  -7.298  0.50 28.70 ? 37  VAL A CG1 1 
ATOM   268  C CG2 A VAL A 1 37  ? -1.894  -4.087  -7.285  0.50 26.75 ? 37  VAL A CG2 1 
ATOM   269  C CG2 B VAL A 1 37  ? -2.645  -2.067  -6.809  0.50 26.63 ? 37  VAL A CG2 1 
ATOM   270  N N   . ARG A 1 38  ? -0.295  -5.319  -4.706  1.00 13.47 ? 38  ARG A N   1 
ATOM   271  C CA  . ARG A 1 38  ? 0.863   -6.141  -4.355  1.00 13.77 ? 38  ARG A CA  1 
ATOM   272  C C   . ARG A 1 38  ? 1.094   -7.228  -5.364  1.00 18.65 ? 38  ARG A C   1 
ATOM   273  O O   . ARG A 1 38  ? 0.161   -7.668  -6.043  1.00 14.44 ? 38  ARG A O   1 
ATOM   274  C CB  . ARG A 1 38  ? 0.698   -6.748  -2.959  1.00 16.16 ? 38  ARG A CB  1 
ATOM   275  C CG  . ARG A 1 38  ? -0.500  -7.672  -2.833  1.00 13.32 ? 38  ARG A CG  1 
ATOM   276  C CD  . ARG A 1 38  ? -0.662  -8.188  -1.427  1.00 14.37 ? 38  ARG A CD  1 
ATOM   277  N NE  . ARG A 1 38  ? -1.733  -9.161  -1.331  1.00 14.54 ? 38  ARG A NE  1 
ATOM   278  C CZ  . ARG A 1 38  ? -2.064  -9.721  -0.183  1.00 14.04 ? 38  ARG A CZ  1 
ATOM   279  N NH1 . ARG A 1 38  ? -1.410  -9.397  0.927   1.00 14.09 ? 38  ARG A NH1 1 
ATOM   280  N NH2 . ARG A 1 38  ? -3.047  -10.623 -0.122  1.00 15.92 ? 38  ARG A NH2 1 
ATOM   281  N N   . GLN A 1 39  ? 2.328   -7.683  -5.467  1.00 16.31 ? 39  GLN A N   1 
ATOM   282  C CA  . GLN A 1 39  ? 2.639   -8.759  -6.396  1.00 18.49 ? 39  GLN A CA  1 
ATOM   283  C C   . GLN A 1 39  ? 3.621   -9.694  -5.799  1.00 21.29 ? 39  GLN A C   1 
ATOM   284  O O   . GLN A 1 39  ? 4.700   -9.285  -5.366  1.00 23.23 ? 39  GLN A O   1 
ATOM   285  C CB  . GLN A 1 39  ? 3.190   -8.192  -7.729  1.00 21.01 ? 39  GLN A CB  1 
ATOM   286  C CG  . GLN A 1 39  ? 3.712   -9.171  -8.780  1.00 26.86 ? 39  GLN A CG  1 
ATOM   287  C CD  . GLN A 1 39  ? 4.029   -8.441  -10.068 1.00 25.72 ? 39  GLN A CD  1 
ATOM   288  O OE1 . GLN A 1 39  ? 4.055   -7.221  -10.108 1.00 25.40 ? 39  GLN A OE1 1 
ATOM   289  N NE2 . GLN A 1 39  ? 4.300   -8.984  -11.254 0.00 39.26 ? 39  GLN A NE2 1 
ATOM   290  N N   . ALA A 1 40  ? 3.277   -10.972 -5.744  1.00 21.73 ? 40  ALA A N   1 
ATOM   291  C CA  . ALA A 1 40  ? 4.238   -11.970 -5.305  1.00 27.67 ? 40  ALA A CA  1 
ATOM   292  C C   . ALA A 1 40  ? 4.825   -12.518 -6.592  1.00 31.51 ? 40  ALA A C   1 
ATOM   293  O O   . ALA A 1 40  ? 4.159   -12.570 -7.638  1.00 27.40 ? 40  ALA A O   1 
ATOM   294  C CB  . ALA A 1 40  ? 3.594   -13.081 -4.465  1.00 27.68 ? 40  ALA A CB  1 
ATOM   295  N N   . PRO A 1 41  ? 6.125   -12.923 -6.539  1.00 30.71 ? 41  PRO A N   1 
ATOM   296  C CA  . PRO A 1 41  ? 6.846   -13.421 -7.708  1.00 32.45 ? 41  PRO A CA  1 
ATOM   297  C C   . PRO A 1 41  ? 6.074   -14.567 -8.309  1.00 33.86 ? 41  PRO A C   1 
ATOM   298  O O   . PRO A 1 41  ? 5.790   -15.554 -7.650  1.00 34.36 ? 41  PRO A O   1 
ATOM   299  N N   . GLY A 1 42  ? 5.805   -14.444 -9.654  1.00 37.61 ? 42  GLY A N   1 
ATOM   300  C CA  . GLY A 1 42  ? 5.013   -15.405 -10.406 1.00 37.48 ? 42  GLY A CA  1 
ATOM   301  C C   . GLY A 1 42  ? 3.521   -15.459 -10.140 1.00 38.38 ? 42  GLY A C   1 
ATOM   302  O O   . GLY A 1 42  ? 2.799   -16.119 -10.903 1.00 38.26 ? 42  GLY A O   1 
ATOM   303  N N   . LYS A 1 43  ? 3.024   -14.885 -9.024  1.00 35.91 ? 43  LYS A N   1 
ATOM   304  C CA  . LYS A 1 43  ? 1.613   -14.702 -8.809  1.00 32.74 ? 43  LYS A CA  1 
ATOM   305  C C   . LYS A 1 43  ? 1.248   -13.427 -9.475  1.00 29.50 ? 43  LYS A C   1 
ATOM   306  O O   . LYS A 1 43  ? 2.143   -12.680 -9.853  1.00 32.83 ? 43  LYS A O   1 
ATOM   307  C CB  . LYS A 1 43  ? 1.265   -14.650 -7.321  1.00 34.20 ? 43  LYS A CB  1 
ATOM   308  C CG  . LYS A 1 43  ? 1.207   -16.017 -6.652  1.00 39.72 ? 43  LYS A CG  1 
ATOM   309  C CD  . LYS A 1 43  ? 2.273   -16.119 -5.552  1.00 40.02 ? 43  LYS A CD  1 
ATOM   310  C CE  . LYS A 1 43  ? 3.585   -16.678 -6.078  1.00 41.59 ? 43  LYS A CE  1 
ATOM   311  N NZ  . LYS A 1 43  ? 4.698   -16.499 -5.100  1.00 37.43 ? 43  LYS A NZ  1 
ATOM   312  N N   . GLY A 1 44  ? -0.005  -13.122 -9.624  1.00 29.21 ? 44  GLY A N   1 
ATOM   313  C CA  . GLY A 1 44  ? -0.234  -11.878 -10.323 1.00 27.31 ? 44  GLY A CA  1 
ATOM   314  C C   . GLY A 1 44  ? -0.432  -10.704 -9.401  1.00 24.25 ? 44  GLY A C   1 
ATOM   315  O O   . GLY A 1 44  ? -0.411  -10.854 -8.166  1.00 27.36 ? 44  GLY A O   1 
ATOM   316  N N   . LEU A 1 45  ? -0.578  -9.538  -9.961  1.00 17.92 ? 45  LEU A N   1 
ATOM   317  C CA  . LEU A 1 45  ? -0.879  -8.335  -9.206  1.00 16.87 ? 45  LEU A CA  1 
ATOM   318  C C   . LEU A 1 45  ? -2.207  -8.468  -8.523  1.00 17.88 ? 45  LEU A C   1 
ATOM   319  O O   . LEU A 1 45  ? -3.172  -8.988  -9.122  1.00 22.00 ? 45  LEU A O   1 
ATOM   320  C CB  . LEU A 1 45  ? -0.898  -7.104  -10.094 1.00 17.86 ? 45  LEU A CB  1 
ATOM   321  C CG  . LEU A 1 45  ? 0.407   -6.434  -10.468 1.00 20.88 ? 45  LEU A CG  1 
ATOM   322  C CD1 . LEU A 1 45  ? 0.174   -5.466  -11.611 1.00 21.86 ? 45  LEU A CD1 1 
ATOM   323  C CD2 . LEU A 1 45  ? 0.915   -5.614  -9.271  1.00 19.81 ? 45  LEU A CD2 1 
ATOM   324  N N   . GLU A 1 46  ? -2.301  -7.987  -7.281  1.00 15.07 ? 46  GLU A N   1 
ATOM   325  C CA  . GLU A 1 46  ? -3.535  -8.056  -6.543  1.00 15.58 ? 46  GLU A CA  1 
ATOM   326  C C   . GLU A 1 46  ? -3.802  -6.693  -5.931  1.00 16.59 ? 46  GLU A C   1 
ATOM   327  O O   . GLU A 1 46  ? -2.991  -6.199  -5.100  1.00 16.82 ? 46  GLU A O   1 
ATOM   328  C CB  . GLU A 1 46  ? -3.451  -9.108  -5.445  1.00 14.97 ? 46  GLU A CB  1 
ATOM   329  C CG  . GLU A 1 46  ? -4.708  -9.208  -4.600  1.00 16.75 ? 46  GLU A CG  1 
ATOM   330  C CD  . GLU A 1 46  ? -4.601  -10.205 -3.467  1.00 18.12 ? 46  GLU A CD  1 
ATOM   331  O OE1 . GLU A 1 46  ? -3.499  -10.553 -3.054  1.00 20.64 ? 46  GLU A OE1 1 
ATOM   332  O OE2 . GLU A 1 46  ? -5.673  -10.658 -2.971  1.00 22.53 ? 46  GLU A OE2 1 
ATOM   333  N N   . TRP A 1 47  ? -4.921  -6.057  -6.295  1.00 15.38 ? 47  TRP A N   1 
ATOM   334  C CA  . TRP A 1 47  ? -5.307  -4.826  -5.632  1.00 14.02 ? 47  TRP A CA  1 
ATOM   335  C C   . TRP A 1 47  ? -5.550  -5.093  -4.133  1.00 13.51 ? 47  TRP A C   1 
ATOM   336  O O   . TRP A 1 47  ? -6.139  -6.118  -3.737  1.00 14.92 ? 47  TRP A O   1 
ATOM   337  C CB  . TRP A 1 47  ? -6.554  -4.236  -6.333  1.00 15.00 ? 47  TRP A CB  1 
ATOM   338  C CG  . TRP A 1 47  ? -7.136  -3.085  -5.577  1.00 17.59 ? 47  TRP A CG  1 
ATOM   339  C CD1 . TRP A 1 47  ? -6.729  -1.787  -5.620  1.00 18.25 ? 47  TRP A CD1 1 
ATOM   340  C CD2 . TRP A 1 47  ? -8.237  -3.136  -4.670  1.00 17.22 ? 47  TRP A CD2 1 
ATOM   341  N NE1 . TRP A 1 47  ? -7.511  -1.020  -4.791  1.00 19.65 ? 47  TRP A NE1 1 
ATOM   342  C CE2 . TRP A 1 47  ? -8.446  -1.815  -4.194  1.00 17.05 ? 47  TRP A CE2 1 
ATOM   343  C CE3 . TRP A 1 47  ? -9.064  -4.145  -4.215  1.00 18.24 ? 47  TRP A CE3 1 
ATOM   344  C CZ2 . TRP A 1 47  ? -9.468  -1.485  -3.294  1.00 18.09 ? 47  TRP A CZ2 1 
ATOM   345  C CZ3 . TRP A 1 47  ? -10.120 -3.807  -3.325  1.00 22.24 ? 47  TRP A CZ3 1 
ATOM   346  C CH2 . TRP A 1 47  ? -10.281 -2.481  -2.860  1.00 17.80 ? 47  TRP A CH2 1 
ATOM   347  N N   . VAL A 1 48  ? -5.048  -4.162  -3.299  1.00 12.60 ? 48  VAL A N   1 
ATOM   348  C CA  . VAL A 1 48  ? -5.138  -4.339  -1.857  1.00 13.74 ? 48  VAL A CA  1 
ATOM   349  C C   . VAL A 1 48  ? -6.167  -3.402  -1.188  1.00 13.35 ? 48  VAL A C   1 
ATOM   350  O O   . VAL A 1 48  ? -7.006  -3.848  -0.427  1.00 14.89 ? 48  VAL A O   1 
ATOM   351  C CB  . VAL A 1 48  ? -3.697  -4.116  -1.276  1.00 11.88 ? 48  VAL A CB  1 
ATOM   352  C CG1 . VAL A 1 48  ? -3.648  -4.048  0.276   1.00 16.00 ? 48  VAL A CG1 1 
ATOM   353  C CG2 . VAL A 1 48  ? -2.791  -5.197  -1.762  1.00 17.11 ? 48  VAL A CG2 1 
ATOM   354  N N   . SER A 1 49  ? -6.047  -2.103  -1.438  1.00 13.07 ? 49  SER A N   1 
ATOM   355  C CA  . SER A 1 49  ? -6.912  -1.139  -0.732  1.00 12.19 ? 49  SER A CA  1 
ATOM   356  C C   . SER A 1 49  ? -6.839  0.194   -1.472  1.00 13.72 ? 49  SER A C   1 
ATOM   357  O O   . SER A 1 49  ? -5.904  0.487   -2.219  1.00 14.79 ? 49  SER A O   1 
ATOM   358  C CB  . SER A 1 49  ? -6.465  -1.011  0.749   1.00 8.79  ? 49  SER A CB  1 
ATOM   359  O OG  A SER A 1 49  ? -7.372  -0.237  1.521   0.50 11.24 ? 49  SER A OG  1 
ATOM   360  O OG  B SER A 1 49  ? -5.164  -0.539  0.794   0.50 20.52 ? 49  SER A OG  1 
ATOM   361  N N   . SER A 1 50  ? -7.877  1.002   -1.277  1.00 13.22 ? 50  SER A N   1 
ATOM   362  C CA  . SER A 1 50  ? -7.907  2.359   -1.795  1.00 12.27 ? 50  SER A CA  1 
ATOM   363  C C   . SER A 1 50  ? -8.517  3.327   -0.832  1.00 11.34 ? 50  SER A C   1 
ATOM   364  O O   . SER A 1 50  ? -9.236  2.955   0.074   1.00 14.09 ? 50  SER A O   1 
ATOM   365  C CB  . SER A 1 50  ? -8.758  2.499   -3.071  1.00 7.72  ? 50  SER A CB  1 
ATOM   366  O OG  A SER A 1 50  ? -8.441  1.489   -3.990  0.50 13.28 ? 50  SER A OG  1 
ATOM   367  O OG  B SER A 1 50  ? -10.073 2.029   -2.930  0.50 17.62 ? 50  SER A OG  1 
ATOM   368  N N   . ILE A 1 51  ? -8.207  4.580   -1.066  1.00 13.23 ? 51  ILE A N   1 
ATOM   369  C CA  . ILE A 1 51  ? -8.681  5.660   -0.217  1.00 14.08 ? 51  ILE A CA  1 
ATOM   370  C C   . ILE A 1 51  ? -8.965  6.896   -1.042  1.00 13.93 ? 51  ILE A C   1 
ATOM   371  O O   . ILE A 1 51  ? -8.235  7.200   -2.003  1.00 14.47 ? 51  ILE A O   1 
ATOM   372  C CB  . ILE A 1 51  ? -7.637  5.944   0.913   1.00 14.18 ? 51  ILE A CB  1 
ATOM   373  C CG1 . ILE A 1 51  ? -8.125  6.989   1.909   1.00 13.78 ? 51  ILE A CG1 1 
ATOM   374  C CG2 . ILE A 1 51  ? -6.303  6.373   0.308   1.00 16.43 ? 51  ILE A CG2 1 
ATOM   375  C CD1 . ILE A 1 51  ? -7.182  7.188   3.083   1.00 16.29 ? 51  ILE A CD1 1 
ATOM   376  N N   . SER A 1 52  ? -10.018 7.611   -0.693  1.00 13.95 ? 52  SER A N   1 
ATOM   377  C CA  . SER A 1 52  ? -10.391 8.815   -1.409  1.00 15.22 ? 52  SER A CA  1 
ATOM   378  C C   . SER A 1 52  ? -9.404  9.916   -1.120  1.00 15.79 ? 52  SER A C   1 
ATOM   379  O O   . SER A 1 52  ? -8.655  9.833   -0.163  1.00 15.80 ? 52  SER A O   1 
ATOM   380  C CB  . SER A 1 52  ? -11.779 9.257   -0.999  1.00 15.80 ? 52  SER A CB  1 
ATOM   381  O OG  . SER A 1 52  ? -11.784 9.776   0.318   1.00 16.26 ? 52  SER A OG  1 
ATOM   382  N N   . GLY A 1 53  A -9.412  10.951  -1.954  1.00 17.71 ? 52  GLY A N   1 
ATOM   383  C CA  . GLY A 1 53  A -8.477  12.062  -1.797  1.00 16.80 ? 52  GLY A CA  1 
ATOM   384  C C   . GLY A 1 53  A -8.453  12.632  -0.388  1.00 17.18 ? 52  GLY A C   1 
ATOM   385  O O   . GLY A 1 53  A -7.387  12.922  0.152   1.00 19.19 ? 52  GLY A O   1 
ATOM   386  N N   . SER A 1 54  ? -9.639  12.800  0.173   1.00 18.89 ? 53  SER A N   1 
ATOM   387  C CA  . SER A 1 54  ? -9.838  13.406  1.501   1.00 19.53 ? 53  SER A CA  1 
ATOM   388  C C   . SER A 1 54  ? -9.641  12.417  2.634   1.00 19.45 ? 53  SER A C   1 
ATOM   389  O O   . SER A 1 54  ? -9.415  12.807  3.771   1.00 20.45 ? 53  SER A O   1 
ATOM   390  C CB  . SER A 1 54  ? -11.237 14.007  1.604   1.00 21.13 ? 53  SER A CB  1 
ATOM   391  O OG  . SER A 1 54  ? -12.181 13.037  2.037   1.00 22.81 ? 53  SER A OG  1 
ATOM   392  N N   . GLY A 1 55  ? -9.767  11.147  2.355   1.00 16.51 ? 54  GLY A N   1 
ATOM   393  C CA  . GLY A 1 55  ? -9.629  10.130  3.365   1.00 16.28 ? 54  GLY A CA  1 
ATOM   394  C C   . GLY A 1 55  ? -11.001 9.785   3.920   1.00 16.40 ? 54  GLY A C   1 
ATOM   395  O O   . GLY A 1 55  ? -11.124 8.982   4.858   1.00 18.35 ? 54  GLY A O   1 
ATOM   396  N N   . GLY A 1 56  ? -12.047 10.365  3.352   1.00 16.33 ? 55  GLY A N   1 
ATOM   397  C CA  . GLY A 1 56  ? -13.380 10.080  3.856   1.00 16.48 ? 55  GLY A CA  1 
ATOM   398  C C   . GLY A 1 56  ? -13.922 8.697   3.585   1.00 17.76 ? 55  GLY A C   1 
ATOM   399  O O   . GLY A 1 56  ? -14.923 8.314   4.179   1.00 17.45 ? 55  GLY A O   1 
ATOM   400  N N   . ASN A 1 57  ? -13.322 7.969   2.641   1.00 15.98 ? 56  ASN A N   1 
ATOM   401  C CA  . ASN A 1 57  ? -13.783 6.626   2.274   1.00 17.51 ? 56  ASN A CA  1 
ATOM   402  C C   . ASN A 1 57  ? -12.587 5.737   2.001   1.00 15.04 ? 56  ASN A C   1 
ATOM   403  O O   . ASN A 1 57  ? -11.623 6.163   1.350   1.00 15.69 ? 56  ASN A O   1 
ATOM   404  C CB  . ASN A 1 57  ? -14.548 6.580   0.961   1.00 20.03 ? 56  ASN A CB  1 
ATOM   405  C CG  . ASN A 1 57  ? -15.900 7.240   0.979   1.00 25.81 ? 56  ASN A CG  1 
ATOM   406  O OD1 . ASN A 1 57  ? -16.011 8.458   0.964   1.00 24.67 ? 56  ASN A OD1 1 
ATOM   407  N ND2 . ASN A 1 57  ? -16.952 6.441   1.004   1.00 26.05 ? 56  ASN A ND2 1 
ATOM   408  N N   . THR A 1 58  ? -12.612 4.544   2.534   1.00 14.30 ? 57  THR A N   1 
ATOM   409  C CA  . THR A 1 58  ? -11.638 3.526   2.134   1.00 14.82 ? 57  THR A CA  1 
ATOM   410  C C   . THR A 1 58  ? -12.322 2.242   1.756   1.00 14.65 ? 57  THR A C   1 
ATOM   411  O O   . THR A 1 58  ? -13.497 1.980   2.118   1.00 15.38 ? 57  THR A O   1 
ATOM   412  C CB  . THR A 1 58  ? -10.584 3.203   3.250   1.00 15.05 ? 57  THR A CB  1 
ATOM   413  O OG1 . THR A 1 58  ? -11.203 2.400   4.254   1.00 16.05 ? 57  THR A OG1 1 
ATOM   414  C CG2 . THR A 1 58  ? -10.056 4.467   3.913   1.00 16.71 ? 57  THR A CG2 1 
ATOM   415  N N   . TYR A 1 59  ? -11.583 1.438   0.998   1.00 14.27 ? 58  TYR A N   1 
ATOM   416  C CA  . TYR A 1 59  ? -12.045 0.158   0.478   1.00 16.02 ? 58  TYR A CA  1 
ATOM   417  C C   . TYR A 1 59  ? -10.893 -0.829  0.568   1.00 15.08 ? 58  TYR A C   1 
ATOM   418  O O   . TYR A 1 59  ? -9.745  -0.436  0.332   1.00 16.40 ? 58  TYR A O   1 
ATOM   419  C CB  . TYR A 1 59  ? -12.458 0.300   -0.992  1.00 17.65 ? 58  TYR A CB  1 
ATOM   420  C CG  . TYR A 1 59  ? -13.424 1.425   -1.205  1.00 23.15 ? 58  TYR A CG  1 
ATOM   421  C CD1 . TYR A 1 59  ? -12.959 2.727   -1.438  1.00 20.94 ? 58  TYR A CD1 1 
ATOM   422  C CD2 . TYR A 1 59  ? -14.801 1.214   -1.120  1.00 22.70 ? 58  TYR A CD2 1 
ATOM   423  C CE1 . TYR A 1 59  ? -13.849 3.807   -1.593  1.00 25.11 ? 58  TYR A CE1 1 
ATOM   424  C CE2 . TYR A 1 59  ? -15.715 2.302   -1.307  1.00 23.56 ? 58  TYR A CE2 1 
ATOM   425  C CZ  . TYR A 1 59  ? -15.207 3.578   -1.531  1.00 23.33 ? 58  TYR A CZ  1 
ATOM   426  O OH  . TYR A 1 59  ? -16.040 4.674   -1.693  1.00 27.14 ? 58  TYR A OH  1 
ATOM   427  N N   . SER A 1 60  ? -11.174 -2.074  0.935   1.00 14.72 ? 59  SER A N   1 
ATOM   428  C CA  . SER A 1 60  ? -10.137 -3.088  1.009   1.00 16.11 ? 59  SER A CA  1 
ATOM   429  C C   . SER A 1 60  ? -10.567 -4.383  0.384   1.00 17.41 ? 59  SER A C   1 
ATOM   430  O O   . SER A 1 60  ? -11.758 -4.750  0.412   1.00 18.15 ? 59  SER A O   1 
ATOM   431  C CB  . SER A 1 60  ? -9.662  -3.337  2.451   1.00 19.03 ? 59  SER A CB  1 
ATOM   432  O OG  A SER A 1 60  ? -10.683 -3.840  3.224   0.50 17.66 ? 59  SER A OG  1 
ATOM   433  O OG  B SER A 1 60  ? -9.407  -2.153  3.137   0.50 19.80 ? 59  SER A OG  1 
ATOM   434  N N   . ALA A 1 61  ? -9.592  -5.077  -0.180  1.00 16.87 ? 60  ALA A N   1 
ATOM   435  C CA  . ALA A 1 61  ? -9.822  -6.331  -0.839  1.00 16.41 ? 60  ALA A CA  1 
ATOM   436  C C   . ALA A 1 61  ? -10.216 -7.432  0.111   1.00 16.64 ? 60  ALA A C   1 
ATOM   437  O O   . ALA A 1 61  ? -9.852  -7.425  1.280   1.00 16.29 ? 60  ALA A O   1 
ATOM   438  C CB  . ALA A 1 61  ? -8.577  -6.723  -1.614  1.00 18.45 ? 60  ALA A CB  1 
ATOM   439  N N   . ASP A 1 62  ? -10.947 -8.426  -0.398  1.00 17.99 ? 61  ASP A N   1 
ATOM   440  C CA  . ASP A 1 62  ? -11.382 -9.523  0.428   1.00 19.15 ? 61  ASP A CA  1 
ATOM   441  C C   . ASP A 1 62  ? -10.251 -10.253 1.156   1.00 18.47 ? 61  ASP A C   1 
ATOM   442  O O   . ASP A 1 62  ? -10.440 -10.710 2.263   1.00 20.04 ? 61  ASP A O   1 
ATOM   443  C CB  . ASP A 1 62  ? -12.166 -10.515 -0.434  1.00 22.59 ? 61  ASP A CB  1 
ATOM   444  C CG  . ASP A 1 62  ? -13.573 -10.024 -0.772  1.00 27.90 ? 61  ASP A CG  1 
ATOM   445  O OD1 . ASP A 1 62  ? -14.058 -8.972  -0.289  1.00 25.33 ? 61  ASP A OD1 1 
ATOM   446  O OD2 . ASP A 1 62  ? -14.286 -10.679 -1.554  1.00 32.20 ? 61  ASP A OD2 1 
ATOM   447  N N   . SER A 1 63  ? -9.082  -10.332 0.539   1.00 17.25 ? 62  SER A N   1 
ATOM   448  C CA  . SER A 1 63  ? -7.969  -11.050 1.161   1.00 17.28 ? 62  SER A CA  1 
ATOM   449  C C   . SER A 1 63  ? -7.293  -10.337 2.327   1.00 17.33 ? 62  SER A C   1 
ATOM   450  O O   . SER A 1 63  ? -6.581  -10.971 3.099   1.00 18.77 ? 62  SER A O   1 
ATOM   451  C CB  . SER A 1 63  ? -6.887  -11.305 0.125   1.00 18.78 ? 62  SER A CB  1 
ATOM   452  O OG  . SER A 1 63  ? -6.581  -10.065 -0.469  1.00 20.39 ? 62  SER A OG  1 
ATOM   453  N N   . VAL A 1 64  ? -7.557  -9.036  2.461   1.00 15.93 ? 63  VAL A N   1 
ATOM   454  C CA  . VAL A 1 64  ? -6.857  -8.243  3.488   1.00 15.80 ? 63  VAL A CA  1 
ATOM   455  C C   . VAL A 1 64  ? -7.807  -7.453  4.367   1.00 16.04 ? 63  VAL A C   1 
ATOM   456  O O   . VAL A 1 64  ? -7.363  -6.835  5.337   1.00 15.48 ? 63  VAL A O   1 
ATOM   457  C CB  . VAL A 1 64  ? -5.858  -7.256  2.877   1.00 14.25 ? 63  VAL A CB  1 
ATOM   458  C CG1 . VAL A 1 64  ? -4.861  -7.988  1.967   1.00 16.72 ? 63  VAL A CG1 1 
ATOM   459  C CG2 . VAL A 1 64  ? -6.562  -6.109  2.150   1.00 16.06 ? 63  VAL A CG2 1 
ATOM   460  N N   . LYS A 1 65  ? -9.074  -7.383  4.030   1.00 17.38 ? 64  LYS A N   1 
ATOM   461  C CA  . LYS A 1 65  ? -10.009 -6.592  4.827   1.00 17.64 ? 64  LYS A CA  1 
ATOM   462  C C   . LYS A 1 65  ? -10.023 -7.008  6.305   1.00 16.40 ? 64  LYS A C   1 
ATOM   463  O O   . LYS A 1 65  ? -10.071 -8.202  6.637   1.00 17.41 ? 64  LYS A O   1 
ATOM   464  C CB  . LYS A 1 65  ? -11.415 -6.708  4.248   1.00 16.90 ? 64  LYS A CB  1 
ATOM   465  C CG  . LYS A 1 65  ? -11.860 -8.133  4.052   1.00 18.82 ? 64  LYS A CG  1 
ATOM   466  C CD  . LYS A 1 65  ? -13.018 -8.218  3.078   1.00 22.87 ? 64  LYS A CD  1 
ATOM   467  C CE  . LYS A 1 65  ? -13.870 -9.454  3.342   1.00 23.01 ? 64  LYS A CE  1 
ATOM   468  N NZ  . LYS A 1 65  ? -14.994 -9.570  2.375   1.00 26.95 ? 64  LYS A NZ  1 
ATOM   469  N N   . GLY A 1 66  ? -10.040 -5.959  7.120   1.00 15.78 ? 65  GLY A N   1 
ATOM   470  C CA  . GLY A 1 66  ? -9.988  -6.188  8.560   1.00 16.63 ? 65  GLY A CA  1 
ATOM   471  C C   . GLY A 1 66  ? -8.625  -6.480  9.133   1.00 19.99 ? 65  GLY A C   1 
ATOM   472  O O   . GLY A 1 66  ? -8.504  -6.729  10.354  1.00 22.86 ? 65  GLY A O   1 
ATOM   473  N N   . ARG A 1 67  ? -7.624  -6.556  8.268   1.00 14.43 ? 66  ARG A N   1 
ATOM   474  C CA  . ARG A 1 67  ? -6.248  -6.704  8.723   1.00 15.54 ? 66  ARG A CA  1 
ATOM   475  C C   . ARG A 1 67  ? -5.374  -5.578  8.233   1.00 15.44 ? 66  ARG A C   1 
ATOM   476  O O   . ARG A 1 67  ? -4.521  -5.123  8.971   1.00 15.88 ? 66  ARG A O   1 
ATOM   477  C CB  . ARG A 1 67  ? -5.672  -8.003  8.220   1.00 13.89 ? 66  ARG A CB  1 
ATOM   478  C CG  . ARG A 1 67  ? -6.383  -9.217  8.748   1.00 16.58 ? 66  ARG A CG  1 
ATOM   479  C CD  . ARG A 1 67  ? -5.662  -10.504 8.352   1.00 15.78 ? 66  ARG A CD  1 
ATOM   480  N NE  . ARG A 1 67  ? -5.529  -10.569 6.905   1.00 13.91 ? 66  ARG A NE  1 
ATOM   481  C CZ  . ARG A 1 67  ? -4.365  -10.587 6.254   1.00 14.17 ? 66  ARG A CZ  1 
ATOM   482  N NH1 . ARG A 1 67  ? -3.215  -10.550 6.948   1.00 14.88 ? 66  ARG A NH1 1 
ATOM   483  N NH2 . ARG A 1 67  ? -4.338  -10.681 4.931   1.00 14.74 ? 66  ARG A NH2 1 
ATOM   484  N N   . PHE A 1 68  ? -5.586  -5.092  7.016   1.00 14.29 ? 67  PHE A N   1 
ATOM   485  C CA  . PHE A 1 68  ? -4.769  -4.007  6.455   1.00 15.28 ? 67  PHE A CA  1 
ATOM   486  C C   . PHE A 1 68  ? -5.593  -2.731  6.400   1.00 14.78 ? 67  PHE A C   1 
ATOM   487  O O   . PHE A 1 68  ? -6.726  -2.702  5.854   1.00 16.40 ? 67  PHE A O   1 
ATOM   488  C CB  . PHE A 1 68  ? -4.309  -4.330  5.032   1.00 15.82 ? 67  PHE A CB  1 
ATOM   489  C CG  . PHE A 1 68  ? -3.295  -5.450  4.935   1.00 14.90 ? 67  PHE A CG  1 
ATOM   490  C CD1 . PHE A 1 68  ? -2.964  -6.236  6.040   1.00 13.09 ? 67  PHE A CD1 1 
ATOM   491  C CD2 . PHE A 1 68  ? -2.690  -5.704  3.707   1.00 14.76 ? 67  PHE A CD2 1 
ATOM   492  C CE1 . PHE A 1 68  ? -2.055  -7.307  5.906   1.00 14.04 ? 67  PHE A CE1 1 
ATOM   493  C CE2 . PHE A 1 68  ? -1.780  -6.731  3.573   1.00 14.97 ? 67  PHE A CE2 1 
ATOM   494  C CZ  . PHE A 1 68  ? -1.469  -7.540  4.668   1.00 16.64 ? 67  PHE A CZ  1 
ATOM   495  N N   . THR A 1 69  ? -5.020  -1.679  6.967   1.00 13.38 ? 68  THR A N   1 
ATOM   496  C CA  . THR A 1 69  ? -5.671  -0.369  7.086   1.00 13.86 ? 68  THR A CA  1 
ATOM   497  C C   . THR A 1 69  ? -4.944  0.702   6.315   1.00 13.83 ? 68  THR A C   1 
ATOM   498  O O   . THR A 1 69  ? -3.846  1.120   6.702   1.00 13.91 ? 68  THR A O   1 
ATOM   499  C CB  . THR A 1 69  ? -5.678  -0.011  8.576   1.00 15.30 ? 68  THR A CB  1 
ATOM   500  O OG1 . THR A 1 69  ? -6.438  -1.017  9.276   1.00 21.13 ? 68  THR A OG1 1 
ATOM   501  C CG2 . THR A 1 69  ? -6.413  1.264   8.831   1.00 19.50 ? 68  THR A CG2 1 
ATOM   502  N N   . ILE A 1 70  ? -5.570  1.191   5.254   1.00 14.25 ? 69  ILE A N   1 
ATOM   503  C CA  . ILE A 1 70  ? -5.043  2.315   4.497   1.00 13.77 ? 69  ILE A CA  1 
ATOM   504  C C   . ILE A 1 70  ? -5.344  3.606   5.200   1.00 13.99 ? 69  ILE A C   1 
ATOM   505  O O   . ILE A 1 70  ? -6.380  3.813   5.811   1.00 16.48 ? 69  ILE A O   1 
ATOM   506  C CB  . ILE A 1 70  ? -5.569  2.256   3.054   1.00 12.69 ? 69  ILE A CB  1 
ATOM   507  C CG1 . ILE A 1 70  ? -4.776  3.155   2.133   1.00 13.23 ? 69  ILE A CG1 1 
ATOM   508  C CG2 . ILE A 1 70  ? -7.109  2.567   2.985   1.00 14.92 ? 69  ILE A CG2 1 
ATOM   509  C CD1 . ILE A 1 70  ? -5.174  2.914   0.587   1.00 13.52 ? 69  ILE A CD1 1 
ATOM   510  N N   . SER A 1 71  ? -4.406  4.519   5.078   1.00 13.55 ? 70  SER A N   1 
ATOM   511  C CA  . SER A 1 71  ? -4.614  5.887   5.584   1.00 13.56 ? 70  SER A CA  1 
ATOM   512  C C   . SER A 1 71  ? -3.709  6.828   4.817   1.00 12.87 ? 70  SER A C   1 
ATOM   513  O O   . SER A 1 71  ? -2.876  6.385   4.029   1.00 13.27 ? 70  SER A O   1 
ATOM   514  C CB  . SER A 1 71  ? -4.317  5.971   7.083   1.00 15.85 ? 70  SER A CB  1 
ATOM   515  O OG  . SER A 1 71  ? -2.927  5.729   7.324   1.00 14.56 ? 70  SER A OG  1 
ATOM   516  N N   . ARG A 1 72  ? -3.908  8.106   5.035   1.00 14.90 ? 71  ARG A N   1 
ATOM   517  C CA  . ARG A 1 72  ? -3.066  9.080   4.412   1.00 15.67 ? 71  ARG A CA  1 
ATOM   518  C C   . ARG A 1 72  ? -2.876  10.291  5.278   1.00 15.18 ? 71  ARG A C   1 
ATOM   519  O O   . ARG A 1 72  ? -3.650  10.562  6.191   1.00 17.10 ? 71  ARG A O   1 
ATOM   520  C CB  . ARG A 1 72  ? -3.643  9.509   3.058   1.00 16.67 ? 71  ARG A CB  1 
ATOM   521  C CG  . ARG A 1 72  ? -4.934  10.305  3.161   1.00 17.17 ? 71  ARG A CG  1 
ATOM   522  C CD  . ARG A 1 72  ? -5.715  10.298  1.856   1.00 16.90 ? 71  ARG A CD  1 
ATOM   523  N NE  . ARG A 1 72  ? -4.988  11.044  0.831   1.00 16.40 ? 71  ARG A NE  1 
ATOM   524  C CZ  . ARG A 1 72  ? -5.071  10.835  -0.474  1.00 13.89 ? 71  ARG A CZ  1 
ATOM   525  N NH1 . ARG A 1 72  ? -5.868  9.878   -0.922  1.00 16.09 ? 71  ARG A NH1 1 
ATOM   526  N NH2 . ARG A 1 72  ? -4.370  11.585  -1.307  1.00 17.43 ? 71  ARG A NH2 1 
ATOM   527  N N   . ASP A 1 73  ? -1.780  10.992  5.015   1.00 14.10 ? 72  ASP A N   1 
ATOM   528  C CA  . ASP A 1 73  ? -1.558  12.269  5.666   1.00 15.81 ? 72  ASP A CA  1 
ATOM   529  C C   . ASP A 1 73  ? -1.379  13.270  4.558   1.00 17.67 ? 72  ASP A C   1 
ATOM   530  O O   . ASP A 1 73  ? -0.309  13.395  3.949   1.00 19.06 ? 72  ASP A O   1 
ATOM   531  C CB  . ASP A 1 73  ? -0.316  12.160  6.511   1.00 17.73 ? 72  ASP A CB  1 
ATOM   532  C CG  . ASP A 1 73  ? 0.028   13.445  7.230   1.00 20.93 ? 72  ASP A CG  1 
ATOM   533  O OD1 . ASP A 1 73  ? -0.409  14.538  6.831   1.00 21.46 ? 72  ASP A OD1 1 
ATOM   534  O OD2 . ASP A 1 73  ? 0.750   13.436  8.220   1.00 24.56 ? 72  ASP A OD2 1 
ATOM   535  N N   . ASN A 1 74  ? -2.454  14.001  4.290   1.00 17.85 ? 73  ASN A N   1 
ATOM   536  C CA  . ASN A 1 74  ? -2.394  14.954  3.203   1.00 18.97 ? 73  ASN A CA  1 
ATOM   537  C C   . ASN A 1 74  ? -1.414  16.114  3.444   1.00 23.17 ? 73  ASN A C   1 
ATOM   538  O O   . ASN A 1 74  ? -0.803  16.607  2.479   1.00 28.32 ? 73  ASN A O   1 
ATOM   539  C CB  . ASN A 1 74  ? -3.784  15.415  2.826   1.00 19.63 ? 73  ASN A CB  1 
ATOM   540  C CG  . ASN A 1 74  ? -4.547  14.371  2.038   1.00 18.60 ? 73  ASN A CG  1 
ATOM   541  O OD1 . ASN A 1 74  ? -3.950  13.472  1.466   1.00 18.40 ? 73  ASN A OD1 1 
ATOM   542  N ND2 . ASN A 1 74  ? -5.888  14.477  2.018   1.00 19.70 ? 73  ASN A ND2 1 
ATOM   543  N N   . ALA A 1 75  ? -1.172  16.479  4.708   1.00 18.93 ? 74  ALA A N   1 
ATOM   544  C CA  . ALA A 1 75  ? -0.216  17.565  4.993   1.00 21.03 ? 74  ALA A CA  1 
ATOM   545  C C   . ALA A 1 75  ? 1.205   17.175  4.651   1.00 23.02 ? 74  ALA A C   1 
ATOM   546  O O   . ALA A 1 75  ? 2.003   18.021  4.262   1.00 25.94 ? 74  ALA A O   1 
ATOM   547  C CB  . ALA A 1 75  ? -0.300  18.041  6.467   1.00 21.61 ? 74  ALA A CB  1 
ATOM   548  N N   . LYS A 1 76  ? 1.501   15.882  4.740   1.00 21.69 ? 75  LYS A N   1 
ATOM   549  C CA  . LYS A 1 76  ? 2.856   15.377  4.501   1.00 22.03 ? 75  LYS A CA  1 
ATOM   550  C C   . LYS A 1 76  ? 2.964   14.590  3.196   1.00 21.70 ? 75  LYS A C   1 
ATOM   551  O O   . LYS A 1 76  ? 3.987   13.931  2.959   1.00 24.01 ? 75  LYS A O   1 
ATOM   552  C CB  . LYS A 1 76  ? 3.345   14.551  5.675   1.00 25.21 ? 75  LYS A CB  1 
ATOM   553  C CG  . LYS A 1 76  ? 3.240   15.284  7.014   1.00 29.68 ? 75  LYS A CG  1 
ATOM   554  C CD  . LYS A 1 76  ? 4.617   15.691  7.509   1.00 35.96 ? 75  LYS A CD  1 
ATOM   555  C CE  . LYS A 1 76  ? 4.521   16.580  8.742   1.00 37.55 ? 75  LYS A CE  1 
ATOM   556  N NZ  . LYS A 1 76  ? 3.310   17.445  8.695   0.00 37.94 ? 75  LYS A NZ  1 
ATOM   557  N N   . ASN A 1 77  ? 1.926   14.645  2.365   1.00 19.61 ? 76  ASN A N   1 
ATOM   558  C CA  . ASN A 1 77  ? 1.962   13.985  1.071   1.00 21.28 ? 76  ASN A CA  1 
ATOM   559  C C   . ASN A 1 77  ? 2.361   12.519  1.168   1.00 18.58 ? 76  ASN A C   1 
ATOM   560  O O   . ASN A 1 77  ? 3.222   12.045  0.447   1.00 20.17 ? 76  ASN A O   1 
ATOM   561  C CB  . ASN A 1 77  ? 2.860   14.754  0.112   1.00 24.04 ? 76  ASN A CB  1 
ATOM   562  C CG  . ASN A 1 77  ? 2.457   16.196  0.023   1.00 29.27 ? 76  ASN A CG  1 
ATOM   563  O OD1 . ASN A 1 77  ? 3.200   17.098  0.440   1.00 31.41 ? 76  ASN A OD1 1 
ATOM   564  N ND2 . ASN A 1 77  ? 1.256   16.424  -0.445  1.00 26.61 ? 76  ASN A ND2 1 
ATOM   565  N N   . SER A 1 78  ? 1.726   11.803  2.093   1.00 17.90 ? 77  SER A N   1 
ATOM   566  C CA  . SER A 1 78  ? 2.125   10.437  2.361   1.00 16.03 ? 77  SER A CA  1 
ATOM   567  C C   . SER A 1 78  ? 0.915   9.544   2.474   1.00 14.91 ? 77  SER A C   1 
ATOM   568  O O   . SER A 1 78  ? -0.100  9.905   3.075   1.00 17.21 ? 77  SER A O   1 
ATOM   569  C CB  . SER A 1 78  ? 2.899   10.364  3.671   1.00 20.32 ? 77  SER A CB  1 
ATOM   570  O OG  A SER A 1 78  ? 3.995   11.257  3.686   0.50 21.15 ? 77  SER A OG  1 
ATOM   571  O OG  B SER A 1 78  ? 4.270   10.620  3.401   0.50 21.60 ? 77  SER A OG  1 
ATOM   572  N N   . LEU A 1 79  ? 1.062   8.364   1.883   1.00 14.39 ? 78  LEU A N   1 
ATOM   573  C CA  . LEU A 1 79  ? 0.082   7.303   1.955   1.00 15.34 ? 78  LEU A CA  1 
ATOM   574  C C   . LEU A 1 79  ? 0.623   6.173   2.834   1.00 14.80 ? 78  LEU A C   1 
ATOM   575  O O   . LEU A 1 79  ? 1.815   5.896   2.824   1.00 14.93 ? 78  LEU A O   1 
ATOM   576  C CB  . LEU A 1 79  ? -0.186  6.762   0.543   1.00 14.64 ? 78  LEU A CB  1 
ATOM   577  C CG  . LEU A 1 79  ? -1.212  5.631   0.434   1.00 15.99 ? 78  LEU A CG  1 
ATOM   578  C CD1 . LEU A 1 79  ? -2.629  6.184   0.683   1.00 14.33 ? 78  LEU A CD1 1 
ATOM   579  C CD2 . LEU A 1 79  ? -1.098  4.939   -0.934  1.00 16.84 ? 78  LEU A CD2 1 
ATOM   580  N N   . TYR A 1 80  ? -0.244  5.524   3.588   1.00 13.93 ? 79  TYR A N   1 
ATOM   581  C CA  . TYR A 1 80  ? 0.213   4.490   4.523   1.00 15.23 ? 79  TYR A CA  1 
ATOM   582  C C   . TYR A 1 80  ? -0.595  3.213   4.366   1.00 13.64 ? 79  TYR A C   1 
ATOM   583  O O   . TYR A 1 80  ? -1.752  3.252   3.893   1.00 13.13 ? 79  TYR A O   1 
ATOM   584  C CB  . TYR A 1 80  ? 0.087   4.963   5.973   1.00 14.24 ? 79  TYR A CB  1 
ATOM   585  C CG  . TYR A 1 80  ? 0.883   6.201   6.265   1.00 16.73 ? 79  TYR A CG  1 
ATOM   586  C CD1 . TYR A 1 80  ? 2.247   6.126   6.438   1.00 17.80 ? 79  TYR A CD1 1 
ATOM   587  C CD2 . TYR A 1 80  ? 0.253   7.441   6.273   1.00 17.37 ? 79  TYR A CD2 1 
ATOM   588  C CE1 . TYR A 1 80  ? 2.983   7.246   6.652   1.00 18.63 ? 79  TYR A CE1 1 
ATOM   589  C CE2 . TYR A 1 80  ? 1.002   8.591   6.493   1.00 19.71 ? 79  TYR A CE2 1 
ATOM   590  C CZ  . TYR A 1 80  ? 2.351   8.462   6.713   1.00 18.74 ? 79  TYR A CZ  1 
ATOM   591  O OH  . TYR A 1 80  ? 3.175   9.575   6.944   1.00 21.86 ? 79  TYR A OH  1 
ATOM   592  N N   . LEU A 1 81  ? -0.013  2.082   4.733   1.00 13.49 ? 80  LEU A N   1 
ATOM   593  C CA  . LEU A 1 81  ? -0.752  0.828   4.853   1.00 12.57 ? 80  LEU A CA  1 
ATOM   594  C C   . LEU A 1 81  ? -0.287  0.201   6.159   1.00 13.76 ? 80  LEU A C   1 
ATOM   595  O O   . LEU A 1 81  ? 0.857   -0.277  6.269   1.00 15.38 ? 80  LEU A O   1 
ATOM   596  C CB  . LEU A 1 81  ? -0.512  -0.089  3.663   1.00 12.90 ? 80  LEU A CB  1 
ATOM   597  C CG  . LEU A 1 81  ? -1.374  -1.329  3.629   1.00 13.28 ? 80  LEU A CG  1 
ATOM   598  C CD1 . LEU A 1 81  ? -2.849  -0.898  3.364   1.00 15.42 ? 80  LEU A CD1 1 
ATOM   599  C CD2 . LEU A 1 81  ? -0.899  -2.281  2.561   1.00 14.08 ? 80  LEU A CD2 1 
ATOM   600  N N   . GLN A 1 82  ? -1.177  0.189   7.128   1.00 14.31 ? 81  GLN A N   1 
ATOM   601  C CA  . GLN A 1 82  ? -0.896  -0.505  8.382   1.00 15.04 ? 81  GLN A CA  1 
ATOM   602  C C   . GLN A 1 82  ? -1.290  -1.952  8.190   1.00 14.94 ? 81  GLN A C   1 
ATOM   603  O O   . GLN A 1 82  ? -2.483  -2.254  8.018   1.00 15.64 ? 81  GLN A O   1 
ATOM   604  C CB  . GLN A 1 82  ? -1.686  0.115   9.528   1.00 14.69 ? 81  GLN A CB  1 
ATOM   605  C CG  . GLN A 1 82  ? -1.471  -0.657  10.833  1.00 16.16 ? 81  GLN A CG  1 
ATOM   606  C CD  . GLN A 1 82  ? -0.030  -0.545  11.309  1.00 17.65 ? 81  GLN A CD  1 
ATOM   607  O OE1 . GLN A 1 82  ? 0.559   0.531   11.341  1.00 20.04 ? 81  GLN A OE1 1 
ATOM   608  N NE2 . GLN A 1 82  ? 0.542   -1.684  11.650  1.00 19.67 ? 81  GLN A NE2 1 
ATOM   609  N N   . MET A 1 83  ? -0.317  -2.827  8.122   1.00 15.31 ? 82  MET A N   1 
ATOM   610  C CA  . MET A 1 83  ? -0.566  -4.235  7.949   1.00 14.52 ? 82  MET A CA  1 
ATOM   611  C C   . MET A 1 83  ? -0.495  -4.978  9.261   1.00 17.37 ? 82  MET A C   1 
ATOM   612  O O   . MET A 1 83  ? 0.558   -5.040  9.895   1.00 23.16 ? 82  MET A O   1 
ATOM   613  C CB  . MET A 1 83  ? 0.416   -4.828  6.942   1.00 17.15 ? 82  MET A CB  1 
ATOM   614  C CG  . MET A 1 83  ? 0.502   -4.067  5.640   1.00 17.02 ? 82  MET A CG  1 
ATOM   615  S SD  . MET A 1 83  ? 2.020   -4.435  4.753   1.00 25.24 ? 82  MET A SD  1 
ATOM   616  C CE  . MET A 1 83  ? 1.444   -5.687  3.608   1.00 21.53 ? 82  MET A CE  1 
ATOM   617  N N   . ASN A 1 84  A -1.598  -5.538  9.696   1.00 15.80 ? 82  ASN A N   1 
ATOM   618  C CA  . ASN A 1 84  A -1.644  -6.303  10.932  1.00 15.83 ? 82  ASN A CA  1 
ATOM   619  C C   . ASN A 1 84  A -1.939  -7.752  10.656  1.00 16.34 ? 82  ASN A C   1 
ATOM   620  O O   . ASN A 1 84  A -2.385  -8.104  9.571   1.00 15.39 ? 82  ASN A O   1 
ATOM   621  C CB  . ASN A 1 84  A -2.787  -5.772  11.795  1.00 15.34 ? 82  ASN A CB  1 
ATOM   622  C CG  . ASN A 1 84  A -2.695  -4.309  12.009  1.00 19.91 ? 82  ASN A CG  1 
ATOM   623  O OD1 . ASN A 1 84  A -1.746  -3.822  12.620  1.00 23.74 ? 82  ASN A OD1 1 
ATOM   624  N ND2 . ASN A 1 84  A -3.631  -3.561  11.405  1.00 22.18 ? 82  ASN A ND2 1 
ATOM   625  N N   . SER A 1 85  B -1.725  -8.598  11.665  1.00 16.90 ? 82  SER A N   1 
ATOM   626  C CA  . SER A 1 85  B -2.047  -10.008 11.597  1.00 16.45 ? 82  SER A CA  1 
ATOM   627  C C   . SER A 1 85  B -1.479  -10.650 10.313  1.00 15.97 ? 82  SER A C   1 
ATOM   628  O O   . SER A 1 85  B -2.170  -11.302 9.513   1.00 17.64 ? 82  SER A O   1 
ATOM   629  C CB  . SER A 1 85  B -3.576  -10.164 11.644  1.00 18.06 ? 82  SER A CB  1 
ATOM   630  O OG  . SER A 1 85  B -3.932  -11.504 11.827  1.00 23.48 ? 82  SER A OG  1 
ATOM   631  N N   . LEU A 1 86  C -0.177  -10.438 10.112  1.00 15.89 ? 82  LEU A N   1 
ATOM   632  C CA  . LEU A 1 86  C 0.418   -10.817 8.840   1.00 15.57 ? 82  LEU A CA  1 
ATOM   633  C C   . LEU A 1 86  C 0.442   -12.317 8.660   1.00 15.62 ? 82  LEU A C   1 
ATOM   634  O O   . LEU A 1 86  C 0.600   -13.113 9.624   1.00 16.33 ? 82  LEU A O   1 
ATOM   635  C CB  . LEU A 1 86  C 1.854   -10.250 8.731   1.00 17.28 ? 82  LEU A CB  1 
ATOM   636  C CG  . LEU A 1 86  C 1.840   -8.798  8.254   1.00 16.63 ? 82  LEU A CG  1 
ATOM   637  C CD1 . LEU A 1 86  C 3.118   -8.031  8.584   1.00 20.80 ? 82  LEU A CD1 1 
ATOM   638  C CD2 . LEU A 1 86  C 1.580   -8.701  6.738   1.00 21.81 ? 82  LEU A CD2 1 
ATOM   639  N N   . ARG A 1 87  ? 0.214   -12.710 7.421   1.00 14.91 ? 83  ARG A N   1 
ATOM   640  C CA  . ARG A 1 87  ? 0.180   -14.122 7.057   1.00 14.77 ? 83  ARG A CA  1 
ATOM   641  C C   . ARG A 1 87  ? 1.218   -14.458 5.984   1.00 13.33 ? 83  ARG A C   1 
ATOM   642  O O   . ARG A 1 87  ? 1.651   -13.578 5.248   1.00 14.95 ? 83  ARG A O   1 
ATOM   643  C CB  . ARG A 1 87  ? -1.193  -14.430 6.421   1.00 17.74 ? 83  ARG A CB  1 
ATOM   644  C CG  . ARG A 1 87  ? -2.410  -14.138 7.276   1.00 18.59 ? 83  ARG A CG  1 
ATOM   645  C CD  . ARG A 1 87  ? -3.658  -14.112 6.422   1.00 19.94 ? 83  ARG A CD  1 
ATOM   646  N NE  . ARG A 1 87  ? -4.855  -13.954 7.240   1.00 22.07 ? 83  ARG A NE  1 
ATOM   647  C CZ  . ARG A 1 87  ? -6.067  -13.831 6.750   1.00 22.85 ? 83  ARG A CZ  1 
ATOM   648  N NH1 . ARG A 1 87  ? -6.264  -13.850 5.454   1.00 23.99 ? 83  ARG A NH1 1 
ATOM   649  N NH2 . ARG A 1 87  ? -7.100  -13.689 7.583   1.00 28.19 ? 83  ARG A NH2 1 
ATOM   650  N N   . ALA A 1 88  ? 1.583   -15.729 5.881   1.00 15.54 ? 84  ALA A N   1 
ATOM   651  C CA  . ALA A 1 88  ? 2.458   -16.150 4.793   1.00 17.19 ? 84  ALA A CA  1 
ATOM   652  C C   . ALA A 1 88  ? 2.004   -15.632 3.427   1.00 15.47 ? 84  ALA A C   1 
ATOM   653  O O   . ALA A 1 88  ? 2.823   -15.202 2.593   1.00 17.83 ? 84  ALA A O   1 
ATOM   654  C CB  . ALA A 1 88  ? 2.572   -17.666 4.757   1.00 17.42 ? 84  ALA A CB  1 
ATOM   655  N N   . GLU A 1 89  ? 0.706   -15.663 3.183   1.00 17.29 ? 85  GLU A N   1 
ATOM   656  C CA  . GLU A 1 89  ? 0.198   -15.282 1.870   1.00 18.90 ? 85  GLU A CA  1 
ATOM   657  C C   . GLU A 1 89  ? 0.276   -13.786 1.619   1.00 15.52 ? 85  GLU A C   1 
ATOM   658  O O   . GLU A 1 89  ? -0.019  -13.356 0.502   1.00 17.58 ? 85  GLU A O   1 
ATOM   659  C CB  . GLU A 1 89  ? -1.232  -15.782 1.717   1.00 22.45 ? 85  GLU A CB  1 
ATOM   660  C CG  . GLU A 1 89  ? -2.207  -15.045 2.578   1.00 29.12 ? 85  GLU A CG  1 
ATOM   661  C CD  . GLU A 1 89  ? -3.666  -15.388 2.288   1.00 36.72 ? 85  GLU A CD  1 
ATOM   662  O OE1 . GLU A 1 89  ? -4.571  -14.591 2.681   1.00 35.24 ? 85  GLU A OE1 1 
ATOM   663  O OE2 . GLU A 1 89  ? -3.900  -16.463 1.684   1.00 39.77 ? 85  GLU A OE2 1 
ATOM   664  N N   . ASP A 1 90  ? 0.678   -12.993 2.619   1.00 13.80 ? 86  ASP A N   1 
ATOM   665  C CA  . ASP A 1 90  ? 0.904   -11.547 2.463   1.00 15.06 ? 86  ASP A CA  1 
ATOM   666  C C   . ASP A 1 90  ? 2.287   -11.186 1.952   1.00 15.50 ? 86  ASP A C   1 
ATOM   667  O O   . ASP A 1 90  ? 2.553   -10.019 1.638   1.00 15.97 ? 86  ASP A O   1 
ATOM   668  C CB  . ASP A 1 90  ? 0.676   -10.800 3.772   1.00 15.60 ? 86  ASP A CB  1 
ATOM   669  C CG  . ASP A 1 90  ? -0.737  -10.900 4.259   1.00 17.03 ? 86  ASP A CG  1 
ATOM   670  O OD1 . ASP A 1 90  ? -1.702  -10.857 3.450   1.00 16.49 ? 86  ASP A OD1 1 
ATOM   671  O OD2 . ASP A 1 90  ? -0.934  -11.002 5.473   1.00 16.63 ? 86  ASP A OD2 1 
ATOM   672  N N   . THR A 1 91  ? 3.170   -12.170 1.880   1.00 15.76 ? 87  THR A N   1 
ATOM   673  C CA  . THR A 1 91  ? 4.502   -11.926 1.328   1.00 15.88 ? 87  THR A CA  1 
ATOM   674  C C   . THR A 1 91  ? 4.378   -11.502 -0.117  1.00 15.08 ? 87  THR A C   1 
ATOM   675  O O   . THR A 1 91  ? 3.731   -12.181 -0.913  1.00 16.82 ? 87  THR A O   1 
ATOM   676  C CB  . THR A 1 91  ? 5.276   -13.220 1.410   1.00 14.81 ? 87  THR A CB  1 
ATOM   677  O OG1 . THR A 1 91  ? 5.562   -13.484 2.779   1.00 16.62 ? 87  THR A OG1 1 
ATOM   678  C CG2 . THR A 1 91  ? 6.651   -13.116 0.703   1.00 15.98 ? 87  THR A CG2 1 
ATOM   679  N N   . ALA A 1 92  ? 4.980   -10.378 -0.436  1.00 13.80 ? 88  ALA A N   1 
ATOM   680  C CA  . ALA A 1 92  ? 4.876   -9.816  -1.773  1.00 14.18 ? 88  ALA A CA  1 
ATOM   681  C C   . ALA A 1 92  ? 5.580   -8.464  -1.806  1.00 14.46 ? 88  ALA A C   1 
ATOM   682  O O   . ALA A 1 92  ? 5.989   -7.930  -0.785  1.00 14.01 ? 88  ALA A O   1 
ATOM   683  C CB  . ALA A 1 92  ? 3.426   -9.611  -2.180  1.00 15.46 ? 88  ALA A CB  1 
ATOM   684  N N   . VAL A 1 93  ? 5.806   -7.951  -3.027  1.00 13.08 ? 89  VAL A N   1 
ATOM   685  C CA  . VAL A 1 93  ? 6.234   -6.587  -3.203  1.00 13.34 ? 89  VAL A CA  1 
ATOM   686  C C   . VAL A 1 93  ? 5.004   -5.718  -3.242  1.00 14.49 ? 89  VAL A C   1 
ATOM   687  O O   . VAL A 1 93  ? 4.050   -6.032  -4.015  1.00 14.98 ? 89  VAL A O   1 
ATOM   688  C CB  . VAL A 1 93  ? 7.058   -6.389  -4.475  1.00 14.62 ? 89  VAL A CB  1 
ATOM   689  C CG1 . VAL A 1 93  ? 7.521   -4.942  -4.618  1.00 13.20 ? 89  VAL A CG1 1 
ATOM   690  C CG2 . VAL A 1 93  ? 8.234   -7.361  -4.489  1.00 16.52 ? 89  VAL A CG2 1 
ATOM   691  N N   . TYR A 1 94  ? 4.994   -4.657  -2.455  1.00 12.75 ? 90  TYR A N   1 
ATOM   692  C CA  . TYR A 1 94  ? 3.833   -3.763  -2.354  1.00 12.00 ? 90  TYR A CA  1 
ATOM   693  C C   . TYR A 1 94  ? 4.146   -2.483  -3.059  1.00 13.31 ? 90  TYR A C   1 
ATOM   694  O O   . TYR A 1 94  ? 5.207   -1.911  -2.888  1.00 13.80 ? 90  TYR A O   1 
ATOM   695  C CB  . TYR A 1 94  ? 3.506   -3.449  -0.890  1.00 12.61 ? 90  TYR A CB  1 
ATOM   696  C CG  . TYR A 1 94  ? 2.852   -4.622  -0.226  1.00 11.03 ? 90  TYR A CG  1 
ATOM   697  C CD1 . TYR A 1 94  ? 3.549   -5.791  0.061   1.00 11.40 ? 90  TYR A CD1 1 
ATOM   698  C CD2 . TYR A 1 94  ? 1.487   -4.572  0.101   1.00 11.52 ? 90  TYR A CD2 1 
ATOM   699  C CE1 . TYR A 1 94  ? 2.927   -6.859  0.636   1.00 12.11 ? 90  TYR A CE1 1 
ATOM   700  C CE2 . TYR A 1 94  ? 0.852   -5.657  0.678   1.00 12.50 ? 90  TYR A CE2 1 
ATOM   701  C CZ  . TYR A 1 94  ? 1.575   -6.830  0.962   1.00 13.29 ? 90  TYR A CZ  1 
ATOM   702  O OH  . TYR A 1 94  ? 0.977   -7.933  1.494   1.00 14.22 ? 90  TYR A OH  1 
ATOM   703  N N   . TYR A 1 95  ? 3.170   -1.964  -3.837  1.00 11.38 ? 91  TYR A N   1 
ATOM   704  C CA  . TYR A 1 95  ? 3.304   -0.731  -4.592  1.00 11.51 ? 91  TYR A CA  1 
ATOM   705  C C   . TYR A 1 95  ? 2.154   0.192   -4.280  1.00 13.56 ? 91  TYR A C   1 
ATOM   706  O O   . TYR A 1 95  ? 1.035   -0.264  -4.107  1.00 14.77 ? 91  TYR A O   1 
ATOM   707  C CB  . TYR A 1 95  ? 3.253   -0.968  -6.107  1.00 13.54 ? 91  TYR A CB  1 
ATOM   708  C CG  . TYR A 1 95  ? 4.328   -1.889  -6.613  1.00 12.02 ? 91  TYR A CG  1 
ATOM   709  C CD1 . TYR A 1 95  ? 5.519   -1.361  -7.087  1.00 14.36 ? 91  TYR A CD1 1 
ATOM   710  C CD2 . TYR A 1 95  ? 4.111   -3.282  -6.640  1.00 14.58 ? 91  TYR A CD2 1 
ATOM   711  C CE1 . TYR A 1 95  ? 6.522   -2.243  -7.579  1.00 15.51 ? 91  TYR A CE1 1 
ATOM   712  C CE2 . TYR A 1 95  ? 5.088   -4.155  -7.129  1.00 16.49 ? 91  TYR A CE2 1 
ATOM   713  C CZ  . TYR A 1 95  ? 6.282   -3.598  -7.579  1.00 15.43 ? 91  TYR A CZ  1 
ATOM   714  O OH  . TYR A 1 95  ? 7.222   -4.500  -8.056  1.00 20.80 ? 91  TYR A OH  1 
ATOM   715  N N   . CYS A 1 96  ? 2.429   1.479   -4.229  1.00 13.94 ? 92  CYS A N   1 
ATOM   716  C CA  . CYS A 1 96  ? 1.356   2.409   -4.120  1.00 14.93 ? 92  CYS A CA  1 
ATOM   717  C C   . CYS A 1 96  ? 1.020   2.894   -5.541  1.00 14.30 ? 92  CYS A C   1 
ATOM   718  O O   . CYS A 1 96  ? 1.763   2.690   -6.517  1.00 15.71 ? 92  CYS A O   1 
ATOM   719  C CB  . CYS A 1 96  ? 1.606   3.497   -3.092  1.00 18.46 ? 92  CYS A CB  1 
ATOM   720  S SG  . CYS A 1 96  ? 3.056   4.457   -3.516  1.00 22.07 ? 92  CYS A SG  1 
ATOM   721  N N   . ALA A 1 97  ? -0.140  3.487   -5.625  1.00 14.72 ? 93  ALA A N   1 
ATOM   722  C CA  . ALA A 1 97  ? -0.656  3.946   -6.924  1.00 13.90 ? 93  ALA A CA  1 
ATOM   723  C C   . ALA A 1 97  ? -1.499  5.159   -6.718  1.00 14.94 ? 93  ALA A C   1 
ATOM   724  O O   . ALA A 1 97  ? -2.166  5.295   -5.727  1.00 15.64 ? 93  ALA A O   1 
ATOM   725  C CB  . ALA A 1 97  ? -1.485  2.839   -7.566  1.00 14.96 ? 93  ALA A CB  1 
ATOM   726  N N   . ARG A 1 98  ? -1.496  6.110   -7.692  1.00 16.80 ? 94  ARG A N   1 
ATOM   727  C CA  . ARG A 1 98  ? -2.238  7.368   -7.461  1.00 20.59 ? 94  ARG A CA  1 
ATOM   728  C C   . ARG A 1 98  ? -3.565  7.461   -8.193  1.00 26.62 ? 94  ARG A C   1 
ATOM   729  O O   . ARG A 1 98  ? -3.876  8.467   -8.833  1.00 29.45 ? 94  ARG A O   1 
ATOM   730  C CB  . ARG A 1 98  ? -1.368  8.543   -7.880  1.00 27.69 ? 94  ARG A CB  1 
ATOM   731  C CG  . ARG A 1 98  ? -1.109  8.528   -9.374  1.00 28.57 ? 94  ARG A CG  1 
ATOM   732  C CD  . ARG A 1 98  ? -0.821  9.919   -9.909  1.00 29.87 ? 94  ARG A CD  1 
ATOM   733  N NE  . ARG A 1 98  ? -1.901  10.864  -9.621  1.00 32.96 ? 94  ARG A NE  1 
ATOM   734  C CZ  . ARG A 1 98  ? -2.003  12.046  -10.228 1.00 35.77 ? 94  ARG A CZ  1 
ATOM   735  N NH1 . ARG A 1 98  ? -1.097  12.408  -11.116 1.00 32.19 ? 94  ARG A NH1 1 
ATOM   736  N NH2 . ARG A 1 98  ? -3.004  12.873  -9.940  0.00 44.19 ? 94  ARG A NH2 1 
ATOM   737  N N   . ASP A 1 99  ? -4.347  6.390   -8.096  1.00 20.59 ? 95  ASP A N   1 
ATOM   738  C CA  . ASP A 1 99  ? -5.695  6.209   -8.627  1.00 22.19 ? 95  ASP A CA  1 
ATOM   739  C C   . ASP A 1 99  ? -6.423  5.289   -7.692  1.00 18.91 ? 95  ASP A C   1 
ATOM   740  O O   . ASP A 1 99  ? -5.860  4.837   -6.710  1.00 20.36 ? 95  ASP A O   1 
ATOM   741  C CB  . ASP A 1 99  ? -5.677  5.524   -10.001 0.50 16.54 ? 95  ASP A CB  1 
ATOM   742  C CG  . ASP A 1 99  ? -5.075  4.116   -9.978  0.50 17.41 ? 95  ASP A CG  1 
ATOM   743  O OD1 . ASP A 1 99  ? -4.126  3.906   -9.170  0.50 17.97 ? 95  ASP A OD1 1 
ATOM   744  O OD2 . ASP A 1 99  ? -5.527  3.233   -10.729 0.50 18.46 ? 95  ASP A OD2 1 
ATOM   745  N N   . TRP A 1 100 ? -7.672  4.999   -7.968  1.00 17.99 ? 96  TRP A N   1 
ATOM   746  C CA  . TRP A 1 100 ? -8.470  4.093   -7.138  1.00 18.33 ? 96  TRP A CA  1 
ATOM   747  C C   . TRP A 1 100 ? -8.118  2.628   -7.344  1.00 14.93 ? 96  TRP A C   1 
ATOM   748  O O   . TRP A 1 100 ? -8.268  1.799   -6.461  1.00 17.71 ? 96  TRP A O   1 
ATOM   749  C CB  . TRP A 1 100 ? -9.931  4.122   -7.555  1.00 18.09 ? 96  TRP A CB  1 
ATOM   750  C CG  . TRP A 1 100 ? -10.658 5.363   -7.213  1.00 20.27 ? 96  TRP A CG  1 
ATOM   751  C CD1 . TRP A 1 100 ? -11.048 6.343   -8.082  1.00 22.96 ? 96  TRP A CD1 1 
ATOM   752  C CD2 . TRP A 1 100 ? -11.123 5.739   -5.915  1.00 21.92 ? 96  TRP A CD2 1 
ATOM   753  N NE1 . TRP A 1 100 ? -11.725 7.316   -7.386  1.00 24.25 ? 96  TRP A NE1 1 
ATOM   754  C CE2 . TRP A 1 100 ? -11.783 6.964   -6.059  1.00 23.40 ? 96  TRP A CE2 1 
ATOM   755  C CE3 . TRP A 1 100 ? -11.052 5.137   -4.647  1.00 21.76 ? 96  TRP A CE3 1 
ATOM   756  C CZ2 . TRP A 1 100 ? -12.361 7.625   -4.955  1.00 25.00 ? 96  TRP A CZ2 1 
ATOM   757  C CZ3 . TRP A 1 100 ? -11.619 5.768   -3.562  1.00 25.96 ? 96  TRP A CZ3 1 
ATOM   758  C CH2 . TRP A 1 100 ? -12.261 7.010   -3.726  1.00 25.53 ? 96  TRP A CH2 1 
ATOM   759  N N   . TYR A 1 101 ? -7.655  2.347   -8.565  1.00 18.86 ? 97  TYR A N   1 
ATOM   760  C CA  . TYR A 1 101 ? -7.475  0.956   -9.022  1.00 19.50 ? 97  TYR A CA  1 
ATOM   761  C C   . TYR A 1 101 ? -6.112  0.264   -8.925  1.00 20.01 ? 97  TYR A C   1 
ATOM   762  O O   . TYR A 1 101 ? -5.944  -0.858  -9.423  1.00 19.88 ? 97  TYR A O   1 
ATOM   763  C CB  . TYR A 1 101 ? -7.985  0.938   -10.450 1.00 21.66 ? 97  TYR A CB  1 
ATOM   764  C CG  . TYR A 1 101 ? -9.291  1.722   -10.570 1.00 25.16 ? 97  TYR A CG  1 
ATOM   765  C CD1 . TYR A 1 101 ? -9.362  2.973   -11.190 1.00 28.41 ? 97  TYR A CD1 1 
ATOM   766  C CD2 . TYR A 1 101 ? -10.456 1.164   -10.030 1.00 26.15 ? 97  TYR A CD2 1 
ATOM   767  C CE1 . TYR A 1 101 ? -10.569 3.632   -11.279 1.00 28.21 ? 97  TYR A CE1 1 
ATOM   768  C CE2 . TYR A 1 101 ? -11.669 1.833   -10.127 1.00 30.36 ? 97  TYR A CE2 1 
ATOM   769  C CZ  . TYR A 1 101 ? -11.719 3.044   -10.757 1.00 29.15 ? 97  TYR A CZ  1 
ATOM   770  O OH  . TYR A 1 101 ? -12.925 3.688   -10.878 1.00 31.46 ? 97  TYR A OH  1 
ATOM   771  N N   . GLY A 1 102 ? -5.111  0.915   -8.282  1.00 18.73 ? 98  GLY A N   1 
ATOM   772  C CA  . GLY A 1 102 ? -3.752  0.401   -8.136  1.00 17.22 ? 98  GLY A CA  1 
ATOM   773  C C   . GLY A 1 102 ? -3.101  0.179   -9.495  1.00 15.93 ? 98  GLY A C   1 
ATOM   774  O O   . GLY A 1 102 ? -2.315  -0.744  -9.681  1.00 17.36 ? 98  GLY A O   1 
ATOM   775  N N   . MET A 1 103 ? -3.477  1.054   -10.439 1.00 17.92 ? 99  MET A N   1 
ATOM   776  C CA  . MET A 1 103 ? -2.986  0.889   -11.841 1.00 18.47 ? 99  MET A CA  1 
ATOM   777  C C   . MET A 1 103 ? -2.177  2.091   -12.340 1.00 21.27 ? 99  MET A C   1 
ATOM   778  O O   . MET A 1 103 ? -1.837  2.170   -13.522 1.00 20.29 ? 99  MET A O   1 
ATOM   779  C CB  . MET A 1 103 ? -4.150  0.546   -12.768 1.00 19.27 ? 99  MET A CB  1 
ATOM   780  C CG  . MET A 1 103 ? -4.591  -0.905  -12.686 1.00 16.96 ? 99  MET A CG  1 
ATOM   781  S SD  . MET A 1 103 ? -6.267  -1.176  -13.297 1.00 23.87 ? 99  MET A SD  1 
ATOM   782  C CE  . MET A 1 103 ? -6.156  -2.869  -13.866 1.00 25.30 ? 99  MET A CE  1 
ATOM   783  N N   . ASP A 1 104 ? -1.869  3.042   -11.455 1.00 17.62 ? 101 ASP A N   1 
ATOM   784  C CA  . ASP A 1 104 ? -1.048  4.194   -11.803 1.00 17.44 ? 101 ASP A CA  1 
ATOM   785  C C   . ASP A 1 104 ? 0.151   4.168   -10.850 1.00 18.81 ? 101 ASP A C   1 
ATOM   786  O O   . ASP A 1 104 ? 0.184   4.867   -9.819  1.00 18.24 ? 101 ASP A O   1 
ATOM   787  C CB  . ASP A 1 104 ? -1.860  5.483   -11.703 1.00 20.49 ? 101 ASP A CB  1 
ATOM   788  C CG  . ASP A 1 104 ? -1.187  6.678   -12.358 1.00 22.21 ? 101 ASP A CG  1 
ATOM   789  O OD1 . ASP A 1 104 ? -0.103  6.522   -12.951 1.00 22.49 ? 101 ASP A OD1 1 
ATOM   790  O OD2 . ASP A 1 104 ? -1.694  7.816   -12.297 1.00 25.76 ? 101 ASP A OD2 1 
ATOM   791  N N   . VAL A 1 105 ? 1.103   3.346   -11.247 1.00 17.85 ? 102 VAL A N   1 
ATOM   792  C CA  . VAL A 1 105 ? 2.246   2.950   -10.398 1.00 16.56 ? 102 VAL A CA  1 
ATOM   793  C C   . VAL A 1 105 ? 3.537   3.615   -10.882 1.00 17.82 ? 102 VAL A C   1 
ATOM   794  O O   . VAL A 1 105 ? 3.901   3.481   -12.045 1.00 20.20 ? 102 VAL A O   1 
ATOM   795  C CB  . VAL A 1 105 ? 2.355   1.414   -10.405 1.00 16.95 ? 102 VAL A CB  1 
ATOM   796  C CG1 . VAL A 1 105 ? 3.626   0.949   -9.673  1.00 15.77 ? 102 VAL A CG1 1 
ATOM   797  C CG2 . VAL A 1 105 ? 1.121   0.806   -9.782  1.00 18.10 ? 102 VAL A CG2 1 
ATOM   798  N N   . TRP A 1 106 ? 4.245   4.294   -9.986  1.00 16.92 ? 103 TRP A N   1 
ATOM   799  C CA  . TRP A 1 106 ? 5.462   5.055   -10.282 1.00 17.80 ? 103 TRP A CA  1 
ATOM   800  C C   . TRP A 1 106 ? 6.708   4.624   -9.503  1.00 19.33 ? 103 TRP A C   1 
ATOM   801  O O   . TRP A 1 106 ? 7.817   5.082   -9.831  1.00 21.34 ? 103 TRP A O   1 
ATOM   802  C CB  . TRP A 1 106 ? 5.199   6.513   -9.967  1.00 20.01 ? 103 TRP A CB  1 
ATOM   803  C CG  . TRP A 1 106 ? 4.170   7.112   -10.897 1.00 17.85 ? 103 TRP A CG  1 
ATOM   804  C CD1 . TRP A 1 106 ? 2.822   6.987   -10.816 1.00 20.31 ? 103 TRP A CD1 1 
ATOM   805  C CD2 . TRP A 1 106 ? 4.434   7.950   -12.028 1.00 20.52 ? 103 TRP A CD2 1 
ATOM   806  N NE1 . TRP A 1 106 ? 2.213   7.674   -11.845 1.00 19.31 ? 103 TRP A NE1 1 
ATOM   807  C CE2 . TRP A 1 106 ? 3.179   8.267   -12.607 1.00 18.46 ? 103 TRP A CE2 1 
ATOM   808  C CE3 . TRP A 1 106 ? 5.606   8.422   -12.636 1.00 20.41 ? 103 TRP A CE3 1 
ATOM   809  C CZ2 . TRP A 1 106 ? 3.053   9.056   -13.751 1.00 19.40 ? 103 TRP A CZ2 1 
ATOM   810  C CZ3 . TRP A 1 106 ? 5.492   9.214   -13.782 1.00 20.47 ? 103 TRP A CZ3 1 
ATOM   811  C CH2 . TRP A 1 106 ? 4.207   9.519   -14.325 1.00 21.86 ? 103 TRP A CH2 1 
ATOM   812  N N   . GLY A 1 107 ? 6.537   3.802   -8.464  1.00 18.55 ? 104 GLY A N   1 
ATOM   813  C CA  . GLY A 1 107 ? 7.646   3.459   -7.589  1.00 18.16 ? 104 GLY A CA  1 
ATOM   814  C C   . GLY A 1 107 ? 8.203   2.082   -7.808  1.00 17.57 ? 104 GLY A C   1 
ATOM   815  O O   . GLY A 1 107 ? 7.742   1.305   -8.638  1.00 19.46 ? 104 GLY A O   1 
ATOM   816  N N   . GLN A 1 108 ? 9.273   1.795   -7.076  1.00 17.66 ? 105 GLN A N   1 
ATOM   817  C CA  . GLN A 1 108 ? 9.937   0.525   -7.176  1.00 19.96 ? 105 GLN A CA  1 
ATOM   818  C C   . GLN A 1 108 ? 9.362   -0.553  -6.265  1.00 16.92 ? 105 GLN A C   1 
ATOM   819  O O   . GLN A 1 108 ? 9.759   -1.708  -6.368  1.00 18.76 ? 105 GLN A O   1 
ATOM   820  C CB  . GLN A 1 108 ? 11.412  0.714   -6.830  1.00 22.65 ? 105 GLN A CB  1 
ATOM   821  C CG  . GLN A 1 108 ? 12.156  1.647   -7.743  1.00 29.81 ? 105 GLN A CG  1 
ATOM   822  C CD  . GLN A 1 108 ? 12.087  1.183   -9.176  1.00 33.33 ? 105 GLN A CD  1 
ATOM   823  O OE1 . GLN A 1 108 ? 11.535  1.883   -10.026 1.00 41.60 ? 105 GLN A OE1 1 
ATOM   824  N NE2 . GLN A 1 108 ? 12.621  -0.010  -9.451  1.00 38.58 ? 105 GLN A NE2 1 
ATOM   825  N N   . GLY A 1 109 ? 8.472   -0.149  -5.360  1.00 14.29 ? 106 GLY A N   1 
ATOM   826  C CA  . GLY A 1 109 ? 7.895   -1.090  -4.420  1.00 15.04 ? 106 GLY A CA  1 
ATOM   827  C C   . GLY A 1 109 ? 8.673   -1.274  -3.147  1.00 17.04 ? 106 GLY A C   1 
ATOM   828  O O   . GLY A 1 109 ? 9.822   -0.815  -3.027  1.00 18.13 ? 106 GLY A O   1 
ATOM   829  N N   . THR A 1 110 ? 8.019   -1.929  -2.220  1.00 13.41 ? 107 THR A N   1 
ATOM   830  C CA  . THR A 1 110 ? 8.685   -2.277  -0.983  1.00 13.02 ? 107 THR A CA  1 
ATOM   831  C C   . THR A 1 110 ? 8.317   -3.728  -0.647  1.00 15.55 ? 107 THR A C   1 
ATOM   832  O O   . THR A 1 110 ? 7.145   -4.116  -0.675  1.00 15.00 ? 107 THR A O   1 
ATOM   833  C CB  . THR A 1 110 ? 8.318   -1.305  0.134   1.00 13.89 ? 107 THR A CB  1 
ATOM   834  O OG1 . THR A 1 110 ? 9.139   -1.566  1.281   1.00 16.19 ? 107 THR A OG1 1 
ATOM   835  C CG2 . THR A 1 110 ? 6.855   -1.456  0.493   1.00 15.91 ? 107 THR A CG2 1 
ATOM   836  N N   . THR A 1 111 ? 9.328   -4.526  -0.305  1.00 15.27 ? 108 THR A N   1 
ATOM   837  C CA  . THR A 1 111 ? 9.085   -5.940  -0.089  1.00 14.08 ? 108 THR A CA  1 
ATOM   838  C C   . THR A 1 111 ? 8.693   -6.255  1.321   1.00 15.78 ? 108 THR A C   1 
ATOM   839  O O   . THR A 1 111 ? 9.341   -5.814  2.264   1.00 16.73 ? 108 THR A O   1 
ATOM   840  C CB  . THR A 1 111 ? 10.357  -6.714  -0.433  1.00 16.00 ? 108 THR A CB  1 
ATOM   841  O OG1 . THR A 1 111 ? 10.627  -6.559  -1.823  1.00 17.15 ? 108 THR A OG1 1 
ATOM   842  C CG2 . THR A 1 111 ? 10.188  -8.236  -0.205  1.00 17.21 ? 108 THR A CG2 1 
ATOM   843  N N   . VAL A 1 112 ? 7.674   -7.090  1.470   1.00 15.22 ? 109 VAL A N   1 
ATOM   844  C CA  . VAL A 1 112 ? 7.217   -7.590  2.762   1.00 15.25 ? 109 VAL A CA  1 
ATOM   845  C C   . VAL A 1 112 ? 7.393   -9.078  2.684   1.00 15.66 ? 109 VAL A C   1 
ATOM   846  O O   . VAL A 1 112 ? 6.826   -9.717  1.813   1.00 16.99 ? 109 VAL A O   1 
ATOM   847  C CB  . VAL A 1 112 ? 5.778   -7.240  3.033   1.00 14.91 ? 109 VAL A CB  1 
ATOM   848  C CG1 . VAL A 1 112 ? 5.296   -7.944  4.284   1.00 17.93 ? 109 VAL A CG1 1 
ATOM   849  C CG2 . VAL A 1 112 ? 5.655   -5.713  3.153   1.00 16.30 ? 109 VAL A CG2 1 
ATOM   850  N N   . THR A 1 113 ? 8.215   -9.646  3.570   1.00 15.49 ? 110 THR A N   1 
ATOM   851  C CA  . THR A 1 113 ? 8.388   -11.089 3.573   1.00 14.78 ? 110 THR A CA  1 
ATOM   852  C C   . THR A 1 113 ? 8.088   -11.614 4.955   1.00 15.87 ? 110 THR A C   1 
ATOM   853  O O   . THR A 1 113 ? 8.669   -11.198 5.944   1.00 15.42 ? 110 THR A O   1 
ATOM   854  C CB  . THR A 1 113 ? 9.835   -11.422 3.168   1.00 17.20 ? 110 THR A CB  1 
ATOM   855  O OG1 . THR A 1 113 ? 9.986   -11.035 1.794   1.00 16.51 ? 110 THR A OG1 1 
ATOM   856  C CG2 . THR A 1 113 ? 10.106  -12.935 3.281   1.00 17.01 ? 110 THR A CG2 1 
ATOM   857  N N   . VAL A 1 114 ? 7.115   -12.505 5.028   1.00 14.57 ? 111 VAL A N   1 
ATOM   858  C CA  . VAL A 1 114 ? 6.733   -13.119 6.267   1.00 15.57 ? 111 VAL A CA  1 
ATOM   859  C C   . VAL A 1 114 ? 7.613   -14.355 6.456   1.00 15.42 ? 111 VAL A C   1 
ATOM   860  O O   . VAL A 1 114 ? 7.634   -15.283 5.654   1.00 17.22 ? 111 VAL A O   1 
ATOM   861  C CB  . VAL A 1 114 ? 5.220   -13.432 6.235   1.00 15.43 ? 111 VAL A CB  1 
ATOM   862  C CG1 . VAL A 1 114 ? 4.797   -14.182 7.496   1.00 17.45 ? 111 VAL A CG1 1 
ATOM   863  C CG2 . VAL A 1 114 ? 4.447   -12.163 6.102   1.00 17.24 ? 111 VAL A CG2 1 
ATOM   864  N N   . SER A 1 115 ? 8.359   -14.342 7.565   1.00 17.09 ? 112 SER A N   1 
ATOM   865  C CA  . SER A 1 115 ? 9.366   -15.331 7.772   1.00 19.94 ? 112 SER A CA  1 
ATOM   866  C C   . SER A 1 115 ? 8.742   -16.658 8.172   1.00 22.56 ? 112 SER A C   1 
ATOM   867  O O   . SER A 1 115 ? 7.620   -16.715 8.690   1.00 22.91 ? 112 SER A O   1 
ATOM   868  C CB  . SER A 1 115 ? 10.270  -14.791 8.871   1.00 22.42 ? 112 SER A CB  1 
ATOM   869  O OG  A SER A 1 115 ? 11.301  -15.702 9.240   0.50 30.90 ? 112 SER A OG  1 
ATOM   870  O OG  B SER A 1 115 ? 9.598   -14.865 10.105  0.50 30.80 ? 112 SER A OG  1 
ATOM   871  N N   . SER A 1 116 ? 9.471   -17.736 7.932   1.00 21.50 ? 113 SER A N   1 
ATOM   872  C CA  . SER A 1 116 ? 8.987   -19.051 8.322   1.00 23.71 ? 113 SER A CA  1 
ATOM   873  C C   . SER A 1 116 ? 9.803   -19.570 9.485   1.00 23.60 ? 113 SER A C   1 
ATOM   874  O O   . SER A 1 116 ? 9.422   -20.533 10.160  1.00 29.85 ? 113 SER A O   1 
ATOM   875  C CB  . SER A 1 116 ? 9.109   -20.009 7.157   1.00 26.81 ? 113 SER A CB  1 
ATOM   876  O OG  . SER A 1 116 ? 8.373   -19.557 6.035   1.00 33.42 ? 113 SER A OG  1 
ATOM   877  O OXT . SER A 1 116 ? 11.054  -18.841 9.906   1.00 28.85 ? 113 SER A OXT 1 
HETATM 878  C C1  . PEG B 2 .   ? -12.107 -1.067  -6.384  1.00 45.69 ? 214 PEG A C1  1 
HETATM 879  O O1  . PEG B 2 .   ? -12.514 0.095   -5.885  1.00 39.45 ? 214 PEG A O1  1 
HETATM 880  C C2  . PEG B 2 .   ? -10.658 -1.647  -6.618  1.00 45.69 ? 214 PEG A C2  1 
HETATM 881  O O2  . PEG B 2 .   ? -10.835 -2.286  -7.876  1.00 46.22 ? 214 PEG A O2  1 
HETATM 882  C C3  . PEG B 2 .   ? -9.641  -2.777  -8.489  1.00 44.52 ? 214 PEG A C3  1 
HETATM 883  C C4  . PEG B 2 .   ? -9.935  -2.816  -9.984  1.00 44.55 ? 214 PEG A C4  1 
HETATM 884  O O4  . PEG B 2 .   ? -8.763  -3.036  -10.754 1.00 45.07 ? 214 PEG A O4  1 
HETATM 885  O O   . HOH C 3 .   ? -2.809  3.229   8.183   1.00 18.04 ? 215 HOH A O   1 
HETATM 886  O O   . HOH C 3 .   ? -6.435  8.667   6.354   1.00 20.31 ? 216 HOH A O   1 
HETATM 887  O O   . HOH C 3 .   ? -1.414  -17.118 4.287   1.00 21.80 ? 217 HOH A O   1 
HETATM 888  O O   . HOH C 3 .   ? -2.281  -3.103  -10.632 1.00 18.64 ? 218 HOH A O   1 
HETATM 889  O O   . HOH C 3 .   ? 4.341   3.252   -7.029  1.00 19.70 ? 219 HOH A O   1 
HETATM 890  O O   . HOH C 3 .   ? -9.332  -3.428  5.928   1.00 20.31 ? 220 HOH A O   1 
HETATM 891  O O   . HOH C 3 .   ? -8.255  -10.308 6.001   1.00 22.09 ? 221 HOH A O   1 
HETATM 892  O O   . HOH C 3 .   ? -8.536  7.135   -9.756  1.00 26.66 ? 222 HOH A O   1 
HETATM 893  O O   . HOH C 3 .   ? -0.442  -7.944  14.204  1.00 22.53 ? 223 HOH A O   1 
HETATM 894  O O   . HOH C 3 .   ? -7.637  -0.495  4.288   1.00 17.94 ? 224 HOH A O   1 
HETATM 895  O O   . HOH C 3 .   ? -16.102 3.229   1.753   0.50 20.81 ? 225 HOH A O   1 
HETATM 896  O O   . HOH C 3 .   ? 9.488   -16.674 4.330   1.00 23.53 ? 226 HOH A O   1 
HETATM 897  O O   . HOH C 3 .   ? 8.579   7.629   -8.847  1.00 24.02 ? 227 HOH A O   1 
HETATM 898  O O   . HOH C 3 .   ? -1.429  -10.077 -12.491 1.00 22.00 ? 228 HOH A O   1 
HETATM 899  O O   . HOH C 3 .   ? -4.802  13.652  5.685   1.00 27.23 ? 229 HOH A O   1 
HETATM 900  O O   . HOH C 3 .   ? 0.317   -11.470 -5.852  1.00 26.75 ? 230 HOH A O   1 
HETATM 901  O O   . HOH C 3 .   ? -4.813  -0.906  11.779  1.00 23.10 ? 231 HOH A O   1 
HETATM 902  O O   . HOH C 3 .   ? -5.304  -13.257 -2.183  1.00 26.87 ? 232 HOH A O   1 
HETATM 903  O O   . HOH C 3 .   ? -4.873  -3.465  -9.592  1.00 20.86 ? 233 HOH A O   1 
HETATM 904  O O   . HOH C 3 .   ? 11.641  -0.750  1.273   1.00 25.77 ? 234 HOH A O   1 
HETATM 905  O O   . HOH C 3 .   ? -4.380  -13.560 9.965   1.00 22.62 ? 235 HOH A O   1 
HETATM 906  O O   . HOH C 3 .   ? 12.114  -8.368  -3.352  1.00 26.04 ? 236 HOH A O   1 
HETATM 907  O O   . HOH C 3 .   ? -6.777  -7.453  -7.933  1.00 23.75 ? 237 HOH A O   1 
HETATM 908  O O   . HOH C 3 .   ? -11.943 -8.171  -3.113  1.00 32.33 ? 238 HOH A O   1 
HETATM 909  O O   . HOH C 3 .   ? -1.434  -14.543 10.767  1.00 28.33 ? 239 HOH A O   1 
HETATM 910  O O   . HOH C 3 .   ? -3.307  3.393   10.782  1.00 21.46 ? 240 HOH A O   1 
HETATM 911  O O   . HOH C 3 .   ? -7.993  -7.678  -5.168  1.00 23.30 ? 241 HOH A O   1 
HETATM 912  O O   . HOH C 3 .   ? -11.009 11.025  -4.257  1.00 25.33 ? 242 HOH A O   1 
HETATM 913  O O   . HOH C 3 .   ? 8.644   6.240   1.134   1.00 26.88 ? 243 HOH A O   1 
HETATM 914  O O   . HOH C 3 .   ? -5.378  4.147   -12.996 1.00 30.67 ? 244 HOH A O   1 
HETATM 915  O O   . HOH C 3 .   ? 1.188   -17.534 7.924   1.00 26.86 ? 245 HOH A O   1 
HETATM 916  O O   . HOH C 3 .   ? 8.310   -17.442 11.574  1.00 33.37 ? 246 HOH A O   1 
HETATM 917  O O   . HOH C 3 .   ? -11.130 -0.387  4.059   1.00 28.72 ? 247 HOH A O   1 
HETATM 918  O O   . HOH C 3 .   ? -7.714  5.982   7.022   1.00 26.42 ? 248 HOH A O   1 
HETATM 919  O O   . HOH C 3 .   ? -3.601  -12.351 2.032   1.00 26.34 ? 249 HOH A O   1 
HETATM 920  O O   . HOH C 3 .   ? -3.685  9.960   8.915   1.00 29.80 ? 250 HOH A O   1 
HETATM 921  O O   . HOH C 3 .   ? -14.281 10.635  0.702   1.00 23.38 ? 251 HOH A O   1 
HETATM 922  O O   . HOH C 3 .   ? -3.864  -10.409 -11.160 1.00 26.36 ? 252 HOH A O   1 
HETATM 923  O O   . HOH C 3 .   ? -2.800  22.037  -7.010  1.00 22.16 ? 253 HOH A O   1 
HETATM 924  O O   . HOH C 3 .   ? -9.508  7.311   6.234   1.00 25.61 ? 254 HOH A O   1 
HETATM 925  O O   . HOH C 3 .   ? 11.699  -0.897  6.015   1.00 27.72 ? 255 HOH A O   1 
HETATM 926  O O   . HOH C 3 .   ? -12.194 12.976  -1.671  1.00 30.95 ? 256 HOH A O   1 
HETATM 927  O O   . HOH C 3 .   ? -2.209  7.452   9.211   1.00 26.26 ? 257 HOH A O   1 
HETATM 928  O O   . HOH C 3 .   ? -1.949  -12.332 14.616  1.00 34.36 ? 258 HOH A O   1 
HETATM 929  O O   . HOH C 3 .   ? 0.691   15.927  9.400   1.00 35.80 ? 259 HOH A O   1 
HETATM 930  O O   . HOH C 3 .   ? -9.605  -10.461 -2.456  1.00 34.79 ? 260 HOH A O   1 
HETATM 931  O O   . HOH C 3 .   ? 10.357  4.245   -9.817  1.00 29.64 ? 261 HOH A O   1 
HETATM 932  O O   . HOH C 3 .   ? -3.924  15.083  -7.908  1.00 26.74 ? 262 HOH A O   1 
HETATM 933  O O   . HOH C 3 .   ? 7.407   -0.818  8.774   1.00 29.25 ? 263 HOH A O   1 
HETATM 934  O O   . HOH C 3 .   ? 2.155   11.314  8.883   1.00 29.02 ? 264 HOH A O   1 
HETATM 935  O O   . HOH C 3 .   ? 5.392   17.330  -11.599 1.00 39.86 ? 265 HOH A O   1 
HETATM 936  O O   . HOH C 3 .   ? 0.619   -11.526 -1.320  1.00 26.88 ? 266 HOH A O   1 
HETATM 937  O O   . HOH C 3 .   ? -6.176  -7.321  12.463  1.00 38.48 ? 267 HOH A O   1 
HETATM 938  O O   . HOH C 3 .   ? 5.766   16.016  -1.810  1.00 33.51 ? 268 HOH A O   1 
HETATM 939  O O   . HOH C 3 .   ? -7.924  -10.395 -4.270  1.00 29.21 ? 269 HOH A O   1 
HETATM 940  O O   . HOH C 3 .   ? 6.221   13.135  0.041   1.00 34.45 ? 270 HOH A O   1 
HETATM 941  O O   . HOH C 3 .   ? -8.518  15.403  4.236   1.00 29.02 ? 271 HOH A O   1 
HETATM 942  O O   . HOH C 3 .   ? 11.017  -3.896  -5.468  1.00 33.96 ? 272 HOH A O   1 
HETATM 943  O O   . HOH C 3 .   ? 4.569   -16.124 14.753  0.50 33.60 ? 273 HOH A O   1 
HETATM 944  O O   . HOH C 3 .   ? -9.849  -11.903 4.457   1.00 33.71 ? 274 HOH A O   1 
HETATM 945  O O   . HOH C 3 .   ? 0.943   17.116  -2.840  1.00 34.73 ? 275 HOH A O   1 
HETATM 946  O O   . HOH C 3 .   ? -0.815  3.044   11.920  1.00 32.25 ? 276 HOH A O   1 
HETATM 947  O O   . HOH C 3 .   ? -1.493  17.628  -1.501  1.00 39.36 ? 277 HOH A O   1 
HETATM 948  O O   . HOH C 3 .   ? -7.403  -3.554  9.582   1.00 30.63 ? 278 HOH A O   1 
HETATM 949  O O   . HOH C 3 .   ? 6.579   3.112   6.932   1.00 28.48 ? 279 HOH A O   1 
HETATM 950  O O   . HOH C 3 .   ? -13.773 -6.395  0.316   1.00 34.31 ? 280 HOH A O   1 
HETATM 951  O O   . HOH C 3 .   ? 4.840   13.095  -14.586 1.00 40.18 ? 281 HOH A O   1 
HETATM 952  O O   . HOH C 3 .   ? -6.575  -11.263 12.638  1.00 40.32 ? 282 HOH A O   1 
HETATM 953  O O   . HOH C 3 .   ? -13.787 5.443   -12.649 1.00 35.66 ? 283 HOH A O   1 
HETATM 954  O O   . HOH C 3 .   ? 2.670   -17.494 -8.806  1.00 43.76 ? 284 HOH A O   1 
HETATM 955  O O   . HOH C 3 .   ? -1.000  -11.877 -3.582  1.00 42.86 ? 285 HOH A O   1 
HETATM 956  O O   . HOH C 3 .   ? 8.501   10.373  -3.877  1.00 40.46 ? 286 HOH A O   1 
HETATM 957  O O   . HOH C 3 .   ? 3.279   -1.696  13.053  1.00 38.91 ? 287 HOH A O   1 
HETATM 958  O O   . HOH C 3 .   ? 2.172   12.727  -15.305 1.00 43.19 ? 288 HOH A O   1 
HETATM 959  O O   . HOH C 3 .   ? -6.990  22.045  -5.328  1.00 42.91 ? 289 HOH A O   1 
HETATM 960  O O   . HOH C 3 .   ? -8.614  2.152   6.323   1.00 25.50 ? 290 HOH A O   1 
HETATM 961  O O   . HOH C 3 .   ? 8.467   13.474  -2.204  1.00 40.75 ? 291 HOH A O   1 
HETATM 962  O O   . HOH C 3 .   ? 11.109  5.600   -6.892  1.00 42.84 ? 292 HOH A O   1 
HETATM 963  O O   . HOH C 3 .   ? 5.563   -16.164 3.057   1.00 35.00 ? 293 HOH A O   1 
HETATM 964  O O   . HOH C 3 .   ? 9.850   5.397   5.504   1.00 29.82 ? 294 HOH A O   1 
HETATM 965  O O   . HOH C 3 .   ? 9.617   -3.194  -8.863  1.00 34.43 ? 295 HOH A O   1 
HETATM 966  O O   . HOH C 3 .   ? 11.210  -17.658 12.446  1.00 44.53 ? 296 HOH A O   1 
HETATM 967  O O   . HOH C 3 .   ? 11.294  -4.102  -2.832  1.00 31.38 ? 297 HOH A O   1 
HETATM 968  O O   . HOH C 3 .   ? 1.508   16.234  -11.977 1.00 41.37 ? 298 HOH A O   1 
HETATM 969  O O   . HOH C 3 .   ? -5.707  19.817  -2.123  1.00 31.50 ? 299 HOH A O   1 
HETATM 970  O O   . HOH C 3 .   ? 4.465   12.190  9.754   1.00 41.43 ? 300 HOH A O   1 
HETATM 971  O O   . HOH C 3 .   ? 6.530   15.233  3.457   1.00 36.65 ? 301 HOH A O   1 
HETATM 972  O O   . HOH C 3 .   ? -2.524  3.452   -15.662 1.00 41.27 ? 302 HOH A O   1 
HETATM 973  O O   . HOH C 3 .   ? 5.854   -17.669 5.747   1.00 37.30 ? 303 HOH A O   1 
HETATM 974  O O   . HOH C 3 .   ? 7.954   -9.666  13.213  1.00 42.44 ? 304 HOH A O   1 
HETATM 975  O O   . HOH C 3 .   ? 13.604  12.247  -7.168  1.00 40.88 ? 305 HOH A O   1 
HETATM 976  O O   . HOH C 3 .   ? -2.138  -14.627 -8.657  1.00 33.13 ? 306 HOH A O   1 
HETATM 977  O O   . HOH C 3 .   ? 7.585   7.467   3.190   1.00 34.09 ? 307 HOH A O   1 
HETATM 978  O O   . HOH C 3 .   ? 8.919   9.151   -11.164 1.00 40.13 ? 308 HOH A O   1 
HETATM 979  O O   . HOH C 3 .   ? 2.954   -14.860 -0.685  1.00 30.74 ? 309 HOH A O   1 
HETATM 980  O O   . HOH C 3 .   ? 0.961   -15.934 -1.914  1.00 33.48 ? 310 HOH A O   1 
HETATM 981  O O   . HOH C 3 .   ? -18.646 4.205   -1.434  1.00 40.47 ? 311 HOH A O   1 
HETATM 982  O O   . HOH C 3 .   ? -10.627 -7.285  -5.237  1.00 40.94 ? 312 HOH A O   1 
HETATM 983  O O   . HOH C 3 .   ? 3.856   -12.524 15.796  1.00 43.95 ? 313 HOH A O   1 
HETATM 984  O O   . HOH C 3 .   ? -5.876  -9.771  -8.661  1.00 37.18 ? 314 HOH A O   1 
HETATM 985  O O   . HOH C 3 .   ? 3.067   -16.661 -2.955  1.00 49.67 ? 315 HOH A O   1 
HETATM 986  O O   . HOH C 3 .   ? -8.425  10.482  -8.141  1.00 40.26 ? 316 HOH A O   1 
HETATM 987  O O   . HOH C 3 .   ? 0.918   8.391   10.460  1.00 48.13 ? 317 HOH A O   1 
HETATM 988  O O   . HOH C 3 .   ? -2.698  -7.885  15.521  1.00 39.03 ? 318 HOH A O   1 
HETATM 989  O O   . HOH C 3 .   ? 6.350   -6.874  -9.248  1.00 44.72 ? 319 HOH A O   1 
HETATM 990  O O   . HOH C 3 .   ? 12.468  -13.587 11.128  1.00 43.37 ? 320 HOH A O   1 
HETATM 991  O O   . HOH C 3 .   ? 4.050   -16.925 -13.378 1.00 51.42 ? 321 HOH A O   1 
HETATM 992  O O   . HOH C 3 .   ? 10.689  7.985   -7.296  1.00 33.82 ? 322 HOH A O   1 
HETATM 993  O O   . HOH C 3 .   ? -6.925  -14.884 1.653   1.00 44.08 ? 323 HOH A O   1 
HETATM 994  O O   . HOH C 3 .   ? -14.410 14.041  1.038   1.00 44.69 ? 324 HOH A O   1 
HETATM 995  O O   . HOH C 3 .   ? -0.527  10.502  -12.904 1.00 45.16 ? 325 HOH A O   1 
HETATM 996  O O   . HOH C 3 .   ? -3.649  -10.333 15.219  1.00 42.65 ? 326 HOH A O   1 
HETATM 997  O O   . HOH C 3 .   ? 12.245  -2.243  -4.034  1.00 43.51 ? 327 HOH A O   1 
HETATM 998  O O   . HOH C 3 .   ? -1.150  -14.176 -1.698  1.00 38.91 ? 328 HOH A O   1 
HETATM 999  O O   . HOH C 3 .   ? 2.613   1.899   13.133  1.00 42.96 ? 329 HOH A O   1 
HETATM 1000 O O   . HOH C 3 .   ? -15.412 7.410   -2.837  1.00 49.51 ? 330 HOH A O   1 
HETATM 1001 O O   . HOH C 3 .   ? -5.739  11.302  -9.236  1.00 37.56 ? 331 HOH A O   1 
HETATM 1002 O O   . HOH C 3 .   ? 11.586  -10.365 12.171  1.00 49.40 ? 332 HOH A O   1 
HETATM 1003 O O   . HOH C 3 .   ? 5.795   -7.518  14.347  1.00 36.45 ? 333 HOH A O   1 
HETATM 1004 O O   . HOH C 3 .   ? 8.588   14.952  -8.037  1.00 52.10 ? 334 HOH A O   1 
HETATM 1005 O O   . HOH C 3 .   ? -3.446  -13.896 -0.611  1.00 44.31 ? 335 HOH A O   1 
HETATM 1006 O O   . HOH C 3 .   ? -10.036 -13.491 -0.826  1.00 45.31 ? 336 HOH A O   1 
HETATM 1007 O O   . HOH C 3 .   ? 5.425   1.575   12.330  1.00 48.32 ? 337 HOH A O   1 
HETATM 1008 O O   . HOH C 3 .   ? 11.359  -5.402  9.233   1.00 43.63 ? 338 HOH A O   1 
HETATM 1009 O O   . HOH C 3 .   ? 0.058   -11.689 16.797  1.00 42.21 ? 339 HOH A O   1 
HETATM 1010 O O   . HOH C 3 .   ? -14.672 1.720   -5.381  1.00 48.31 ? 340 HOH A O   1 
HETATM 1011 O O   . HOH C 3 .   ? 6.369   9.446   3.574   1.00 39.06 ? 341 HOH A O   1 
HETATM 1012 O O   . HOH C 3 .   ? -3.807  16.551  6.257   1.00 46.17 ? 342 HOH A O   1 
HETATM 1013 O O   . HOH C 3 .   ? 13.455  -16.580 10.015  1.00 43.30 ? 343 HOH A O   1 
HETATM 1014 O O   . HOH C 3 .   ? -9.160  16.026  -0.831  1.00 49.39 ? 344 HOH A O   1 
HETATM 1015 O O   . HOH C 3 .   ? 7.759   12.247  -14.016 1.00 50.45 ? 345 HOH A O   1 
HETATM 1016 O O   . HOH C 3 .   ? -5.630  -4.922  14.446  1.00 60.15 ? 346 HOH A O   1 
HETATM 1017 O O   . HOH C 3 .   ? -7.586  17.058  2.253   1.00 51.05 ? 347 HOH A O   1 
HETATM 1018 O O   . HOH C 3 .   ? 6.923   -15.012 -4.833  1.00 51.00 ? 348 HOH A O   1 
HETATM 1019 O O   . HOH C 3 .   ? 3.688   -6.572  15.823  1.00 48.87 ? 349 HOH A O   1 
HETATM 1020 O O   . HOH C 3 .   ? 4.032   -12.684 -11.667 1.00 53.94 ? 350 HOH A O   1 
HETATM 1021 O O   . HOH C 3 .   ? -3.377  18.859  4.209   1.00 50.08 ? 351 HOH A O   1 
HETATM 1022 O O   . HOH C 3 .   ? -6.313  14.214  -8.448  1.00 52.24 ? 352 HOH A O   1 
HETATM 1023 O O   . HOH C 3 .   ? -1.281  18.434  1.091   1.00 63.39 ? 353 HOH A O   1 
# 
